data_8F0P
#
_entry.id   8F0P
#
_cell.length_a   1.00
_cell.length_b   1.00
_cell.length_c   1.00
_cell.angle_alpha   90.00
_cell.angle_beta   90.00
_cell.angle_gamma   90.00
#
_symmetry.space_group_name_H-M   'P 1'
#
loop_
_entity.id
_entity.type
_entity.pdbx_description
1 polymer 'Sodium channel protein PaFPC1,Sodium channel protein type 9 subunit alpha chimera'
2 branched beta-D-mannopyranose-(1-3)-[beta-D-mannopyranose-(1-6)]beta-D-mannopyranose-(1-3)-2-acetamido-2-deoxy-beta-D-glucopyranose-(1-3)-2-acetamido-2-deoxy-beta-D-glucopyranose
3 non-polymer 2-acetamido-2-deoxy-beta-D-glucopyranose
4 non-polymer 1,2-dioleoyl-sn-glycero-3-phosphoethanolamine
5 non-polymer 'CHOLESTEROL HEMISUCCINATE'
6 non-polymer N-[6-(cyclopentylmethoxy)-1,3-benzothiazol-2-yl]-4-{[(1S,2S)-2-(dimethylamino)cyclohexyl]amino}-2-fluorobenzene-1-sulfonamide
7 water water
#
_entity_poly.entity_id   1
_entity_poly.type   'polypeptide(L)'
_entity_poly.pdbx_seq_one_letter_code
;MWSHPQFEKGGGSGGGSGGSAWSHPQFEKGGSGGDYKDDDDKGGSGGDYKDDDDKMADNSPLIREERQRLFRPYTRAMLT
APSAQPAKENGKTEENKDNSRDKGRGANKDRDGSAHPDQALEQGSRLPARMRNIFPAELASTPLEDFDPFYKNKKTFVVV
TKAGDIFRFSGEKSLWMLDPFTPIRRVAISTMVQPIFSYFIMITILIHCIFMIMPATQTTYILELVFLSIYTIEVVVKVL
ARGFILHPFAYLRDPWNWLDFLVTLIGYITLVVDLGHLYALRAFRVLRSWRTVTIVPGWRTIVDALSLSITSLKDLVLLL
LFSLSVFALIGLQLFMGNLKHKCVKHFPADGSWGNFTDERWFNYTSNSSHWYIPDDWIEYPLCGNSSGAGMCPPGYTCLQ
GYGGNPNYGYTSFDTFGWAFLSVFRLVTLDYWEDLYQLALRSAGPWHILFFIIVVFYGTFCFLNFILAVVVMSYTHMVKR
ADEEKAAERELKKEKKAASVANNTANGQEQTTIEMNGDEAVVIDNNDQAARQQSDPETPAPSVTQRLTDFLCVWDCCVPW
QKLQGAIGAVVLSPFFELFIAVIIVLNITFMALDHHDMNIEFERILRTGNYIFTSIYIVEAVLKIIALSPKFYFKDSWNV
FDFIIVVFAILELGLEGVQGLSVFRSFRLLRVFRLAKFWPTLNNFMSVMTKSYGAFVNVMYVMFLLLFIFAIIGMQLFGM
NYIDNMERFPDGDLPRWNFTDFLHSFMIVFRALCGEWIESMWDCMLVGDWSCIPFFVAVFFVGNLVILNLLIALLLNNYG
SFCTSPTSDEEDSKDEDALAQIVRIFKRFKPNLNAVKLSPMKPDSEDIVESQEIQGNNIADAEDVLAGEFPPDCCCNAFY
KCFPSRPARDSSVQRMWSNIRRVCFLLAKNKYFQKFVTAVLVITSVLLALEDIYLPQRPVLVNITLYVDYVLTAFFVIEM
IIMLFAVGFKKYFTSKWYWLDFIVVVAYLLNFVLMCAGIEALQTLRLLRVFRLFRPLSKVNGMQVVTSTLVEAVPHIFNV
ILVGIFFWLVFAIMGVQLFAGKFYKCVDENSTVLSHEITMDRNDCLHENYTWENSPMNFDHVGNAYLSLLQVATFKGWLQ
IMNDAIDSREVHKQPIRETNIYMYLYFIFFIVFGSFFILKLFVCILIDIFRQQRRKAEGLSATDSRTQLIYRRAVMRTMS
AKPVKRIPKPGNKIQGCIFDLVTNQAFDISIMVLICLNMVTMMVEKEGQSQHMTEVLYWINVVFIILFTGECVLKLISLR
HYYFTVGWNIFDFVVVIISIVGMFLADLIETYFVSPTLFRVIRLARIGRILRLVKGAKGIRLLLLALRKALRTLFNVSFL
LFVIMFVYAVFGMEFFMHIRDAGAIDDVYNFKTFGQSIILLFQLATSAGWDGVYFAIANEEDCRAPDHELGYPGNCGSRA
LGIAYLVSYLIITCLVVINMYAAVILDYVLEVYEDSKEGLTDDDYDMFFEVWQQFDPEATQYIRYDQLSELLEALQPPLQ
VQKPNKYKILSMNIPICKDDHIFYKDVLEALVKDVFSRRGSPVEAGDVQAPNVDEAEYKPVSSTLQRQREEYCVRLIQNA
WRKHKQQN
;
_entity_poly.pdbx_strand_id   A
#
loop_
_chem_comp.id
_chem_comp.type
_chem_comp.name
_chem_comp.formula
BMA D-saccharide, beta linking beta-D-mannopyranose 'C6 H12 O6'
NAG D-saccharide, beta linking 2-acetamido-2-deoxy-beta-D-glucopyranose 'C8 H15 N O6'
PEE non-polymer 1,2-dioleoyl-sn-glycero-3-phosphoethanolamine 'C41 H78 N O8 P'
X7L non-polymer N-[6-(cyclopentylmethoxy)-1,3-benzothiazol-2-yl]-4-{[(1S,2S)-2-(dimethylamino)cyclohexyl]amino}-2-fluorobenzene-1-sulfonamide 'C27 H35 F N4 O3 S2'
Y01 non-polymer 'CHOLESTEROL HEMISUCCINATE' 'C31 H50 O4'
#
# COMPACT_ATOMS: atom_id res chain seq x y z
N ILE A 184 -41.75 -6.29 42.79
CA ILE A 184 -40.70 -6.89 41.97
C ILE A 184 -40.58 -6.11 40.67
N ARG A 185 -41.66 -6.12 39.89
CA ARG A 185 -41.66 -5.47 38.58
C ARG A 185 -41.47 -3.96 38.70
N ARG A 186 -42.15 -3.34 39.66
CA ARG A 186 -42.10 -1.89 39.79
C ARG A 186 -40.69 -1.42 40.10
N VAL A 187 -40.01 -2.15 40.98
CA VAL A 187 -38.64 -1.80 41.34
C VAL A 187 -37.75 -1.87 40.11
N ALA A 188 -37.86 -2.96 39.35
CA ALA A 188 -36.97 -3.15 38.21
C ALA A 188 -37.23 -2.09 37.15
N ILE A 189 -38.50 -1.79 36.88
CA ILE A 189 -38.82 -0.82 35.85
C ILE A 189 -38.26 0.55 36.22
N SER A 190 -38.42 0.96 37.49
CA SER A 190 -37.83 2.25 37.86
C SER A 190 -36.31 2.18 37.86
N THR A 191 -35.74 1.06 38.29
CA THR A 191 -34.29 0.94 38.41
C THR A 191 -33.59 1.04 37.06
N MET A 192 -34.15 0.40 36.02
CA MET A 192 -33.46 0.36 34.74
C MET A 192 -33.39 1.73 34.10
N VAL A 193 -34.41 2.57 34.28
CA VAL A 193 -34.46 3.86 33.59
C VAL A 193 -33.65 4.92 34.29
N GLN A 194 -33.22 4.68 35.52
CA GLN A 194 -32.42 5.66 36.24
C GLN A 194 -31.04 5.79 35.61
N PRO A 195 -30.61 7.01 35.25
CA PRO A 195 -29.27 7.16 34.64
C PRO A 195 -28.14 6.66 35.53
N ILE A 196 -28.29 6.77 36.85
CA ILE A 196 -27.24 6.34 37.77
C ILE A 196 -26.92 4.87 37.56
N PHE A 197 -27.93 4.06 37.24
CA PHE A 197 -27.71 2.65 36.96
C PHE A 197 -26.77 2.48 35.76
N SER A 198 -27.04 3.21 34.68
CA SER A 198 -26.22 3.09 33.48
C SER A 198 -24.79 3.57 33.72
N TYR A 199 -24.62 4.72 34.40
CA TYR A 199 -23.26 5.15 34.71
C TYR A 199 -22.55 4.14 35.60
N PHE A 200 -23.25 3.56 36.58
CA PHE A 200 -22.62 2.57 37.43
C PHE A 200 -22.08 1.41 36.61
N ILE A 201 -22.89 0.87 35.70
CA ILE A 201 -22.43 -0.24 34.87
C ILE A 201 -21.24 0.20 34.02
N MET A 202 -21.30 1.40 33.45
CA MET A 202 -20.20 1.85 32.58
C MET A 202 -18.90 2.02 33.36
N ILE A 203 -18.97 2.63 34.53
CA ILE A 203 -17.76 2.79 35.34
C ILE A 203 -17.21 1.43 35.71
N THR A 204 -18.09 0.49 36.06
CA THR A 204 -17.64 -0.86 36.38
C THR A 204 -16.88 -1.46 35.21
N ILE A 205 -17.41 -1.29 33.99
CA ILE A 205 -16.74 -1.83 32.80
C ILE A 205 -15.37 -1.20 32.63
N LEU A 206 -15.27 0.11 32.86
CA LEU A 206 -14.00 0.80 32.66
C LEU A 206 -12.93 0.32 33.65
N ILE A 207 -13.28 0.21 34.94
CA ILE A 207 -12.32 -0.33 35.90
C ILE A 207 -11.99 -1.78 35.58
N HIS A 208 -12.97 -2.55 35.09
CA HIS A 208 -12.68 -3.93 34.73
C HIS A 208 -11.66 -4.00 33.60
N CYS A 209 -11.79 -3.12 32.60
CA CYS A 209 -10.80 -3.09 31.53
C CYS A 209 -9.43 -2.75 32.08
N ILE A 210 -9.35 -1.75 32.96
CA ILE A 210 -8.07 -1.39 33.54
C ILE A 210 -7.44 -2.61 34.21
N PHE A 211 -8.24 -3.37 34.97
CA PHE A 211 -7.71 -4.55 35.62
C PHE A 211 -7.37 -5.66 34.63
N MET A 212 -8.00 -5.67 33.46
CA MET A 212 -7.60 -6.61 32.43
C MET A 212 -6.21 -6.30 31.90
N ILE A 213 -5.84 -5.02 31.86
CA ILE A 213 -4.51 -4.66 31.36
C ILE A 213 -3.42 -5.21 32.28
N MET A 214 -3.58 -5.05 33.59
CA MET A 214 -2.48 -5.36 34.49
C MET A 214 -2.31 -6.88 34.64
N PRO A 215 -1.12 -7.32 35.06
CA PRO A 215 -0.90 -8.75 35.29
C PRO A 215 -1.84 -9.30 36.35
N ALA A 216 -2.20 -10.56 36.19
CA ALA A 216 -3.14 -11.21 37.10
C ALA A 216 -2.51 -11.45 38.47
N THR A 217 -3.37 -11.51 39.48
CA THR A 217 -2.97 -11.90 40.83
C THR A 217 -4.22 -12.37 41.56
N GLN A 218 -4.02 -12.94 42.75
CA GLN A 218 -5.14 -13.46 43.51
C GLN A 218 -6.21 -12.40 43.77
N THR A 219 -5.80 -11.13 43.91
CA THR A 219 -6.77 -10.06 44.07
C THR A 219 -7.66 -9.93 42.85
N THR A 220 -7.09 -10.22 41.67
CA THR A 220 -7.90 -10.15 40.42
C THR A 220 -9.03 -11.19 40.48
N TYR A 221 -8.77 -12.37 41.06
CA TYR A 221 -9.80 -13.40 41.06
C TYR A 221 -11.06 -12.93 41.80
N ILE A 222 -10.86 -12.32 42.97
CA ILE A 222 -12.01 -11.83 43.72
C ILE A 222 -12.64 -10.63 43.02
N LEU A 223 -11.81 -9.75 42.44
CA LEU A 223 -12.41 -8.64 41.70
C LEU A 223 -13.19 -9.12 40.48
N GLU A 224 -12.75 -10.21 39.86
CA GLU A 224 -13.53 -10.81 38.78
C GLU A 224 -14.88 -11.28 39.30
N LEU A 225 -14.89 -11.90 40.48
CA LEU A 225 -16.18 -12.33 41.04
C LEU A 225 -17.09 -11.13 41.33
N VAL A 226 -16.51 -10.04 41.81
CA VAL A 226 -17.31 -8.83 42.08
C VAL A 226 -17.92 -8.29 40.78
N PHE A 227 -17.09 -8.18 39.74
CA PHE A 227 -17.59 -7.68 38.46
C PHE A 227 -18.69 -8.58 37.92
N LEU A 228 -18.49 -9.89 38.00
CA LEU A 228 -19.48 -10.83 37.50
C LEU A 228 -20.79 -10.69 38.26
N SER A 229 -20.72 -10.47 39.58
CA SER A 229 -21.94 -10.27 40.35
C SER A 229 -22.68 -9.01 39.88
N ILE A 230 -21.95 -7.93 39.64
CA ILE A 230 -22.59 -6.69 39.19
C ILE A 230 -23.29 -6.92 37.85
N TYR A 231 -22.61 -7.58 36.91
CA TYR A 231 -23.20 -7.83 35.60
C TYR A 231 -24.43 -8.73 35.71
N THR A 232 -24.38 -9.72 36.60
CA THR A 232 -25.52 -10.60 36.80
C THR A 232 -26.71 -9.83 37.35
N ILE A 233 -26.46 -8.89 38.27
CA ILE A 233 -27.56 -8.06 38.77
C ILE A 233 -28.17 -7.27 37.63
N GLU A 234 -27.35 -6.76 36.72
CA GLU A 234 -27.90 -6.03 35.58
C GLU A 234 -28.80 -6.92 34.74
N VAL A 235 -28.35 -8.15 34.46
CA VAL A 235 -29.15 -9.05 33.64
C VAL A 235 -30.48 -9.34 34.32
N VAL A 236 -30.44 -9.57 35.64
CA VAL A 236 -31.66 -9.90 36.38
C VAL A 236 -32.63 -8.73 36.33
N VAL A 237 -32.13 -7.52 36.58
CA VAL A 237 -33.00 -6.35 36.60
C VAL A 237 -33.68 -6.19 35.24
N LYS A 238 -32.93 -6.39 34.16
CA LYS A 238 -33.50 -6.14 32.85
C LYS A 238 -34.47 -7.24 32.42
N VAL A 239 -34.25 -8.47 32.87
CA VAL A 239 -35.21 -9.52 32.53
C VAL A 239 -36.49 -9.32 33.33
N LEU A 240 -36.36 -8.98 34.62
CA LEU A 240 -37.54 -8.74 35.43
C LEU A 240 -38.32 -7.53 34.93
N ALA A 241 -37.65 -6.62 34.21
CA ALA A 241 -38.38 -5.48 33.65
C ALA A 241 -38.99 -5.77 32.29
N ARG A 242 -38.43 -6.68 31.49
CA ARG A 242 -38.85 -6.83 30.11
C ARG A 242 -39.44 -8.19 29.73
N GLY A 243 -39.06 -9.26 30.40
CA GLY A 243 -39.30 -10.59 29.84
C GLY A 243 -38.13 -11.01 28.97
N PHE A 244 -38.20 -12.24 28.45
CA PHE A 244 -36.99 -12.81 27.87
C PHE A 244 -36.93 -12.72 26.35
N ILE A 245 -37.81 -13.42 25.63
CA ILE A 245 -37.80 -13.35 24.16
C ILE A 245 -39.20 -13.25 23.58
N LEU A 246 -40.20 -13.77 24.31
CA LEU A 246 -41.47 -14.13 23.68
C LEU A 246 -42.25 -12.94 23.14
N HIS A 247 -41.97 -11.71 23.58
CA HIS A 247 -42.68 -10.54 23.11
C HIS A 247 -41.83 -9.63 22.25
N PRO A 248 -42.44 -8.68 21.55
CA PRO A 248 -41.69 -7.79 20.65
C PRO A 248 -40.63 -6.95 21.34
N PHE A 249 -40.83 -6.54 22.60
CA PHE A 249 -39.90 -5.67 23.30
C PHE A 249 -39.37 -6.35 24.57
N ALA A 250 -39.00 -7.62 24.44
CA ALA A 250 -38.42 -8.37 25.54
C ALA A 250 -36.92 -8.10 25.63
N TYR A 251 -36.29 -8.73 26.62
CA TYR A 251 -34.88 -8.47 26.88
C TYR A 251 -34.00 -8.84 25.69
N LEU A 252 -34.22 -10.03 25.11
CA LEU A 252 -33.34 -10.55 24.07
C LEU A 252 -33.80 -10.18 22.67
N ARG A 253 -34.57 -9.11 22.52
CA ARG A 253 -34.86 -8.54 21.21
C ARG A 253 -33.89 -7.43 20.82
N ASP A 254 -32.91 -7.11 21.67
CA ASP A 254 -31.92 -6.07 21.41
C ASP A 254 -30.54 -6.70 21.23
N PRO A 255 -29.82 -6.44 20.12
CA PRO A 255 -28.51 -7.09 19.95
C PRO A 255 -27.52 -6.80 21.07
N TRP A 256 -27.53 -5.57 21.60
CA TRP A 256 -26.60 -5.22 22.67
C TRP A 256 -26.79 -6.14 23.87
N ASN A 257 -28.05 -6.43 24.20
CA ASN A 257 -28.33 -7.37 25.29
C ASN A 257 -27.84 -8.77 24.95
N TRP A 258 -27.83 -9.13 23.67
CA TRP A 258 -27.25 -10.42 23.29
C TRP A 258 -25.77 -10.46 23.63
N LEU A 259 -25.05 -9.39 23.32
CA LEU A 259 -23.64 -9.32 23.72
C LEU A 259 -23.50 -9.50 25.23
N ASP A 260 -24.25 -8.71 26.00
CA ASP A 260 -24.13 -8.75 27.45
C ASP A 260 -24.42 -10.15 27.99
N PHE A 261 -25.51 -10.76 27.51
CA PHE A 261 -25.96 -12.05 28.00
C PHE A 261 -24.95 -13.15 27.67
N LEU A 262 -24.47 -13.19 26.42
CA LEU A 262 -23.53 -14.23 26.05
C LEU A 262 -22.22 -14.10 26.82
N VAL A 263 -21.75 -12.88 27.03
CA VAL A 263 -20.50 -12.71 27.78
C VAL A 263 -20.69 -13.15 29.24
N THR A 264 -21.83 -12.80 29.85
CA THR A 264 -22.06 -13.23 31.23
C THR A 264 -22.12 -14.75 31.35
N LEU A 265 -22.82 -15.39 30.40
CA LEU A 265 -22.89 -16.85 30.43
C LEU A 265 -21.50 -17.46 30.27
N ILE A 266 -20.70 -16.93 29.35
CA ILE A 266 -19.35 -17.43 29.15
C ILE A 266 -18.54 -17.27 30.43
N GLY A 267 -18.73 -16.15 31.13
CA GLY A 267 -18.02 -15.96 32.38
C GLY A 267 -18.35 -17.03 33.39
N TYR A 268 -19.64 -17.33 33.57
CA TYR A 268 -20.02 -18.39 34.50
C TYR A 268 -19.46 -19.74 34.05
N ILE A 269 -19.52 -20.01 32.76
CA ILE A 269 -19.05 -21.30 32.23
C ILE A 269 -17.56 -21.46 32.49
N THR A 270 -16.77 -20.43 32.21
CA THR A 270 -15.32 -20.52 32.44
C THR A 270 -14.99 -20.53 33.92
N LEU A 271 -15.84 -19.96 34.77
CA LEU A 271 -15.56 -20.01 36.20
C LEU A 271 -15.83 -21.39 36.78
N VAL A 272 -16.92 -22.03 36.37
CA VAL A 272 -17.27 -23.32 36.94
C VAL A 272 -16.44 -24.44 36.33
N VAL A 273 -16.29 -24.45 35.01
CA VAL A 273 -15.55 -25.50 34.32
C VAL A 273 -14.34 -24.91 33.61
N LEU A 278 -12.50 -24.05 29.08
CA LEU A 278 -11.24 -23.92 28.36
C LEU A 278 -10.82 -22.45 28.36
N TYR A 279 -9.53 -22.20 28.60
CA TYR A 279 -9.05 -20.83 28.75
C TYR A 279 -9.23 -20.01 27.48
N ALA A 280 -9.41 -20.66 26.32
CA ALA A 280 -9.62 -19.93 25.08
C ALA A 280 -10.92 -19.14 25.09
N LEU A 281 -11.83 -19.44 26.03
CA LEU A 281 -13.10 -18.74 26.15
C LEU A 281 -13.06 -17.60 27.16
N ARG A 282 -12.08 -17.60 28.06
CA ARG A 282 -11.94 -16.57 29.07
C ARG A 282 -11.59 -15.21 28.49
N ALA A 283 -11.03 -15.16 27.28
CA ALA A 283 -10.63 -13.88 26.69
C ALA A 283 -11.81 -12.98 26.41
N PHE A 284 -12.88 -13.55 25.85
CA PHE A 284 -13.88 -12.74 25.17
C PHE A 284 -14.78 -11.98 26.11
N ARG A 285 -14.53 -12.05 27.42
CA ARG A 285 -15.20 -11.14 28.33
C ARG A 285 -14.81 -9.71 28.03
N VAL A 286 -13.67 -9.50 27.36
CA VAL A 286 -13.29 -8.14 27.03
C VAL A 286 -14.25 -7.54 26.02
N LEU A 287 -15.02 -8.38 25.33
CA LEU A 287 -15.96 -7.85 24.35
C LEU A 287 -16.96 -6.89 25.00
N ARG A 288 -17.17 -7.00 26.32
CA ARG A 288 -18.11 -6.09 26.95
C ARG A 288 -17.69 -4.63 26.79
N SER A 289 -16.39 -4.39 26.60
CA SER A 289 -15.90 -3.03 26.47
C SER A 289 -16.49 -2.32 25.26
N TRP A 290 -17.00 -3.07 24.28
CA TRP A 290 -17.59 -2.41 23.12
C TRP A 290 -18.72 -1.46 23.54
N ARG A 291 -19.38 -1.76 24.65
CA ARG A 291 -20.48 -0.91 25.08
C ARG A 291 -20.01 0.51 25.36
N THR A 292 -18.77 0.66 25.80
CA THR A 292 -18.31 2.01 26.14
C THR A 292 -18.29 2.93 24.93
N VAL A 293 -18.47 2.39 23.73
CA VAL A 293 -18.52 3.25 22.55
C VAL A 293 -19.64 4.26 22.70
N THR A 294 -20.65 3.95 23.49
CA THR A 294 -21.82 4.82 23.62
C THR A 294 -21.58 6.02 24.51
N ILE A 295 -20.36 6.21 25.02
CA ILE A 295 -20.10 7.38 25.86
C ILE A 295 -19.93 8.64 25.02
N VAL A 296 -19.19 8.55 23.92
CA VAL A 296 -18.82 9.73 23.14
C VAL A 296 -20.05 10.26 22.41
N PRO A 297 -20.37 11.56 22.52
CA PRO A 297 -21.51 12.10 21.76
C PRO A 297 -21.33 11.91 20.27
N GLY A 298 -22.45 11.67 19.59
CA GLY A 298 -22.41 11.44 18.16
C GLY A 298 -21.92 10.06 17.78
N TRP A 299 -21.91 9.11 18.72
CA TRP A 299 -21.44 7.76 18.44
C TRP A 299 -22.34 7.03 17.45
N ARG A 300 -23.63 7.36 17.44
CA ARG A 300 -24.58 6.60 16.64
C ARG A 300 -24.26 6.69 15.16
N THR A 301 -23.85 7.87 14.68
CA THR A 301 -23.53 8.02 13.27
C THR A 301 -22.41 7.07 12.86
N ILE A 302 -21.32 7.04 13.61
CA ILE A 302 -20.17 6.22 13.23
C ILE A 302 -20.49 4.74 13.37
N VAL A 303 -21.18 4.36 14.45
CA VAL A 303 -21.53 2.95 14.62
C VAL A 303 -22.45 2.49 13.49
N ASP A 304 -23.44 3.32 13.13
CA ASP A 304 -24.34 2.97 12.04
C ASP A 304 -23.58 2.87 10.72
N ALA A 305 -22.62 3.77 10.49
CA ALA A 305 -21.83 3.70 9.27
C ALA A 305 -21.02 2.41 9.21
N LEU A 306 -20.43 2.01 10.33
CA LEU A 306 -19.69 0.75 10.36
C LEU A 306 -20.60 -0.42 10.04
N SER A 307 -21.77 -0.45 10.67
CA SER A 307 -22.71 -1.55 10.44
C SER A 307 -23.12 -1.61 8.97
N LEU A 308 -23.44 -0.46 8.40
CA LEU A 308 -23.86 -0.41 7.00
C LEU A 308 -22.74 -0.86 6.07
N SER A 309 -21.50 -0.42 6.35
CA SER A 309 -20.38 -0.86 5.52
C SER A 309 -20.22 -2.37 5.58
N ILE A 310 -20.28 -2.94 6.78
CA ILE A 310 -20.11 -4.38 6.93
C ILE A 310 -21.20 -5.14 6.17
N THR A 311 -22.45 -4.69 6.28
CA THR A 311 -23.53 -5.39 5.59
C THR A 311 -23.49 -5.17 4.08
N SER A 312 -22.88 -4.09 3.60
CA SER A 312 -22.85 -3.80 2.17
C SER A 312 -21.77 -4.56 1.41
N LEU A 313 -20.80 -5.14 2.11
CA LEU A 313 -19.71 -5.89 1.47
C LEU A 313 -20.13 -7.28 0.97
N LYS A 314 -21.42 -7.61 0.92
CA LYS A 314 -21.82 -8.98 0.65
C LYS A 314 -21.32 -9.47 -0.70
N ASP A 315 -21.64 -8.73 -1.78
CA ASP A 315 -21.24 -9.18 -3.12
C ASP A 315 -19.73 -9.12 -3.30
N LEU A 316 -19.09 -8.12 -2.69
CA LEU A 316 -17.65 -7.99 -2.81
C LEU A 316 -16.93 -9.20 -2.21
N VAL A 317 -17.47 -9.77 -1.13
CA VAL A 317 -16.84 -10.95 -0.53
C VAL A 317 -16.82 -12.11 -1.53
N LEU A 318 -17.94 -12.36 -2.20
CA LEU A 318 -18.01 -13.46 -3.16
C LEU A 318 -17.06 -13.23 -4.32
N LEU A 319 -17.08 -12.02 -4.88
CA LEU A 319 -16.18 -11.75 -6.01
C LEU A 319 -14.72 -11.85 -5.57
N LEU A 320 -14.42 -11.39 -4.35
CA LEU A 320 -13.06 -11.48 -3.83
C LEU A 320 -12.61 -12.93 -3.73
N LEU A 321 -13.46 -13.79 -3.15
CA LEU A 321 -13.09 -15.19 -3.00
C LEU A 321 -12.87 -15.84 -4.35
N PHE A 322 -13.75 -15.56 -5.32
CA PHE A 322 -13.58 -16.15 -6.65
C PHE A 322 -12.27 -15.70 -7.29
N SER A 323 -12.01 -14.38 -7.25
CA SER A 323 -10.80 -13.86 -7.88
C SER A 323 -9.54 -14.44 -7.23
N LEU A 324 -9.53 -14.49 -5.90
CA LEU A 324 -8.39 -15.04 -5.19
C LEU A 324 -8.17 -16.49 -5.54
N SER A 325 -9.26 -17.26 -5.67
CA SER A 325 -9.11 -18.67 -6.04
C SER A 325 -8.51 -18.81 -7.44
N VAL A 326 -8.99 -18.00 -8.38
CA VAL A 326 -8.46 -18.07 -9.75
C VAL A 326 -6.97 -17.75 -9.75
N PHE A 327 -6.57 -16.71 -9.02
CA PHE A 327 -5.16 -16.33 -9.01
C PHE A 327 -4.33 -17.40 -8.31
N ALA A 328 -4.87 -17.99 -7.25
CA ALA A 328 -4.17 -19.07 -6.56
C ALA A 328 -3.96 -20.25 -7.48
N LEU A 329 -4.96 -20.61 -8.29
CA LEU A 329 -4.78 -21.69 -9.25
C LEU A 329 -3.70 -21.36 -10.26
N ILE A 330 -3.71 -20.13 -10.79
CA ILE A 330 -2.72 -19.74 -11.78
C ILE A 330 -1.32 -19.81 -11.16
N GLY A 331 -1.15 -19.25 -9.96
CA GLY A 331 0.14 -19.29 -9.30
C GLY A 331 0.56 -20.68 -8.92
N LEU A 332 -0.40 -21.54 -8.55
CA LEU A 332 -0.10 -22.92 -8.24
C LEU A 332 0.50 -23.62 -9.45
N GLN A 333 -0.09 -23.42 -10.63
CA GLN A 333 0.42 -24.11 -11.82
C GLN A 333 1.71 -23.47 -12.32
N LEU A 334 1.92 -22.18 -12.08
CA LEU A 334 3.14 -21.53 -12.58
C LEU A 334 4.33 -21.78 -11.66
N PHE A 335 4.17 -21.59 -10.35
CA PHE A 335 5.28 -21.55 -9.42
C PHE A 335 5.41 -22.81 -8.56
N MET A 336 4.66 -23.87 -8.88
CA MET A 336 4.72 -25.07 -8.07
C MET A 336 6.15 -25.62 -8.01
N GLY A 337 6.68 -25.74 -6.80
CA GLY A 337 7.99 -26.33 -6.58
C GLY A 337 9.17 -25.39 -6.79
N ASN A 338 8.95 -24.17 -7.28
CA ASN A 338 10.07 -23.28 -7.58
C ASN A 338 10.76 -22.76 -6.33
N LEU A 339 10.03 -22.54 -5.25
CA LEU A 339 10.62 -21.92 -4.07
C LEU A 339 11.47 -22.90 -3.26
N LYS A 340 11.64 -24.13 -3.73
CA LYS A 340 12.56 -25.11 -3.12
C LYS A 340 13.90 -25.21 -3.84
N HIS A 341 14.12 -24.45 -4.92
CA HIS A 341 15.36 -24.57 -5.66
C HIS A 341 16.56 -24.23 -4.77
N LYS A 342 17.64 -24.99 -4.93
CA LYS A 342 18.84 -24.71 -4.16
C LYS A 342 20.08 -25.09 -4.96
N CYS A 343 21.20 -24.46 -4.61
CA CYS A 343 22.49 -24.79 -5.22
C CYS A 343 23.14 -25.90 -4.43
N VAL A 344 23.36 -27.05 -5.08
CA VAL A 344 23.89 -28.24 -4.44
C VAL A 344 25.27 -28.51 -5.02
N LYS A 345 26.24 -28.75 -4.15
CA LYS A 345 27.60 -29.01 -4.59
C LYS A 345 27.64 -30.30 -5.40
N HIS A 346 28.60 -30.36 -6.34
CA HIS A 346 28.76 -31.55 -7.17
C HIS A 346 29.26 -32.73 -6.34
N PHE A 347 28.88 -33.92 -6.77
CA PHE A 347 29.40 -35.13 -6.15
C PHE A 347 30.91 -35.16 -6.35
N PRO A 348 31.70 -35.31 -5.29
CA PRO A 348 33.16 -35.21 -5.44
C PRO A 348 33.70 -36.36 -6.27
N ALA A 349 34.35 -36.02 -7.39
CA ALA A 349 35.01 -37.05 -8.19
C ALA A 349 36.25 -37.61 -7.51
N ASP A 350 36.76 -36.94 -6.48
CA ASP A 350 37.95 -37.41 -5.77
C ASP A 350 37.71 -38.73 -5.04
N GLY A 351 36.47 -39.11 -4.80
CA GLY A 351 36.17 -40.31 -4.03
C GLY A 351 36.14 -40.11 -2.54
N SER A 352 36.21 -38.87 -2.05
CA SER A 352 36.08 -38.63 -0.62
C SER A 352 34.76 -39.17 -0.08
N TRP A 353 33.72 -39.16 -0.90
CA TRP A 353 32.41 -39.69 -0.54
C TRP A 353 32.15 -41.05 -1.17
N GLY A 354 33.18 -41.69 -1.73
CA GLY A 354 33.06 -42.99 -2.35
C GLY A 354 32.79 -42.90 -3.85
N ASN A 355 32.94 -44.05 -4.50
CA ASN A 355 32.69 -44.15 -5.93
C ASN A 355 31.20 -43.95 -6.22
N PHE A 356 30.92 -43.42 -7.41
CA PHE A 356 29.55 -43.04 -7.73
C PHE A 356 28.62 -44.25 -7.72
N THR A 357 27.50 -44.10 -7.02
CA THR A 357 26.34 -44.97 -7.16
C THR A 357 25.11 -44.09 -7.01
N ASP A 358 23.99 -44.51 -7.61
CA ASP A 358 22.78 -43.71 -7.49
C ASP A 358 22.44 -43.47 -6.04
N GLU A 359 22.66 -44.48 -5.18
CA GLU A 359 22.32 -44.34 -3.78
C GLU A 359 23.29 -43.37 -3.11
N ARG A 360 24.56 -43.41 -3.48
CA ARG A 360 25.56 -42.57 -2.85
C ARG A 360 25.39 -41.13 -3.31
N TRP A 361 25.03 -40.93 -4.58
CA TRP A 361 24.74 -39.59 -5.07
C TRP A 361 23.54 -39.00 -4.34
N PHE A 362 22.45 -39.76 -4.24
CA PHE A 362 21.30 -39.24 -3.49
C PHE A 362 21.66 -38.97 -2.04
N ASN A 363 22.47 -39.84 -1.43
CA ASN A 363 22.85 -39.64 -0.04
C ASN A 363 23.65 -38.35 0.11
N TYR A 364 24.50 -38.04 -0.86
CA TYR A 364 25.35 -36.86 -0.76
C TYR A 364 24.54 -35.59 -1.01
N THR A 365 23.69 -35.60 -2.04
CA THR A 365 22.95 -34.40 -2.41
C THR A 365 21.91 -34.01 -1.37
N SER A 366 21.45 -34.96 -0.56
CA SER A 366 20.40 -34.68 0.40
C SER A 366 20.95 -34.06 1.69
N ASN A 367 22.25 -34.15 1.92
CA ASN A 367 22.88 -33.59 3.11
C ASN A 367 22.90 -32.07 3.00
N SER A 368 22.29 -31.39 3.97
CA SER A 368 22.13 -29.95 3.91
C SER A 368 23.45 -29.21 4.02
N SER A 369 24.52 -29.86 4.48
CA SER A 369 25.82 -29.21 4.54
C SER A 369 26.44 -29.01 3.17
N HIS A 370 25.87 -29.61 2.12
CA HIS A 370 26.34 -29.45 0.76
C HIS A 370 25.50 -28.46 -0.04
N TRP A 371 24.57 -27.76 0.61
CA TRP A 371 23.77 -26.73 -0.03
C TRP A 371 24.42 -25.39 0.22
N TYR A 372 24.48 -24.55 -0.82
CA TYR A 372 25.15 -23.26 -0.71
C TYR A 372 24.38 -22.31 0.20
N ILE A 373 25.10 -21.63 1.07
CA ILE A 373 24.54 -20.57 1.89
C ILE A 373 25.66 -19.67 2.38
N PRO A 374 25.59 -18.36 2.17
CA PRO A 374 26.63 -17.47 2.72
C PRO A 374 26.59 -17.45 4.25
N ASP A 375 27.74 -17.14 4.84
CA ASP A 375 27.88 -17.14 6.28
C ASP A 375 26.91 -16.15 6.92
N ASP A 376 26.33 -16.56 8.06
CA ASP A 376 25.44 -15.76 8.88
C ASP A 376 24.07 -15.53 8.23
N TRP A 377 23.82 -16.07 7.05
CA TRP A 377 22.50 -16.03 6.47
C TRP A 377 21.61 -17.09 7.10
N ILE A 378 20.30 -16.85 7.05
CA ILE A 378 19.32 -17.79 7.57
C ILE A 378 18.70 -18.63 6.46
N GLU A 379 18.45 -18.02 5.30
CA GLU A 379 17.74 -18.67 4.21
C GLU A 379 18.72 -19.06 3.11
N TYR A 380 18.49 -20.24 2.53
CA TYR A 380 19.29 -20.67 1.38
C TYR A 380 18.87 -19.90 0.15
N PRO A 381 19.80 -19.30 -0.59
CA PRO A 381 19.43 -18.55 -1.79
C PRO A 381 18.82 -19.46 -2.86
N LEU A 382 17.89 -18.90 -3.63
CA LEU A 382 17.23 -19.63 -4.70
C LEU A 382 18.02 -19.50 -6.01
N CYS A 383 17.62 -20.29 -7.00
CA CYS A 383 18.28 -20.26 -8.30
C CYS A 383 17.40 -20.90 -9.36
N GLY A 384 17.83 -20.78 -10.61
CA GLY A 384 17.20 -21.41 -11.75
C GLY A 384 18.14 -21.34 -12.92
N ASN A 385 17.95 -22.26 -13.88
CA ASN A 385 18.86 -22.25 -15.04
C ASN A 385 18.23 -21.55 -16.25
N SER A 386 17.05 -20.95 -16.08
CA SER A 386 16.49 -20.12 -17.15
C SER A 386 17.26 -18.81 -17.23
N SER A 387 17.25 -18.19 -18.42
CA SER A 387 18.02 -16.98 -18.67
C SER A 387 17.51 -15.80 -17.84
N GLY A 388 18.35 -15.35 -16.90
CA GLY A 388 18.05 -14.19 -16.07
C GLY A 388 17.71 -14.52 -14.64
N ALA A 389 17.66 -15.80 -14.29
CA ALA A 389 17.42 -16.22 -12.92
C ALA A 389 18.70 -16.16 -12.09
N GLY A 390 18.54 -16.35 -10.78
CA GLY A 390 19.71 -16.49 -9.93
C GLY A 390 20.62 -17.61 -10.37
N MET A 391 21.92 -17.34 -10.34
CA MET A 391 22.94 -18.30 -10.74
C MET A 391 23.58 -18.97 -9.53
N CYS A 392 24.31 -20.06 -9.80
CA CYS A 392 25.04 -20.79 -8.78
C CYS A 392 26.53 -20.48 -8.82
N PRO A 393 27.24 -20.59 -7.71
CA PRO A 393 28.69 -20.44 -7.74
C PRO A 393 29.32 -21.63 -8.44
N PRO A 394 30.52 -21.49 -8.96
CA PRO A 394 31.19 -22.65 -9.59
C PRO A 394 31.31 -23.82 -8.61
N GLY A 395 31.05 -25.02 -9.13
CA GLY A 395 31.06 -26.22 -8.32
C GLY A 395 29.70 -26.60 -7.78
N TYR A 396 28.65 -25.88 -8.15
CA TYR A 396 27.29 -26.14 -7.69
C TYR A 396 26.35 -26.18 -8.89
N THR A 397 25.26 -26.92 -8.74
CA THR A 397 24.20 -27.01 -9.73
C THR A 397 22.88 -26.68 -9.04
N CYS A 398 21.96 -26.10 -9.79
CA CYS A 398 20.66 -25.72 -9.24
C CYS A 398 19.69 -26.89 -9.35
N LEU A 399 19.24 -27.39 -8.20
CA LEU A 399 18.43 -28.59 -8.11
C LEU A 399 17.08 -28.27 -7.52
N GLN A 400 16.15 -29.21 -7.72
CA GLN A 400 14.78 -29.15 -7.24
C GLN A 400 14.52 -30.22 -6.17
N GLY A 401 13.67 -29.88 -5.22
CA GLY A 401 13.10 -30.86 -4.31
C GLY A 401 13.80 -31.04 -2.98
N TYR A 402 14.82 -30.24 -2.67
CA TYR A 402 15.61 -30.42 -1.46
C TYR A 402 15.24 -29.37 -0.42
N GLY A 403 15.16 -29.79 0.83
CA GLY A 403 14.98 -28.84 1.91
C GLY A 403 13.56 -28.31 2.02
N GLY A 404 13.44 -27.17 2.68
CA GLY A 404 12.17 -26.54 2.93
C GLY A 404 11.99 -25.25 2.13
N ASN A 405 10.76 -24.78 2.14
CA ASN A 405 10.42 -23.51 1.55
C ASN A 405 10.80 -22.36 2.48
N PRO A 406 10.89 -21.13 1.95
CA PRO A 406 11.22 -19.98 2.80
C PRO A 406 10.21 -19.74 3.90
N ASN A 407 10.67 -19.05 4.96
CA ASN A 407 9.82 -18.60 6.05
C ASN A 407 9.21 -19.78 6.82
N TYR A 408 10.10 -20.62 7.34
CA TYR A 408 9.72 -21.82 8.10
C TYR A 408 8.79 -22.70 7.29
N GLY A 409 8.81 -22.58 5.97
CA GLY A 409 8.02 -23.42 5.10
C GLY A 409 6.62 -22.91 4.87
N TYR A 410 6.34 -21.64 5.20
CA TYR A 410 5.02 -21.07 5.08
C TYR A 410 4.81 -20.33 3.76
N THR A 411 5.89 -20.05 3.02
CA THR A 411 5.83 -19.29 1.77
C THR A 411 6.11 -20.22 0.59
N SER A 412 5.05 -20.60 -0.14
CA SER A 412 5.22 -21.38 -1.35
C SER A 412 3.95 -21.29 -2.19
N PHE A 413 3.99 -21.96 -3.34
CA PHE A 413 2.82 -22.21 -4.18
C PHE A 413 2.67 -23.70 -4.42
N ASP A 414 2.89 -24.51 -3.38
CA ASP A 414 2.89 -25.95 -3.54
C ASP A 414 1.51 -26.59 -3.37
N THR A 415 0.62 -25.97 -2.61
CA THR A 415 -0.76 -26.44 -2.51
C THR A 415 -1.69 -25.26 -2.77
N PHE A 416 -2.96 -25.57 -3.01
CA PHE A 416 -3.95 -24.52 -3.20
C PHE A 416 -4.03 -23.61 -1.98
N GLY A 417 -3.91 -24.18 -0.78
CA GLY A 417 -4.04 -23.36 0.42
C GLY A 417 -2.89 -22.39 0.61
N TRP A 418 -1.65 -22.85 0.41
CA TRP A 418 -0.51 -21.93 0.50
C TRP A 418 -0.53 -20.92 -0.64
N ALA A 419 -0.90 -21.36 -1.85
CA ALA A 419 -1.02 -20.41 -2.95
C ALA A 419 -2.05 -19.34 -2.63
N PHE A 420 -3.19 -19.74 -2.07
CA PHE A 420 -4.21 -18.79 -1.62
C PHE A 420 -3.61 -17.78 -0.66
N LEU A 421 -2.90 -18.26 0.36
CA LEU A 421 -2.28 -17.35 1.32
C LEU A 421 -1.35 -16.37 0.61
N SER A 422 -0.50 -16.88 -0.29
CA SER A 422 0.45 -16.01 -1.00
C SER A 422 -0.27 -14.97 -1.84
N VAL A 423 -1.37 -15.35 -2.49
CA VAL A 423 -2.08 -14.41 -3.34
C VAL A 423 -2.73 -13.32 -2.50
N PHE A 424 -3.34 -13.70 -1.38
CA PHE A 424 -3.91 -12.69 -0.48
C PHE A 424 -2.82 -11.74 0.01
N ARG A 425 -1.66 -12.29 0.36
CA ARG A 425 -0.54 -11.45 0.78
C ARG A 425 -0.19 -10.46 -0.31
N LEU A 426 -0.16 -10.93 -1.56
CA LEU A 426 0.24 -10.08 -2.68
C LEU A 426 -0.77 -8.97 -2.89
N VAL A 427 -2.06 -9.31 -2.90
CA VAL A 427 -3.11 -8.30 -3.06
C VAL A 427 -2.98 -7.23 -1.98
N THR A 428 -2.68 -7.63 -0.73
CA THR A 428 -2.61 -6.64 0.34
C THR A 428 -1.28 -5.89 0.36
N LEU A 429 -0.30 -6.30 -0.44
CA LEU A 429 1.02 -5.68 -0.49
C LEU A 429 1.78 -5.79 0.83
N ASP A 430 1.60 -6.91 1.54
CA ASP A 430 2.22 -7.09 2.86
C ASP A 430 3.56 -7.78 2.66
N TYR A 431 4.65 -7.02 2.75
CA TYR A 431 5.99 -7.56 2.57
C TYR A 431 6.10 -8.32 1.25
N TRP A 432 5.48 -7.76 0.20
CA TRP A 432 5.28 -8.46 -1.06
C TRP A 432 6.52 -8.41 -1.96
N GLU A 433 7.45 -7.49 -1.68
CA GLU A 433 8.69 -7.46 -2.43
C GLU A 433 9.50 -8.75 -2.22
N ASP A 434 9.40 -9.36 -1.05
CA ASP A 434 10.20 -10.54 -0.77
C ASP A 434 9.72 -11.73 -1.62
N LEU A 435 8.42 -12.00 -1.58
CA LEU A 435 7.85 -13.04 -2.44
C LEU A 435 8.12 -12.74 -3.91
N TYR A 436 8.02 -11.48 -4.30
CA TYR A 436 8.24 -11.09 -5.70
C TYR A 436 9.68 -11.37 -6.13
N GLN A 437 10.64 -11.08 -5.26
CA GLN A 437 12.03 -11.32 -5.60
C GLN A 437 12.35 -12.81 -5.58
N LEU A 438 11.76 -13.56 -4.64
CA LEU A 438 11.99 -14.99 -4.59
C LEU A 438 11.49 -15.65 -5.87
N ALA A 439 10.30 -15.25 -6.34
CA ALA A 439 9.72 -15.89 -7.50
C ALA A 439 10.49 -15.51 -8.77
N LEU A 440 10.78 -14.22 -8.96
CA LEU A 440 11.56 -13.86 -10.13
C LEU A 440 12.95 -14.48 -10.10
N ARG A 441 13.47 -14.83 -8.93
CA ARG A 441 14.83 -15.35 -8.88
C ARG A 441 14.84 -16.84 -9.15
N SER A 442 13.73 -17.52 -8.85
CA SER A 442 13.65 -18.95 -9.09
C SER A 442 13.06 -19.30 -10.44
N ALA A 443 12.31 -18.39 -11.07
CA ALA A 443 11.55 -18.70 -12.28
C ALA A 443 11.99 -17.93 -13.51
N GLY A 444 12.41 -16.68 -13.35
CA GLY A 444 12.83 -15.87 -14.47
C GLY A 444 12.11 -14.54 -14.48
N PRO A 445 12.74 -13.52 -15.05
CA PRO A 445 12.13 -12.17 -15.02
C PRO A 445 10.79 -12.08 -15.76
N TRP A 446 10.51 -12.94 -16.73
CA TRP A 446 9.26 -12.81 -17.47
C TRP A 446 8.04 -13.07 -16.60
N HIS A 447 8.22 -13.76 -15.47
CA HIS A 447 7.08 -13.96 -14.61
C HIS A 447 6.67 -12.69 -13.90
N ILE A 448 7.35 -11.57 -14.20
CA ILE A 448 6.88 -10.29 -13.71
C ILE A 448 5.47 -10.06 -14.21
N LEU A 449 5.13 -10.65 -15.35
CA LEU A 449 3.79 -10.39 -15.88
C LEU A 449 2.73 -10.84 -14.90
N PHE A 450 2.93 -11.99 -14.25
CA PHE A 450 1.93 -12.46 -13.29
C PHE A 450 1.71 -11.40 -12.22
N PHE A 451 2.80 -10.87 -11.65
CA PHE A 451 2.64 -9.92 -10.56
C PHE A 451 1.93 -8.67 -11.03
N ILE A 452 2.23 -8.20 -12.25
CA ILE A 452 1.57 -7.00 -12.71
C ILE A 452 0.07 -7.21 -12.69
N ILE A 453 -0.38 -8.34 -13.24
CA ILE A 453 -1.81 -8.57 -13.33
C ILE A 453 -2.41 -8.57 -11.95
N VAL A 454 -1.79 -9.31 -11.02
CA VAL A 454 -2.40 -9.43 -9.70
C VAL A 454 -2.46 -8.07 -9.04
N VAL A 455 -1.38 -7.29 -9.17
CA VAL A 455 -1.38 -5.97 -8.55
C VAL A 455 -2.43 -5.08 -9.20
N PHE A 456 -2.56 -5.12 -10.54
CA PHE A 456 -3.49 -4.21 -11.19
C PHE A 456 -4.93 -4.53 -10.79
N TYR A 457 -5.32 -5.80 -10.88
CA TYR A 457 -6.71 -6.16 -10.59
C TYR A 457 -7.01 -6.10 -9.11
N GLY A 458 -6.15 -6.69 -8.28
CA GLY A 458 -6.46 -6.85 -6.87
C GLY A 458 -6.23 -5.61 -6.03
N THR A 459 -5.09 -4.96 -6.22
CA THR A 459 -4.77 -3.79 -5.41
C THR A 459 -5.44 -2.53 -5.95
N PHE A 460 -5.22 -2.22 -7.22
CA PHE A 460 -5.67 -0.93 -7.75
C PHE A 460 -7.17 -0.88 -8.03
N CYS A 461 -7.85 -2.03 -8.15
CA CYS A 461 -9.28 -2.03 -8.45
C CYS A 461 -10.14 -2.52 -7.29
N PHE A 462 -9.84 -3.69 -6.71
CA PHE A 462 -10.78 -4.32 -5.79
C PHE A 462 -10.78 -3.64 -4.41
N LEU A 463 -9.60 -3.44 -3.83
CA LEU A 463 -9.56 -2.71 -2.56
C LEU A 463 -10.17 -1.33 -2.70
N ASN A 464 -10.14 -0.76 -3.90
CA ASN A 464 -10.84 0.49 -4.12
C ASN A 464 -12.36 0.28 -4.17
N PHE A 465 -12.83 -0.90 -4.57
CA PHE A 465 -14.25 -1.20 -4.38
C PHE A 465 -14.62 -1.14 -2.90
N ILE A 466 -13.76 -1.72 -2.06
CA ILE A 466 -14.02 -1.70 -0.62
C ILE A 466 -14.08 -0.25 -0.12
N LEU A 467 -13.10 0.56 -0.53
CA LEU A 467 -13.09 1.96 -0.10
C LEU A 467 -14.36 2.67 -0.56
N ALA A 468 -14.80 2.41 -1.79
CA ALA A 468 -16.01 3.08 -2.28
C ALA A 468 -17.23 2.70 -1.47
N VAL A 469 -17.35 1.41 -1.11
CA VAL A 469 -18.49 1.00 -0.29
C VAL A 469 -18.48 1.73 1.04
N VAL A 470 -17.31 1.80 1.68
CA VAL A 470 -17.23 2.48 2.98
C VAL A 470 -17.61 3.95 2.84
N VAL A 471 -17.12 4.61 1.79
CA VAL A 471 -17.42 6.02 1.59
C VAL A 471 -18.91 6.22 1.37
N MET A 472 -19.54 5.39 0.55
CA MET A 472 -20.98 5.54 0.30
C MET A 472 -21.77 5.35 1.59
N SER A 473 -21.40 4.35 2.40
CA SER A 473 -22.11 4.13 3.65
C SER A 473 -22.02 5.35 4.56
N TYR A 474 -20.80 5.89 4.71
CA TYR A 474 -20.64 7.04 5.59
C TYR A 474 -21.42 8.25 5.07
N THR A 475 -21.36 8.48 3.76
CA THR A 475 -22.10 9.61 3.19
C THR A 475 -23.59 9.46 3.42
N HIS A 476 -24.12 8.25 3.28
CA HIS A 476 -25.54 8.03 3.55
C HIS A 476 -25.86 8.37 5.00
N MET A 477 -25.04 7.92 5.94
CA MET A 477 -25.35 8.18 7.35
C MET A 477 -25.28 9.67 7.67
N VAL A 478 -24.27 10.37 7.15
CA VAL A 478 -24.17 11.80 7.44
C VAL A 478 -25.30 12.56 6.77
N LYS A 479 -25.71 12.14 5.58
CA LYS A 479 -26.87 12.78 4.94
C LYS A 479 -28.10 12.64 5.82
N ARG A 480 -28.35 11.42 6.33
CA ARG A 480 -29.49 11.21 7.20
C ARG A 480 -29.41 12.09 8.45
N ALA A 481 -28.22 12.13 9.07
CA ALA A 481 -28.05 12.91 10.29
C ALA A 481 -28.31 14.39 10.04
N ASP A 482 -27.69 14.94 8.99
CA ASP A 482 -27.86 16.36 8.69
C ASP A 482 -29.31 16.68 8.36
N GLU A 483 -29.96 15.86 7.53
CA GLU A 483 -31.34 16.12 7.17
C GLU A 483 -32.25 16.06 8.39
N GLU A 484 -31.98 15.13 9.31
CA GLU A 484 -32.77 15.06 10.53
C GLU A 484 -32.55 16.27 11.43
N LYS A 485 -31.46 17.00 11.25
CA LYS A 485 -31.17 18.18 12.04
C LYS A 485 -31.08 17.83 13.52
N VAL A 570 0.97 51.82 18.81
CA VAL A 570 2.09 51.17 18.16
C VAL A 570 1.89 49.66 18.13
N VAL A 571 1.74 49.07 19.32
CA VAL A 571 1.63 47.61 19.42
C VAL A 571 0.45 47.10 18.61
N LEU A 572 -0.63 47.87 18.56
CA LEU A 572 -1.86 47.46 17.88
C LEU A 572 -1.89 47.92 16.43
N SER A 573 -0.87 47.56 15.66
CA SER A 573 -0.75 47.98 14.27
C SER A 573 -0.25 46.82 13.42
N PRO A 574 -0.50 46.87 12.11
CA PRO A 574 0.01 45.79 11.24
C PRO A 574 1.53 45.66 11.26
N PHE A 575 2.25 46.77 11.38
CA PHE A 575 3.71 46.71 11.35
C PHE A 575 4.23 45.86 12.51
N PHE A 576 3.67 46.05 13.71
CA PHE A 576 4.07 45.25 14.85
C PHE A 576 3.77 43.78 14.63
N GLU A 577 2.62 43.48 14.02
CA GLU A 577 2.29 42.09 13.73
C GLU A 577 3.30 41.47 12.78
N LEU A 578 3.70 42.21 11.75
CA LEU A 578 4.73 41.72 10.83
C LEU A 578 6.06 41.53 11.55
N PHE A 579 6.43 42.48 12.41
CA PHE A 579 7.67 42.36 13.17
C PHE A 579 7.67 41.09 14.02
N ILE A 580 6.58 40.86 14.76
CA ILE A 580 6.52 39.67 15.60
C ILE A 580 6.50 38.41 14.74
N ALA A 581 5.88 38.49 13.56
CA ALA A 581 5.86 37.32 12.67
C ALA A 581 7.27 36.94 12.23
N VAL A 582 8.08 37.93 11.84
CA VAL A 582 9.44 37.60 11.43
C VAL A 582 10.24 37.11 12.63
N ILE A 583 10.00 37.66 13.81
CA ILE A 583 10.69 37.18 15.00
C ILE A 583 10.33 35.72 15.26
N ILE A 584 9.06 35.36 15.09
CA ILE A 584 8.64 33.97 15.29
C ILE A 584 9.37 33.07 14.30
N VAL A 585 9.43 33.49 13.05
CA VAL A 585 10.10 32.67 12.03
C VAL A 585 11.56 32.47 12.40
N LEU A 586 12.22 33.53 12.87
CA LEU A 586 13.63 33.43 13.25
C LEU A 586 13.82 32.50 14.44
N ASN A 587 12.88 32.54 15.39
CA ASN A 587 12.95 31.61 16.53
C ASN A 587 12.79 30.17 16.07
N ILE A 588 11.88 29.92 15.12
CA ILE A 588 11.73 28.57 14.59
C ILE A 588 13.02 28.11 13.92
N THR A 589 13.63 29.00 13.14
CA THR A 589 14.90 28.65 12.50
C THR A 589 15.97 28.32 13.53
N PHE A 590 16.06 29.11 14.60
CA PHE A 590 17.03 28.83 15.64
C PHE A 590 16.78 27.47 16.28
N MET A 591 15.51 27.14 16.53
CA MET A 591 15.17 25.83 17.10
C MET A 591 15.56 24.69 16.17
N ALA A 592 15.36 24.86 14.87
CA ALA A 592 15.65 23.78 13.92
C ALA A 592 17.15 23.54 13.75
N LEU A 593 18.00 24.50 14.11
CA LEU A 593 19.44 24.35 13.93
C LEU A 593 20.10 23.51 15.01
N ASP A 594 19.41 23.17 16.09
CA ASP A 594 20.02 22.39 17.18
C ASP A 594 20.38 20.99 16.70
N HIS A 595 21.55 20.51 17.10
CA HIS A 595 22.04 19.22 16.62
C HIS A 595 23.04 18.65 17.63
N HIS A 596 23.50 17.43 17.34
CA HIS A 596 24.38 16.69 18.23
C HIS A 596 25.82 17.16 18.10
N ASP A 597 26.52 17.24 19.23
CA ASP A 597 27.94 17.58 19.27
C ASP A 597 28.19 18.94 18.60
N MET A 598 27.51 19.96 19.14
CA MET A 598 27.66 21.32 18.65
C MET A 598 28.90 21.97 19.25
N ASN A 599 29.57 22.81 18.46
CA ASN A 599 30.69 23.57 19.00
C ASN A 599 30.17 24.63 19.97
N ILE A 600 31.06 25.09 20.85
CA ILE A 600 30.65 25.93 21.97
C ILE A 600 30.09 27.27 21.50
N GLU A 601 30.63 27.83 20.41
CA GLU A 601 30.13 29.10 19.92
C GLU A 601 28.71 28.96 19.39
N PHE A 602 28.43 27.86 18.69
CA PHE A 602 27.09 27.60 18.20
C PHE A 602 26.11 27.57 19.37
N GLU A 603 26.49 26.86 20.44
CA GLU A 603 25.64 26.75 21.61
C GLU A 603 25.37 28.11 22.25
N ARG A 604 26.42 28.92 22.39
CA ARG A 604 26.24 30.25 22.99
C ARG A 604 25.31 31.10 22.14
N ILE A 605 25.49 31.06 20.82
CA ILE A 605 24.65 31.87 19.94
C ILE A 605 23.19 31.47 20.10
N LEU A 606 22.92 30.16 20.11
CA LEU A 606 21.54 29.71 20.26
C LEU A 606 20.96 30.12 21.61
N ARG A 607 21.75 30.01 22.68
CA ARG A 607 21.25 30.38 24.01
C ARG A 607 20.94 31.87 24.08
N THR A 608 21.83 32.71 23.57
CA THR A 608 21.59 34.14 23.58
C THR A 608 20.35 34.48 22.75
N GLY A 609 20.20 33.83 21.60
CA GLY A 609 19.00 34.05 20.81
C GLY A 609 17.75 33.70 21.58
N ASN A 610 17.78 32.59 22.32
CA ASN A 610 16.62 32.22 23.11
C ASN A 610 16.28 33.30 24.13
N TYR A 611 17.30 33.83 24.80
CA TYR A 611 17.04 34.91 25.76
C TYR A 611 16.39 36.09 25.08
N ILE A 612 16.91 36.49 23.91
CA ILE A 612 16.35 37.65 23.22
C ILE A 612 14.90 37.39 22.82
N PHE A 613 14.62 36.21 22.27
CA PHE A 613 13.25 35.92 21.84
C PHE A 613 12.29 35.95 23.02
N THR A 614 12.68 35.36 24.16
CA THR A 614 11.80 35.36 25.32
C THR A 614 11.55 36.78 25.82
N SER A 615 12.60 37.62 25.83
CA SER A 615 12.41 39.00 26.26
C SER A 615 11.44 39.73 25.34
N ILE A 616 11.56 39.50 24.02
CA ILE A 616 10.67 40.16 23.08
C ILE A 616 9.22 39.72 23.31
N TYR A 617 9.02 38.43 23.55
CA TYR A 617 7.66 37.95 23.83
C TYR A 617 7.10 38.55 25.11
N ILE A 618 7.94 38.67 26.14
CA ILE A 618 7.48 39.29 27.38
C ILE A 618 7.06 40.73 27.13
N VAL A 619 7.88 41.48 26.39
CA VAL A 619 7.57 42.87 26.10
C VAL A 619 6.26 42.96 25.32
N GLU A 620 6.08 42.08 24.34
CA GLU A 620 4.84 42.07 23.57
C GLU A 620 3.65 41.86 24.48
N ALA A 621 3.73 40.87 25.37
CA ALA A 621 2.61 40.58 26.25
C ALA A 621 2.25 41.81 27.08
N VAL A 622 3.24 42.43 27.71
CA VAL A 622 2.93 43.57 28.59
C VAL A 622 2.37 44.73 27.77
N LEU A 623 2.97 45.01 26.60
CA LEU A 623 2.51 46.14 25.79
C LEU A 623 1.06 45.94 25.37
N LYS A 624 0.70 44.73 24.95
CA LYS A 624 -0.68 44.48 24.54
C LYS A 624 -1.63 44.53 25.72
N ILE A 625 -1.21 44.02 26.88
CA ILE A 625 -2.09 44.03 28.04
C ILE A 625 -2.38 45.46 28.48
N ILE A 626 -1.40 46.35 28.36
CA ILE A 626 -1.61 47.72 28.81
C ILE A 626 -2.34 48.54 27.75
N ALA A 627 -1.94 48.41 26.48
CA ALA A 627 -2.61 49.16 25.43
C ALA A 627 -4.08 48.79 25.35
N LEU A 628 -4.36 47.49 25.23
CA LEU A 628 -5.71 46.99 25.34
C LEU A 628 -6.08 46.79 26.82
N SER A 629 -7.35 46.54 27.08
CA SER A 629 -7.73 46.24 28.45
C SER A 629 -7.33 44.81 28.81
N PRO A 630 -6.93 44.55 30.06
CA PRO A 630 -6.67 43.15 30.45
C PRO A 630 -7.88 42.26 30.25
N LYS A 631 -9.09 42.78 30.50
CA LYS A 631 -10.30 42.01 30.26
C LYS A 631 -10.42 41.66 28.80
N PHE A 632 -10.21 42.64 27.92
CA PHE A 632 -10.28 42.37 26.49
C PHE A 632 -9.10 41.52 26.05
N TYR A 633 -7.95 41.68 26.70
CA TYR A 633 -6.77 40.89 26.34
C TYR A 633 -7.05 39.41 26.54
N PHE A 634 -7.62 39.03 27.67
CA PHE A 634 -7.87 37.62 27.96
C PHE A 634 -9.19 37.13 27.36
N LYS A 635 -9.95 37.99 26.69
CA LYS A 635 -11.09 37.55 25.90
C LYS A 635 -10.70 37.00 24.54
N ASP A 636 -9.45 37.16 24.12
CA ASP A 636 -8.97 36.67 22.82
C ASP A 636 -8.24 35.36 23.01
N SER A 637 -8.63 34.34 22.23
CA SER A 637 -8.01 33.03 22.35
C SER A 637 -6.52 33.07 22.00
N TRP A 638 -6.16 33.79 20.94
CA TRP A 638 -4.75 33.86 20.57
C TRP A 638 -3.94 34.54 21.67
N ASN A 639 -4.52 35.54 22.34
CA ASN A 639 -3.85 36.18 23.46
C ASN A 639 -3.63 35.20 24.60
N VAL A 640 -4.61 34.34 24.88
CA VAL A 640 -4.43 33.34 25.93
C VAL A 640 -3.31 32.40 25.55
N PHE A 641 -3.26 32.01 24.28
CA PHE A 641 -2.17 31.14 23.79
C PHE A 641 -0.82 31.81 23.97
N ASP A 642 -0.71 33.09 23.60
CA ASP A 642 0.54 33.81 23.74
C ASP A 642 0.94 33.92 25.21
N PHE A 643 -0.03 34.18 26.09
CA PHE A 643 0.29 34.28 27.50
C PHE A 643 0.79 32.95 28.05
N ILE A 644 0.16 31.84 27.63
CA ILE A 644 0.65 30.52 28.04
C ILE A 644 2.09 30.33 27.57
N ILE A 645 2.41 30.76 26.34
CA ILE A 645 3.77 30.63 25.84
C ILE A 645 4.73 31.46 26.69
N VAL A 646 4.35 32.69 27.02
CA VAL A 646 5.23 33.54 27.83
C VAL A 646 5.48 32.91 29.19
N VAL A 647 4.42 32.37 29.80
CA VAL A 647 4.56 31.74 31.11
C VAL A 647 5.51 30.55 31.03
N PHE A 648 5.33 29.71 30.01
CA PHE A 648 6.18 28.54 29.87
C PHE A 648 7.63 28.95 29.62
N ALA A 649 7.84 29.98 28.80
CA ALA A 649 9.20 30.43 28.50
C ALA A 649 9.89 30.97 29.74
N ILE A 650 9.20 31.78 30.53
CA ILE A 650 9.82 32.35 31.72
C ILE A 650 10.08 31.25 32.75
N LEU A 651 9.15 30.31 32.91
CA LEU A 651 9.39 29.18 33.79
C LEU A 651 10.62 28.40 33.35
N GLU A 652 10.75 28.17 32.03
CA GLU A 652 11.88 27.42 31.51
C GLU A 652 13.20 28.13 31.82
N LEU A 653 13.29 29.42 31.51
CA LEU A 653 14.54 30.13 31.78
C LEU A 653 14.82 30.23 33.27
N GLY A 654 13.77 30.23 34.09
CA GLY A 654 13.97 30.27 35.53
C GLY A 654 14.63 29.01 36.08
N LEU A 655 14.23 27.86 35.55
CA LEU A 655 14.76 26.58 36.02
C LEU A 655 15.92 26.12 35.14
N VAL A 663 12.56 19.28 32.80
CA VAL A 663 12.93 20.03 31.61
C VAL A 663 11.67 20.49 30.88
N PHE A 664 11.53 21.81 30.76
CA PHE A 664 10.39 22.44 30.12
C PHE A 664 10.66 22.82 28.66
N ARG A 665 11.83 22.46 28.11
CA ARG A 665 12.15 22.84 26.74
C ARG A 665 11.16 22.23 25.75
N SER A 666 10.61 21.06 26.04
CA SER A 666 9.70 20.41 25.11
C SER A 666 8.49 21.30 24.80
N PHE A 667 8.10 22.17 25.73
CA PHE A 667 6.95 23.05 25.51
C PHE A 667 7.30 24.25 24.64
N ARG A 668 8.58 24.47 24.35
CA ARG A 668 8.97 25.54 23.44
C ARG A 668 8.37 25.33 22.05
N LEU A 669 8.03 24.08 21.71
CA LEU A 669 7.43 23.80 20.41
C LEU A 669 6.11 24.53 20.25
N LEU A 670 5.48 24.95 21.35
CA LEU A 670 4.22 25.68 21.18
C LEU A 670 4.43 26.94 20.37
N ARG A 671 5.63 27.54 20.46
CA ARG A 671 5.87 28.77 19.72
C ARG A 671 5.67 28.56 18.22
N VAL A 672 5.97 27.36 17.73
CA VAL A 672 5.87 27.12 16.30
C VAL A 672 4.43 27.31 15.84
N PHE A 673 3.47 26.90 16.67
CA PHE A 673 2.09 26.96 16.22
C PHE A 673 1.58 28.39 16.13
N ARG A 674 2.32 29.37 16.66
CA ARG A 674 1.89 30.75 16.46
C ARG A 674 1.94 31.14 14.99
N LEU A 675 2.69 30.39 14.18
CA LEU A 675 2.74 30.70 12.76
C LEU A 675 1.38 30.55 12.12
N ALA A 676 0.50 29.73 12.70
CA ALA A 676 -0.80 29.54 12.09
C ALA A 676 -1.62 30.82 12.08
N LYS A 677 -1.33 31.76 12.97
CA LYS A 677 -2.09 33.01 12.97
C LYS A 677 -1.79 33.83 11.73
N PHE A 678 -0.55 33.79 11.25
CA PHE A 678 -0.12 34.62 10.13
C PHE A 678 -0.18 33.90 8.78
N TRP A 679 -0.27 32.56 8.78
CA TRP A 679 -0.19 31.79 7.56
C TRP A 679 -1.60 31.34 7.16
N PRO A 680 -2.20 31.94 6.13
CA PRO A 680 -3.62 31.63 5.84
C PRO A 680 -3.91 30.16 5.57
N THR A 681 -3.03 29.46 4.85
CA THR A 681 -3.29 28.07 4.50
C THR A 681 -3.38 27.22 5.76
N LEU A 682 -2.38 27.35 6.64
CA LEU A 682 -2.38 26.58 7.88
C LEU A 682 -3.57 26.97 8.75
N ASN A 683 -3.93 28.26 8.73
CA ASN A 683 -5.08 28.74 9.50
C ASN A 683 -6.36 28.05 9.04
N ASN A 684 -6.57 27.98 7.73
CA ASN A 684 -7.76 27.32 7.20
C ASN A 684 -7.78 25.84 7.54
N PHE A 685 -6.61 25.18 7.45
CA PHE A 685 -6.52 23.77 7.79
C PHE A 685 -6.95 23.54 9.24
N MET A 686 -6.48 24.43 10.13
CA MET A 686 -6.82 24.30 11.55
C MET A 686 -8.30 24.56 11.79
N SER A 687 -8.86 25.57 11.12
CA SER A 687 -10.27 25.88 11.31
C SER A 687 -11.14 24.72 10.86
N VAL A 688 -10.77 24.08 9.74
CA VAL A 688 -11.55 22.94 9.27
C VAL A 688 -11.55 21.83 10.32
N MET A 689 -10.38 21.54 10.90
CA MET A 689 -10.35 20.52 11.95
C MET A 689 -11.25 20.91 13.12
N THR A 690 -11.18 22.18 13.54
CA THR A 690 -12.01 22.64 14.64
C THR A 690 -13.50 22.43 14.34
N LYS A 691 -13.89 22.65 13.08
CA LYS A 691 -15.31 22.62 12.74
C LYS A 691 -15.93 21.25 12.97
N SER A 692 -15.16 20.17 12.82
CA SER A 692 -15.74 18.83 12.85
C SER A 692 -14.90 17.88 13.70
N TYR A 693 -14.32 18.37 14.79
CA TYR A 693 -13.52 17.51 15.65
C TYR A 693 -14.32 16.30 16.18
N GLY A 694 -15.64 16.43 16.34
CA GLY A 694 -16.38 15.38 17.02
C GLY A 694 -16.32 14.04 16.30
N ALA A 695 -16.52 14.05 14.98
CA ALA A 695 -16.52 12.81 14.22
C ALA A 695 -15.16 12.14 14.27
N PHE A 696 -14.08 12.92 14.15
CA PHE A 696 -12.74 12.35 14.23
C PHE A 696 -12.47 11.77 15.61
N VAL A 697 -12.94 12.44 16.67
CA VAL A 697 -12.80 11.88 18.00
C VAL A 697 -13.49 10.52 18.07
N ASN A 698 -14.70 10.44 17.54
CA ASN A 698 -15.43 9.17 17.56
C ASN A 698 -14.66 8.07 16.83
N VAL A 699 -14.16 8.38 15.62
CA VAL A 699 -13.47 7.36 14.83
C VAL A 699 -12.20 6.90 15.53
N MET A 700 -11.42 7.84 16.07
CA MET A 700 -10.19 7.45 16.74
C MET A 700 -10.48 6.62 17.99
N TYR A 701 -11.53 6.99 18.74
CA TYR A 701 -11.86 6.18 19.91
C TYR A 701 -12.26 4.77 19.51
N VAL A 702 -13.04 4.63 18.43
CA VAL A 702 -13.41 3.29 17.96
C VAL A 702 -12.17 2.51 17.56
N MET A 703 -11.24 3.17 16.85
CA MET A 703 -10.02 2.48 16.44
C MET A 703 -9.26 1.96 17.64
N PHE A 704 -9.08 2.80 18.66
CA PHE A 704 -8.30 2.37 19.82
C PHE A 704 -9.04 1.31 20.63
N LEU A 705 -10.37 1.39 20.72
CA LEU A 705 -11.12 0.36 21.43
C LEU A 705 -10.98 -0.98 20.72
N LEU A 706 -11.05 -0.99 19.40
CA LEU A 706 -10.85 -2.24 18.65
C LEU A 706 -9.46 -2.79 18.89
N LEU A 707 -8.44 -1.92 18.86
CA LEU A 707 -7.08 -2.38 19.10
C LEU A 707 -6.94 -2.96 20.51
N PHE A 708 -7.56 -2.31 21.50
CA PHE A 708 -7.49 -2.81 22.88
C PHE A 708 -8.12 -4.18 23.00
N ILE A 709 -9.30 -4.37 22.39
CA ILE A 709 -9.98 -5.66 22.47
C ILE A 709 -9.11 -6.75 21.84
N PHE A 710 -8.59 -6.49 20.65
CA PHE A 710 -7.77 -7.50 19.99
C PHE A 710 -6.49 -7.76 20.78
N ALA A 711 -5.91 -6.72 21.38
CA ALA A 711 -4.70 -6.93 22.17
C ALA A 711 -4.96 -7.87 23.33
N ILE A 712 -6.06 -7.67 24.05
CA ILE A 712 -6.39 -8.55 25.17
C ILE A 712 -6.63 -9.98 24.67
N ILE A 713 -7.40 -10.11 23.58
CA ILE A 713 -7.71 -11.45 23.07
C ILE A 713 -6.43 -12.19 22.67
N GLY A 714 -5.57 -11.52 21.91
CA GLY A 714 -4.34 -12.15 21.47
C GLY A 714 -3.42 -12.47 22.62
N MET A 715 -3.37 -11.60 23.62
CA MET A 715 -2.57 -11.90 24.80
C MET A 715 -3.02 -13.20 25.44
N GLN A 716 -4.32 -13.32 25.73
CA GLN A 716 -4.80 -14.54 26.37
C GLN A 716 -4.56 -15.77 25.48
N LEU A 717 -4.77 -15.64 24.17
CA LEU A 717 -4.69 -16.81 23.30
C LEU A 717 -3.24 -17.27 23.08
N PHE A 718 -2.31 -16.34 22.89
CA PHE A 718 -0.98 -16.67 22.40
C PHE A 718 0.16 -16.37 23.37
N GLY A 719 -0.07 -15.66 24.48
CA GLY A 719 1.05 -15.17 25.26
C GLY A 719 1.97 -16.27 25.77
N MET A 720 1.40 -17.36 26.26
CA MET A 720 2.22 -18.39 26.88
C MET A 720 2.97 -19.24 25.87
N ASN A 721 2.55 -19.24 24.60
CA ASN A 721 3.28 -20.00 23.58
C ASN A 721 4.68 -19.46 23.40
N TYR A 722 4.84 -18.13 23.41
CA TYR A 722 6.16 -17.54 23.20
C TYR A 722 7.11 -17.93 24.33
N ILE A 723 6.62 -17.96 25.57
CA ILE A 723 7.48 -18.36 26.68
C ILE A 723 7.78 -19.86 26.61
N ASP A 724 6.75 -20.69 26.40
CA ASP A 724 6.94 -22.13 26.47
C ASP A 724 7.84 -22.64 25.35
N ASN A 725 7.63 -22.18 24.13
CA ASN A 725 8.31 -22.71 22.95
C ASN A 725 9.33 -21.72 22.38
N MET A 726 10.06 -21.03 23.27
CA MET A 726 11.05 -20.07 22.82
C MET A 726 12.19 -20.74 22.04
N GLU A 727 12.46 -22.01 22.31
CA GLU A 727 13.56 -22.70 21.63
C GLU A 727 13.39 -22.69 20.12
N ARG A 728 12.15 -22.70 19.62
CA ARG A 728 11.92 -22.83 18.19
C ARG A 728 12.41 -21.61 17.40
N PHE A 729 12.59 -20.47 18.05
CA PHE A 729 13.06 -19.27 17.37
C PHE A 729 14.51 -19.45 16.94
N PRO A 730 14.98 -18.68 15.95
CA PRO A 730 16.26 -19.02 15.30
C PRO A 730 17.43 -19.23 16.26
N ASP A 731 17.52 -18.46 17.34
CA ASP A 731 18.57 -18.66 18.33
C ASP A 731 17.99 -18.94 19.72
N GLY A 732 16.71 -19.29 19.79
CA GLY A 732 16.07 -19.49 21.07
C GLY A 732 15.79 -18.22 21.83
N ASP A 733 15.74 -17.09 21.14
CA ASP A 733 15.53 -15.79 21.77
C ASP A 733 14.14 -15.26 21.43
N LEU A 734 13.55 -14.56 22.38
CA LEU A 734 12.23 -13.98 22.19
C LEU A 734 12.29 -12.88 21.13
N PRO A 735 11.43 -12.90 20.12
CA PRO A 735 11.41 -11.80 19.16
C PRO A 735 10.97 -10.49 19.78
N ARG A 736 11.38 -9.40 19.13
CA ARG A 736 10.98 -8.06 19.58
C ARG A 736 9.47 -7.93 19.67
N TRP A 737 8.75 -8.54 18.74
CA TRP A 737 7.29 -8.44 18.67
C TRP A 737 6.67 -9.75 19.12
N ASN A 738 5.87 -9.70 20.19
CA ASN A 738 5.33 -10.90 20.81
C ASN A 738 4.05 -10.53 21.54
N PHE A 739 3.47 -11.50 22.25
CA PHE A 739 2.23 -11.33 23.00
C PHE A 739 2.43 -11.53 24.50
N THR A 740 3.65 -11.33 25.01
CA THR A 740 3.93 -11.71 26.40
C THR A 740 3.31 -10.76 27.42
N ASP A 741 3.00 -9.53 27.06
CA ASP A 741 2.35 -8.60 27.98
C ASP A 741 1.52 -7.61 27.17
N PHE A 742 0.78 -6.75 27.88
CA PHE A 742 -0.21 -5.90 27.22
C PHE A 742 0.44 -4.93 26.24
N LEU A 743 1.55 -4.32 26.62
CA LEU A 743 2.18 -3.32 25.75
C LEU A 743 2.60 -3.94 24.42
N HIS A 744 3.26 -5.10 24.48
CA HIS A 744 3.72 -5.74 23.26
C HIS A 744 2.54 -6.19 22.41
N SER A 745 1.49 -6.72 23.03
CA SER A 745 0.30 -7.14 22.28
C SER A 745 -0.33 -5.96 21.57
N PHE A 746 -0.45 -4.83 22.27
CA PHE A 746 -1.02 -3.65 21.64
C PHE A 746 -0.17 -3.19 20.46
N MET A 747 1.16 -3.19 20.64
CA MET A 747 2.04 -2.75 19.56
C MET A 747 1.92 -3.65 18.34
N ILE A 748 1.84 -4.97 18.56
CA ILE A 748 1.77 -5.89 17.41
C ILE A 748 0.43 -5.75 16.69
N VAL A 749 -0.68 -5.59 17.42
CA VAL A 749 -1.95 -5.41 16.74
C VAL A 749 -1.99 -4.06 16.00
N PHE A 750 -1.39 -3.02 16.60
CA PHE A 750 -1.32 -1.73 15.92
C PHE A 750 -0.52 -1.82 14.63
N ARG A 751 0.61 -2.55 14.68
CA ARG A 751 1.39 -2.76 13.46
C ARG A 751 0.57 -3.50 12.41
N ALA A 752 -0.23 -4.47 12.82
CA ALA A 752 -1.10 -5.13 11.85
C ALA A 752 -2.08 -4.14 11.24
N LEU A 753 -2.65 -3.26 12.06
CA LEU A 753 -3.56 -2.24 11.53
C LEU A 753 -2.84 -1.31 10.56
N CYS A 754 -1.55 -1.08 10.75
CA CYS A 754 -0.79 -0.29 9.79
C CYS A 754 -0.55 -1.02 8.47
N GLY A 755 -0.82 -2.32 8.41
CA GLY A 755 -0.70 -3.08 7.17
C GLY A 755 0.35 -4.17 7.17
N GLU A 756 1.04 -4.44 8.27
CA GLU A 756 2.05 -5.50 8.35
C GLU A 756 1.54 -6.57 9.31
N TRP A 757 1.13 -7.71 8.76
CA TRP A 757 0.54 -8.76 9.59
C TRP A 757 1.21 -10.12 9.41
N ILE A 758 1.81 -10.38 8.25
CA ILE A 758 2.17 -11.75 7.92
C ILE A 758 3.40 -12.25 8.68
N GLU A 759 4.38 -11.38 8.94
CA GLU A 759 5.57 -11.83 9.67
C GLU A 759 5.23 -12.18 11.12
N SER A 760 4.39 -11.36 11.76
CA SER A 760 3.89 -11.70 13.08
C SER A 760 3.13 -13.01 13.05
N MET A 761 2.35 -13.24 12.00
CA MET A 761 1.61 -14.49 11.87
C MET A 761 2.57 -15.67 11.73
N TRP A 762 3.68 -15.49 11.01
CA TRP A 762 4.66 -16.57 10.91
C TRP A 762 5.19 -16.93 12.29
N ASP A 763 5.55 -15.93 13.10
CA ASP A 763 6.03 -16.25 14.45
C ASP A 763 4.94 -16.96 15.27
N CYS A 764 3.70 -16.44 15.20
CA CYS A 764 2.61 -17.02 15.97
C CYS A 764 2.39 -18.48 15.60
N MET A 765 2.39 -18.79 14.31
CA MET A 765 2.24 -20.17 13.87
C MET A 765 3.42 -21.01 14.32
N LEU A 766 4.64 -20.46 14.27
CA LEU A 766 5.81 -21.24 14.62
C LEU A 766 5.72 -21.75 16.05
N VAL A 767 5.23 -20.92 16.97
CA VAL A 767 5.07 -21.38 18.35
C VAL A 767 3.63 -21.77 18.69
N GLY A 768 2.69 -21.63 17.75
CA GLY A 768 1.30 -21.91 18.05
C GLY A 768 0.65 -22.92 17.13
N ASP A 769 -0.53 -22.59 16.62
CA ASP A 769 -1.29 -23.49 15.76
C ASP A 769 -2.09 -22.65 14.77
N TRP A 770 -3.10 -23.26 14.15
CA TRP A 770 -3.85 -22.61 13.08
C TRP A 770 -4.60 -21.37 13.55
N SER A 771 -4.88 -21.25 14.84
CA SER A 771 -5.73 -20.14 15.29
C SER A 771 -5.13 -18.79 14.96
N CYS A 772 -3.83 -18.73 14.70
CA CYS A 772 -3.20 -17.46 14.39
C CYS A 772 -3.69 -16.89 13.06
N ILE A 773 -4.01 -17.76 12.09
CA ILE A 773 -4.37 -17.27 10.76
C ILE A 773 -5.64 -16.42 10.84
N PRO A 774 -6.76 -16.93 11.34
CA PRO A 774 -7.96 -16.08 11.37
C PRO A 774 -7.75 -14.80 12.17
N PHE A 775 -7.04 -14.88 13.29
CA PHE A 775 -6.89 -13.73 14.16
C PHE A 775 -6.26 -12.56 13.41
N PHE A 776 -5.09 -12.78 12.82
CA PHE A 776 -4.41 -11.68 12.18
C PHE A 776 -5.22 -11.19 10.98
N VAL A 777 -5.84 -12.13 10.25
CA VAL A 777 -6.63 -11.70 9.10
C VAL A 777 -7.74 -10.79 9.56
N ALA A 778 -8.42 -11.18 10.64
CA ALA A 778 -9.52 -10.35 11.11
C ALA A 778 -8.98 -8.98 11.51
N VAL A 779 -7.86 -8.97 12.23
CA VAL A 779 -7.29 -7.69 12.64
C VAL A 779 -7.02 -6.84 11.42
N PHE A 780 -6.41 -7.42 10.39
CA PHE A 780 -6.10 -6.63 9.21
C PHE A 780 -7.38 -6.12 8.54
N PHE A 781 -8.38 -7.00 8.39
CA PHE A 781 -9.56 -6.60 7.64
C PHE A 781 -10.31 -5.48 8.35
N VAL A 782 -10.59 -5.66 9.64
CA VAL A 782 -11.36 -4.67 10.38
C VAL A 782 -10.58 -3.36 10.48
N GLY A 783 -9.31 -3.45 10.91
CA GLY A 783 -8.56 -2.23 11.17
C GLY A 783 -8.22 -1.45 9.90
N ASN A 784 -7.65 -2.13 8.91
CA ASN A 784 -7.12 -1.44 7.74
C ASN A 784 -8.18 -1.18 6.68
N LEU A 785 -8.96 -2.19 6.34
CA LEU A 785 -9.87 -2.09 5.21
C LEU A 785 -11.22 -1.45 5.57
N VAL A 786 -11.49 -1.24 6.86
CA VAL A 786 -12.75 -0.66 7.29
C VAL A 786 -12.52 0.65 8.03
N ILE A 787 -11.78 0.59 9.15
CA ILE A 787 -11.63 1.77 10.00
C ILE A 787 -10.83 2.87 9.30
N LEU A 788 -9.68 2.50 8.71
CA LEU A 788 -8.87 3.52 8.04
C LEU A 788 -9.60 4.10 6.83
N ASN A 789 -10.29 3.23 6.08
CA ASN A 789 -11.10 3.71 4.97
C ASN A 789 -12.21 4.65 5.46
N LEU A 790 -12.79 4.35 6.63
CA LEU A 790 -13.78 5.26 7.19
C LEU A 790 -13.16 6.60 7.57
N LEU A 791 -11.91 6.59 8.02
CA LEU A 791 -11.24 7.85 8.34
C LEU A 791 -11.01 8.68 7.09
N ILE A 792 -10.61 8.04 6.00
CA ILE A 792 -10.44 8.81 4.76
C ILE A 792 -11.78 9.32 4.25
N ALA A 793 -12.85 8.53 4.43
CA ALA A 793 -14.18 9.03 4.08
C ALA A 793 -14.55 10.27 4.89
N LEU A 794 -14.18 10.30 6.17
CA LEU A 794 -14.41 11.51 6.95
C LEU A 794 -13.62 12.68 6.38
N LEU A 795 -12.35 12.44 6.05
CA LEU A 795 -11.53 13.52 5.49
C LEU A 795 -12.13 14.03 4.20
N LEU A 796 -12.55 13.13 3.32
CA LEU A 796 -13.15 13.54 2.05
C LEU A 796 -14.42 14.34 2.29
N ASN A 797 -15.25 13.91 3.23
CA ASN A 797 -16.48 14.64 3.51
C ASN A 797 -16.18 16.04 4.03
N ASN A 798 -15.08 16.19 4.78
CA ASN A 798 -14.76 17.50 5.36
C ASN A 798 -13.81 18.30 4.46
N TYR A 799 -12.66 17.73 4.12
CA TYR A 799 -11.73 18.35 3.18
C TYR A 799 -12.18 18.02 1.76
N GLY A 800 -13.35 18.54 1.41
CA GLY A 800 -13.93 18.30 0.10
C GLY A 800 -15.42 18.57 0.12
N TRP A 897 9.07 36.02 -47.52
CA TRP A 897 8.89 36.00 -46.08
C TRP A 897 7.49 35.52 -45.71
N SER A 898 6.48 36.27 -46.16
CA SER A 898 5.11 35.91 -45.86
C SER A 898 4.75 34.56 -46.47
N ASN A 899 5.29 34.27 -47.66
CA ASN A 899 5.06 32.97 -48.27
C ASN A 899 5.79 31.87 -47.51
N ILE A 900 7.00 32.16 -47.02
CA ILE A 900 7.71 31.18 -46.20
C ILE A 900 6.90 30.88 -44.94
N ARG A 901 6.33 31.92 -44.32
CA ARG A 901 5.48 31.68 -43.17
C ARG A 901 4.25 30.86 -43.56
N ARG A 902 3.69 31.12 -44.73
CA ARG A 902 2.57 30.34 -45.21
C ARG A 902 2.92 28.85 -45.29
N VAL A 903 4.03 28.53 -45.96
CA VAL A 903 4.37 27.12 -46.15
C VAL A 903 4.73 26.47 -44.81
N CYS A 904 5.44 27.19 -43.95
CA CYS A 904 5.79 26.62 -42.66
C CYS A 904 4.53 26.35 -41.84
N PHE A 905 3.57 27.27 -41.88
CA PHE A 905 2.30 27.08 -41.18
C PHE A 905 1.56 25.87 -41.71
N LEU A 906 1.48 25.72 -43.03
CA LEU A 906 0.78 24.56 -43.58
C LEU A 906 1.49 23.27 -43.20
N LEU A 907 2.82 23.27 -43.20
CA LEU A 907 3.57 22.07 -42.82
C LEU A 907 3.38 21.74 -41.34
N ALA A 908 3.35 22.76 -40.48
CA ALA A 908 3.22 22.54 -39.04
C ALA A 908 1.86 21.97 -38.67
N LYS A 909 0.81 22.37 -39.38
CA LYS A 909 -0.53 21.88 -39.10
C LYS A 909 -0.83 20.56 -39.80
N ASN A 910 0.07 20.06 -40.62
CA ASN A 910 -0.20 18.88 -41.44
C ASN A 910 -0.15 17.60 -40.59
N LYS A 911 -1.15 16.74 -40.79
CA LYS A 911 -1.24 15.49 -40.04
C LYS A 911 0.00 14.61 -40.21
N TYR A 912 0.40 14.38 -41.47
CA TYR A 912 1.48 13.44 -41.72
C TYR A 912 2.79 13.91 -41.10
N PHE A 913 3.04 15.23 -41.14
CA PHE A 913 4.26 15.77 -40.54
C PHE A 913 4.31 15.49 -39.05
N GLN A 914 3.18 15.69 -38.36
CA GLN A 914 3.12 15.40 -36.92
C GLN A 914 3.33 13.93 -36.64
N LYS A 915 2.72 13.05 -37.45
CA LYS A 915 2.92 11.62 -37.25
C LYS A 915 4.38 11.23 -37.44
N PHE A 916 5.03 11.81 -38.45
CA PHE A 916 6.45 11.54 -38.68
C PHE A 916 7.29 11.98 -37.49
N VAL A 917 7.03 13.18 -36.97
CA VAL A 917 7.78 13.67 -35.81
C VAL A 917 7.59 12.73 -34.62
N THR A 918 6.34 12.33 -34.36
CA THR A 918 6.08 11.45 -33.23
C THR A 918 6.81 10.12 -33.39
N ALA A 919 6.81 9.56 -34.60
CA ALA A 919 7.49 8.29 -34.83
C ALA A 919 8.99 8.43 -34.57
N VAL A 920 9.60 9.52 -35.04
CA VAL A 920 11.03 9.72 -34.80
C VAL A 920 11.31 9.77 -33.30
N LEU A 921 10.49 10.54 -32.57
CA LEU A 921 10.68 10.66 -31.14
C LEU A 921 10.61 9.29 -30.46
N VAL A 922 9.61 8.49 -30.82
CA VAL A 922 9.42 7.20 -30.18
C VAL A 922 10.60 6.27 -30.46
N ILE A 923 11.05 6.24 -31.73
CA ILE A 923 12.12 5.31 -32.09
C ILE A 923 13.41 5.68 -31.37
N THR A 924 13.76 6.97 -31.34
CA THR A 924 15.00 7.33 -30.68
C THR A 924 14.92 7.16 -29.16
N SER A 925 13.72 7.33 -28.59
CA SER A 925 13.60 7.07 -27.16
C SER A 925 13.77 5.57 -26.87
N VAL A 926 13.21 4.71 -27.72
CA VAL A 926 13.45 3.29 -27.56
C VAL A 926 14.95 2.99 -27.68
N LEU A 927 15.62 3.66 -28.60
CA LEU A 927 17.06 3.44 -28.75
C LEU A 927 17.81 3.79 -27.47
N LEU A 928 17.29 4.74 -26.69
CA LEU A 928 17.99 5.10 -25.44
C LEU A 928 18.03 3.92 -24.47
N ALA A 929 16.97 3.11 -24.44
CA ALA A 929 16.87 2.02 -23.49
C ALA A 929 17.91 0.92 -23.71
N LEU A 930 18.59 0.91 -24.86
CA LEU A 930 19.60 -0.10 -25.17
C LEU A 930 21.00 0.27 -24.68
N GLU A 931 21.18 1.42 -24.03
CA GLU A 931 22.51 1.86 -23.59
C GLU A 931 22.80 1.35 -22.17
N ASP A 932 22.91 0.03 -22.07
CA ASP A 932 23.13 -0.64 -20.80
C ASP A 932 24.62 -0.91 -20.60
N ILE A 933 24.94 -1.66 -19.54
CA ILE A 933 26.34 -1.88 -19.17
C ILE A 933 27.10 -2.64 -20.24
N TYR A 934 26.42 -3.37 -21.11
CA TYR A 934 27.09 -4.13 -22.15
C TYR A 934 27.36 -3.30 -23.40
N LEU A 935 26.88 -2.05 -23.45
CA LEU A 935 27.06 -1.24 -24.65
C LEU A 935 28.51 -1.12 -25.09
N PRO A 936 29.48 -0.88 -24.21
CA PRO A 936 30.86 -0.72 -24.68
C PRO A 936 31.39 -1.93 -25.44
N GLN A 937 30.82 -3.11 -25.20
CA GLN A 937 31.25 -4.34 -25.88
C GLN A 937 30.60 -4.50 -27.24
N ARG A 938 29.80 -3.55 -27.70
CA ARG A 938 29.01 -3.67 -28.93
C ARG A 938 29.32 -2.50 -29.85
N PRO A 939 30.42 -2.57 -30.61
CA PRO A 939 30.84 -1.39 -31.39
C PRO A 939 29.79 -0.89 -32.37
N VAL A 940 29.06 -1.80 -33.01
CA VAL A 940 28.05 -1.40 -33.99
C VAL A 940 26.99 -0.53 -33.31
N LEU A 941 26.59 -0.92 -32.11
CA LEU A 941 25.59 -0.13 -31.37
C LEU A 941 26.17 1.23 -30.97
N VAL A 942 27.43 1.27 -30.57
CA VAL A 942 28.07 2.53 -30.23
C VAL A 942 28.00 3.49 -31.42
N ASN A 943 28.35 2.97 -32.61
CA ASN A 943 28.32 3.80 -33.81
C ASN A 943 26.91 4.24 -34.15
N ILE A 944 25.93 3.33 -34.06
CA ILE A 944 24.57 3.70 -34.39
C ILE A 944 24.08 4.81 -33.46
N THR A 945 24.36 4.70 -32.16
CA THR A 945 23.91 5.72 -31.23
C THR A 945 24.56 7.07 -31.52
N LEU A 946 25.86 7.07 -31.84
CA LEU A 946 26.52 8.34 -32.16
C LEU A 946 25.90 8.99 -33.40
N TYR A 947 25.68 8.19 -34.45
CA TYR A 947 25.07 8.73 -35.66
C TYR A 947 23.68 9.30 -35.36
N VAL A 948 22.91 8.57 -34.55
CA VAL A 948 21.55 9.01 -34.23
C VAL A 948 21.60 10.32 -33.47
N ASP A 949 22.60 10.50 -32.60
CA ASP A 949 22.75 11.77 -31.91
C ASP A 949 22.95 12.91 -32.89
N TYR A 950 23.84 12.73 -33.86
CA TYR A 950 24.07 13.81 -34.84
C TYR A 950 22.79 14.12 -35.62
N VAL A 951 22.11 13.07 -36.09
CA VAL A 951 20.90 13.28 -36.88
C VAL A 951 19.85 14.01 -36.06
N LEU A 952 19.70 13.62 -34.78
CA LEU A 952 18.71 14.25 -33.92
C LEU A 952 19.04 15.71 -33.69
N THR A 953 20.32 16.04 -33.54
CA THR A 953 20.69 17.45 -33.41
C THR A 953 20.18 18.25 -34.61
N ALA A 954 20.48 17.76 -35.82
CA ALA A 954 20.00 18.47 -37.01
C ALA A 954 18.47 18.55 -37.03
N PHE A 955 17.82 17.45 -36.69
CA PHE A 955 16.36 17.38 -36.72
C PHE A 955 15.74 18.40 -35.77
N PHE A 956 16.26 18.48 -34.54
CA PHE A 956 15.72 19.43 -33.58
C PHE A 956 15.91 20.86 -34.05
N VAL A 957 17.09 21.19 -34.60
CA VAL A 957 17.31 22.56 -35.05
C VAL A 957 16.32 22.92 -36.16
N ILE A 958 16.17 22.04 -37.15
CA ILE A 958 15.28 22.33 -38.27
C ILE A 958 13.83 22.43 -37.79
N GLU A 959 13.44 21.55 -36.88
CA GLU A 959 12.08 21.59 -36.35
C GLU A 959 11.82 22.91 -35.61
N MET A 960 12.81 23.38 -34.84
CA MET A 960 12.63 24.65 -34.15
C MET A 960 12.43 25.78 -35.14
N ILE A 961 13.22 25.80 -36.21
CA ILE A 961 13.07 26.85 -37.21
C ILE A 961 11.70 26.78 -37.87
N ILE A 962 11.23 25.58 -38.21
CA ILE A 962 9.93 25.45 -38.85
C ILE A 962 8.83 25.93 -37.91
N MET A 963 8.88 25.54 -36.64
CA MET A 963 7.86 25.97 -35.70
C MET A 963 7.88 27.48 -35.51
N LEU A 964 9.07 28.08 -35.46
CA LEU A 964 9.15 29.53 -35.30
C LEU A 964 8.53 30.24 -36.51
N PHE A 965 8.85 29.78 -37.72
CA PHE A 965 8.23 30.39 -38.89
C PHE A 965 6.72 30.14 -38.92
N ALA A 966 6.27 29.04 -38.33
CA ALA A 966 4.84 28.72 -38.35
C ALA A 966 4.07 29.63 -37.39
N VAL A 967 4.40 29.58 -36.10
CA VAL A 967 3.62 30.30 -35.10
C VAL A 967 4.22 31.64 -34.70
N GLY A 968 5.51 31.86 -34.95
CA GLY A 968 6.15 33.12 -34.61
C GLY A 968 6.77 33.13 -33.23
N PHE A 969 7.52 34.20 -32.96
CA PHE A 969 8.27 34.30 -31.72
C PHE A 969 7.36 34.34 -30.50
N LYS A 970 6.32 35.16 -30.56
CA LYS A 970 5.53 35.44 -29.36
C LYS A 970 4.68 34.23 -28.97
N LYS A 971 4.06 33.58 -29.94
CA LYS A 971 3.36 32.33 -29.64
C LYS A 971 4.33 31.27 -29.15
N TYR A 972 5.50 31.17 -29.78
CA TYR A 972 6.44 30.11 -29.45
C TYR A 972 6.95 30.23 -28.02
N PHE A 973 7.36 31.43 -27.62
CA PHE A 973 8.04 31.62 -26.35
C PHE A 973 7.09 31.89 -25.19
N THR A 974 5.77 31.85 -25.41
CA THR A 974 4.78 31.90 -24.34
C THR A 974 4.10 30.56 -24.13
N SER A 975 4.57 29.50 -24.76
CA SER A 975 4.01 28.16 -24.60
C SER A 975 4.97 27.29 -23.81
N LYS A 976 4.45 26.54 -22.83
CA LYS A 976 5.31 25.67 -22.02
C LYS A 976 5.83 24.50 -22.84
N TRP A 977 5.01 23.95 -23.73
CA TRP A 977 5.46 22.86 -24.58
C TRP A 977 6.64 23.28 -25.45
N TYR A 978 6.49 24.41 -26.14
CA TYR A 978 7.58 24.88 -26.98
C TYR A 978 8.79 25.27 -26.16
N TRP A 979 8.61 25.66 -24.89
CA TRP A 979 9.76 25.91 -24.03
C TRP A 979 10.51 24.62 -23.71
N LEU A 980 9.77 23.54 -23.46
CA LEU A 980 10.42 22.24 -23.28
C LEU A 980 11.21 21.85 -24.52
N ASP A 981 10.61 22.05 -25.71
CA ASP A 981 11.31 21.74 -26.95
C ASP A 981 12.56 22.59 -27.10
N PHE A 982 12.47 23.88 -26.77
CA PHE A 982 13.61 24.79 -26.90
C PHE A 982 14.74 24.37 -25.96
N ILE A 983 14.41 23.94 -24.75
CA ILE A 983 15.46 23.49 -23.83
C ILE A 983 16.16 22.26 -24.39
N VAL A 984 15.39 21.35 -25.00
CA VAL A 984 16.03 20.17 -25.59
C VAL A 984 16.95 20.58 -26.74
N VAL A 985 16.53 21.57 -27.53
CA VAL A 985 17.37 22.03 -28.65
C VAL A 985 18.67 22.63 -28.12
N VAL A 986 18.58 23.41 -27.04
CA VAL A 986 19.78 24.03 -26.50
C VAL A 986 20.71 22.98 -25.93
N ALA A 987 20.16 21.99 -25.22
CA ALA A 987 21.01 20.95 -24.67
C ALA A 987 21.76 20.21 -25.77
N TYR A 988 21.07 19.90 -26.87
CA TYR A 988 21.74 19.18 -27.94
C TYR A 988 22.76 20.05 -28.66
N LEU A 989 22.49 21.34 -28.82
CA LEU A 989 23.50 22.23 -29.40
C LEU A 989 24.74 22.32 -28.52
N LEU A 990 24.54 22.39 -27.20
CA LEU A 990 25.67 22.45 -26.28
C LEU A 990 26.49 21.17 -26.36
N ASN A 991 25.83 20.00 -26.40
CA ASN A 991 26.59 18.77 -26.55
C ASN A 991 27.34 18.73 -27.88
N PHE A 992 26.72 19.25 -28.94
CA PHE A 992 27.41 19.29 -30.24
C PHE A 992 28.67 20.13 -30.15
N VAL A 993 28.59 21.29 -29.50
CA VAL A 993 29.75 22.16 -29.40
C VAL A 993 30.82 21.50 -28.53
N LEU A 994 30.41 20.83 -27.46
CA LEU A 994 31.39 20.13 -26.61
C LEU A 994 32.10 19.03 -27.38
N MET A 995 31.35 18.25 -28.16
CA MET A 995 31.97 17.18 -28.95
C MET A 995 32.93 17.74 -29.99
N CYS A 996 32.57 18.88 -30.60
CA CYS A 996 33.49 19.49 -31.56
C CYS A 996 34.80 19.88 -30.91
N ALA A 997 34.75 20.45 -29.70
CA ALA A 997 35.95 20.84 -28.99
C ALA A 997 36.73 19.66 -28.45
N GLY A 998 36.22 18.44 -28.58
CA GLY A 998 36.88 17.28 -28.03
C GLY A 998 36.53 16.95 -26.60
N ILE A 999 35.39 17.42 -26.11
CA ILE A 999 34.97 17.20 -24.72
C ILE A 999 33.80 16.22 -24.75
N GLU A 1000 33.89 15.18 -23.93
CA GLU A 1000 32.89 14.12 -23.93
C GLU A 1000 31.51 14.69 -23.62
N ALA A 1001 30.52 14.28 -24.42
CA ALA A 1001 29.17 14.79 -24.26
C ALA A 1001 28.62 14.44 -22.89
N LEU A 1002 27.88 15.38 -22.29
CA LEU A 1002 27.18 15.11 -21.05
C LEU A 1002 26.05 14.13 -21.29
N GLN A 1003 25.96 13.10 -20.46
CA GLN A 1003 24.91 12.10 -20.62
C GLN A 1003 23.53 12.65 -20.26
N THR A 1004 23.44 13.45 -19.19
CA THR A 1004 22.14 13.96 -18.77
C THR A 1004 21.51 14.83 -19.86
N LEU A 1005 22.34 15.63 -20.54
CA LEU A 1005 21.81 16.53 -21.55
C LEU A 1005 21.19 15.74 -22.68
N ARG A 1006 21.88 14.71 -23.16
CA ARG A 1006 21.31 13.93 -24.25
C ARG A 1006 20.18 13.03 -23.77
N LEU A 1007 20.07 12.79 -22.46
CA LEU A 1007 18.91 12.07 -21.95
C LEU A 1007 17.68 12.96 -21.85
N LEU A 1008 17.85 14.28 -21.97
CA LEU A 1008 16.68 15.15 -21.85
C LEU A 1008 15.68 14.96 -22.98
N ARG A 1009 16.03 14.26 -24.06
CA ARG A 1009 15.12 14.14 -25.20
C ARG A 1009 13.91 13.27 -24.89
N VAL A 1010 13.98 12.43 -23.85
CA VAL A 1010 12.83 11.59 -23.49
C VAL A 1010 11.63 12.44 -23.09
N PHE A 1011 11.87 13.66 -22.62
CA PHE A 1011 10.77 14.51 -22.21
C PHE A 1011 9.89 14.96 -23.38
N ARG A 1012 10.36 14.77 -24.62
CA ARG A 1012 9.53 15.09 -25.77
C ARG A 1012 8.33 14.15 -25.90
N LEU A 1013 8.36 13.00 -25.20
CA LEU A 1013 7.29 12.02 -25.36
C LEU A 1013 5.96 12.47 -24.76
N PHE A 1014 5.97 13.46 -23.87
CA PHE A 1014 4.77 13.74 -23.09
C PHE A 1014 3.69 14.43 -23.91
N ARG A 1015 4.06 15.31 -24.83
CA ARG A 1015 3.03 15.96 -25.63
C ARG A 1015 2.25 14.98 -26.47
N PRO A 1016 2.87 14.09 -27.26
CA PRO A 1016 2.07 13.07 -27.95
C PRO A 1016 1.29 12.16 -27.00
N LEU A 1017 1.85 11.89 -25.82
CA LEU A 1017 1.13 11.09 -24.84
C LEU A 1017 -0.16 11.78 -24.40
N SER A 1018 -0.10 13.09 -24.19
CA SER A 1018 -1.27 13.83 -23.71
C SER A 1018 -2.40 13.85 -24.72
N LYS A 1019 -2.14 13.51 -25.99
CA LYS A 1019 -3.14 13.54 -27.04
C LYS A 1019 -3.78 12.18 -27.31
N VAL A 1020 -3.42 11.14 -26.57
CA VAL A 1020 -4.03 9.83 -26.77
C VAL A 1020 -5.51 9.88 -26.42
N ASN A 1021 -6.29 9.00 -27.06
CA ASN A 1021 -7.73 8.97 -26.87
C ASN A 1021 -8.10 8.75 -25.40
N GLY A 1022 -8.86 9.70 -24.84
CA GLY A 1022 -9.33 9.60 -23.49
C GLY A 1022 -8.32 10.00 -22.42
N MET A 1023 -7.11 10.39 -22.81
CA MET A 1023 -6.10 10.80 -21.85
C MET A 1023 -6.35 12.20 -21.30
N GLN A 1024 -7.14 13.01 -22.00
CA GLN A 1024 -7.29 14.41 -21.62
C GLN A 1024 -7.87 14.55 -20.22
N VAL A 1025 -8.81 13.67 -19.85
CA VAL A 1025 -9.41 13.76 -18.52
C VAL A 1025 -8.35 13.55 -17.44
N VAL A 1026 -7.44 12.59 -17.65
CA VAL A 1026 -6.44 12.26 -16.64
C VAL A 1026 -5.44 13.40 -16.47
N THR A 1027 -4.91 13.90 -17.58
CA THR A 1027 -3.94 15.00 -17.52
C THR A 1027 -4.58 16.28 -16.99
N SER A 1028 -5.83 16.55 -17.37
CA SER A 1028 -6.52 17.71 -16.82
C SER A 1028 -6.68 17.60 -15.31
N THR A 1029 -7.02 16.41 -14.82
CA THR A 1029 -7.14 16.21 -13.38
C THR A 1029 -5.82 16.49 -12.67
N LEU A 1030 -4.72 15.95 -13.20
CA LEU A 1030 -3.43 16.16 -12.55
C LEU A 1030 -3.03 17.64 -12.59
N VAL A 1031 -3.21 18.29 -13.73
CA VAL A 1031 -2.83 19.69 -13.85
C VAL A 1031 -3.62 20.55 -12.87
N GLU A 1032 -4.93 20.29 -12.78
CA GLU A 1032 -5.75 21.03 -11.84
C GLU A 1032 -5.39 20.72 -10.39
N ALA A 1033 -4.93 19.49 -10.11
CA ALA A 1033 -4.63 19.11 -8.73
C ALA A 1033 -3.31 19.65 -8.21
N VAL A 1034 -2.38 20.00 -9.11
CA VAL A 1034 -1.03 20.39 -8.67
C VAL A 1034 -1.03 21.42 -7.53
N PRO A 1035 -1.73 22.55 -7.62
CA PRO A 1035 -1.62 23.55 -6.54
C PRO A 1035 -2.05 23.04 -5.17
N HIS A 1036 -3.14 22.27 -5.13
CA HIS A 1036 -3.60 21.71 -3.87
C HIS A 1036 -2.60 20.73 -3.30
N ILE A 1037 -1.99 19.92 -4.17
CA ILE A 1037 -0.95 19.00 -3.74
C ILE A 1037 0.21 19.77 -3.12
N PHE A 1038 0.56 20.91 -3.71
CA PHE A 1038 1.64 21.73 -3.17
C PHE A 1038 1.29 22.26 -1.78
N ASN A 1039 0.04 22.72 -1.60
CA ASN A 1039 -0.38 23.20 -0.29
C ASN A 1039 -0.29 22.08 0.75
N VAL A 1040 -0.73 20.88 0.38
CA VAL A 1040 -0.64 19.75 1.31
C VAL A 1040 0.81 19.46 1.66
N ILE A 1041 1.71 19.53 0.67
CA ILE A 1041 3.12 19.27 0.96
C ILE A 1041 3.65 20.28 1.96
N LEU A 1042 3.28 21.56 1.80
CA LEU A 1042 3.76 22.58 2.72
C LEU A 1042 3.28 22.32 4.15
N VAL A 1043 1.99 22.01 4.29
CA VAL A 1043 1.45 21.75 5.63
C VAL A 1043 2.12 20.53 6.24
N GLY A 1044 2.32 19.47 5.45
CA GLY A 1044 3.01 18.30 5.96
C GLY A 1044 4.42 18.61 6.41
N ILE A 1045 5.12 19.45 5.67
CA ILE A 1045 6.48 19.83 6.05
C ILE A 1045 6.46 20.55 7.39
N PHE A 1046 5.47 21.41 7.61
CA PHE A 1046 5.37 22.12 8.90
C PHE A 1046 5.18 21.14 10.06
N PHE A 1047 4.20 20.24 9.95
CA PHE A 1047 3.95 19.29 11.03
C PHE A 1047 5.16 18.37 11.24
N TRP A 1048 5.80 17.97 10.15
CA TRP A 1048 6.98 17.11 10.27
C TRP A 1048 8.14 17.87 10.88
N LEU A 1049 8.22 19.19 10.69
CA LEU A 1049 9.23 19.97 11.40
C LEU A 1049 9.00 19.90 12.90
N VAL A 1050 7.76 20.04 13.33
CA VAL A 1050 7.49 19.93 14.77
C VAL A 1050 7.99 18.59 15.30
N PHE A 1051 7.58 17.51 14.63
CA PHE A 1051 7.98 16.19 15.12
C PHE A 1051 9.49 15.97 14.99
N ALA A 1052 10.14 16.59 13.99
CA ALA A 1052 11.58 16.41 13.82
C ALA A 1052 12.37 17.11 14.91
N ILE A 1053 11.94 18.31 15.30
CA ILE A 1053 12.60 18.98 16.41
C ILE A 1053 12.44 18.17 17.69
N MET A 1054 11.23 17.63 17.91
CA MET A 1054 11.04 16.78 19.08
C MET A 1054 11.95 15.54 19.03
N GLY A 1055 12.06 14.94 17.85
CA GLY A 1055 12.90 13.75 17.72
C GLY A 1055 14.36 14.04 17.98
N VAL A 1056 14.85 15.17 17.50
CA VAL A 1056 16.23 15.56 17.78
C VAL A 1056 16.41 15.77 19.27
N GLN A 1057 15.43 16.40 19.93
CA GLN A 1057 15.54 16.57 21.38
C GLN A 1057 15.58 15.23 22.10
N LEU A 1058 14.86 14.23 21.60
CA LEU A 1058 14.79 12.96 22.32
C LEU A 1058 15.99 12.06 22.04
N PHE A 1059 16.42 11.96 20.79
CA PHE A 1059 17.29 10.87 20.35
C PHE A 1059 18.64 11.31 19.78
N ALA A 1060 18.89 12.61 19.65
CA ALA A 1060 20.11 13.05 18.99
C ALA A 1060 21.34 12.48 19.70
N GLY A 1061 22.21 11.85 18.92
CA GLY A 1061 23.48 11.35 19.41
C GLY A 1061 23.41 10.05 20.20
N LYS A 1062 22.24 9.40 20.26
CA LYS A 1062 22.05 8.26 21.13
C LYS A 1062 21.90 6.92 20.40
N PHE A 1063 22.13 6.89 19.09
CA PHE A 1063 22.04 5.65 18.34
C PHE A 1063 23.41 5.02 18.09
N TYR A 1064 24.45 5.51 18.75
CA TYR A 1064 25.75 4.87 18.70
C TYR A 1064 25.77 3.60 19.54
N LYS A 1065 26.55 2.62 19.10
CA LYS A 1065 26.71 1.41 19.90
C LYS A 1065 28.03 0.75 19.53
N CYS A 1066 28.44 -0.20 20.40
CA CYS A 1066 29.71 -0.89 20.27
C CYS A 1066 29.55 -2.20 19.52
N VAL A 1067 30.34 -2.38 18.47
CA VAL A 1067 30.33 -3.60 17.68
C VAL A 1067 31.78 -4.08 17.48
N ASP A 1068 31.90 -5.25 16.85
CA ASP A 1068 33.17 -5.91 16.57
C ASP A 1068 33.36 -6.17 15.08
N GLU A 1069 34.29 -7.05 14.71
CA GLU A 1069 34.58 -7.29 13.31
C GLU A 1069 33.31 -7.65 12.56
N ASN A 1070 32.52 -8.56 13.12
CA ASN A 1070 31.18 -8.78 12.61
C ASN A 1070 30.30 -7.72 13.25
N SER A 1071 29.39 -7.14 12.46
CA SER A 1071 28.65 -5.99 12.99
C SER A 1071 27.59 -6.51 13.95
N THR A 1072 28.07 -7.01 15.09
CA THR A 1072 27.23 -7.64 16.10
C THR A 1072 27.30 -6.80 17.38
N VAL A 1073 26.14 -6.37 17.87
CA VAL A 1073 26.12 -5.48 19.02
C VAL A 1073 26.58 -6.25 20.24
N LEU A 1074 27.53 -5.68 20.98
CA LEU A 1074 28.03 -6.31 22.20
C LEU A 1074 27.08 -6.05 23.37
N SER A 1075 27.20 -6.88 24.39
CA SER A 1075 26.42 -6.73 25.61
C SER A 1075 26.95 -5.58 26.46
N HIS A 1076 26.03 -4.91 27.15
CA HIS A 1076 26.41 -3.85 28.08
C HIS A 1076 27.20 -4.39 29.27
N GLU A 1077 27.07 -5.68 29.58
CA GLU A 1077 27.86 -6.26 30.66
C GLU A 1077 29.35 -6.29 30.33
N ILE A 1078 29.70 -6.24 29.05
CA ILE A 1078 31.09 -6.28 28.62
C ILE A 1078 31.60 -4.87 28.39
N THR A 1079 31.02 -4.18 27.42
CA THR A 1079 31.38 -2.79 27.11
C THR A 1079 30.24 -1.91 27.60
N MET A 1080 30.48 -1.22 28.72
CA MET A 1080 29.44 -0.40 29.36
C MET A 1080 29.19 0.90 28.62
N ASP A 1081 30.22 1.46 27.99
CA ASP A 1081 30.10 2.78 27.36
C ASP A 1081 31.17 2.90 26.27
N ARG A 1082 31.31 4.11 25.73
CA ARG A 1082 32.24 4.36 24.64
C ARG A 1082 33.68 4.07 25.08
N ASN A 1083 34.04 4.49 26.30
CA ASN A 1083 35.41 4.30 26.75
C ASN A 1083 35.78 2.83 26.82
N ASP A 1084 34.87 2.01 27.35
CA ASP A 1084 35.09 0.57 27.32
C ASP A 1084 35.22 0.07 25.90
N CYS A 1085 34.33 0.54 25.02
CA CYS A 1085 34.35 0.08 23.63
C CYS A 1085 35.71 0.30 22.99
N LEU A 1086 36.25 1.51 23.14
CA LEU A 1086 37.53 1.84 22.51
C LEU A 1086 38.73 1.25 23.24
N HIS A 1087 38.64 1.07 24.55
CA HIS A 1087 39.74 0.46 25.29
C HIS A 1087 39.97 -0.97 24.85
N GLU A 1088 38.89 -1.69 24.55
CA GLU A 1088 38.98 -3.03 23.97
C GLU A 1088 39.20 -3.03 22.46
N ASN A 1089 39.40 -1.85 21.86
CA ASN A 1089 39.64 -1.73 20.42
C ASN A 1089 38.44 -2.18 19.59
N TYR A 1090 37.24 -1.99 20.10
CA TYR A 1090 36.04 -2.25 19.32
C TYR A 1090 35.66 -1.00 18.53
N THR A 1091 34.53 -1.07 17.81
CA THR A 1091 34.06 0.04 16.98
C THR A 1091 32.84 0.68 17.63
N TRP A 1092 32.86 2.01 17.73
CA TRP A 1092 31.74 2.79 18.25
C TRP A 1092 31.03 3.38 17.03
N GLU A 1093 30.07 2.64 16.49
CA GLU A 1093 29.46 2.99 15.21
C GLU A 1093 28.05 3.52 15.39
N ASN A 1094 27.71 4.51 14.57
CA ASN A 1094 26.39 5.13 14.53
C ASN A 1094 25.48 4.39 13.57
N SER A 1095 24.17 4.53 13.80
CA SER A 1095 23.19 3.96 12.89
C SER A 1095 23.02 4.85 11.65
N PRO A 1096 22.90 4.26 10.46
CA PRO A 1096 22.73 5.11 9.27
C PRO A 1096 21.48 5.98 9.29
N MET A 1097 20.42 5.55 9.97
CA MET A 1097 19.24 6.39 10.16
C MET A 1097 19.20 6.79 11.63
N ASN A 1098 19.16 8.10 11.89
CA ASN A 1098 19.25 8.62 13.25
C ASN A 1098 18.59 10.00 13.27
N PHE A 1099 18.66 10.65 14.44
CA PHE A 1099 18.06 11.96 14.66
C PHE A 1099 19.12 12.97 15.10
N ASP A 1100 20.31 12.90 14.50
CA ASP A 1100 21.41 13.77 14.91
C ASP A 1100 21.13 15.23 14.60
N HIS A 1101 20.49 15.50 13.46
CA HIS A 1101 20.05 16.84 13.12
C HIS A 1101 18.73 16.73 12.36
N VAL A 1102 18.17 17.88 12.00
CA VAL A 1102 16.79 17.93 11.50
C VAL A 1102 16.65 17.24 10.15
N GLY A 1103 17.67 17.34 9.28
CA GLY A 1103 17.56 16.70 7.98
C GLY A 1103 17.49 15.19 8.08
N ASN A 1104 18.36 14.61 8.90
CA ASN A 1104 18.31 13.17 9.15
C ASN A 1104 16.98 12.79 9.80
N ALA A 1105 16.49 13.65 10.69
CA ALA A 1105 15.20 13.39 11.32
C ALA A 1105 14.08 13.35 10.30
N TYR A 1106 14.11 14.26 9.32
CA TYR A 1106 13.11 14.25 8.25
C TYR A 1106 13.16 12.94 7.48
N LEU A 1107 14.38 12.49 7.12
CA LEU A 1107 14.50 11.25 6.37
C LEU A 1107 13.99 10.05 7.18
N SER A 1108 14.33 10.00 8.48
CA SER A 1108 13.84 8.92 9.32
C SER A 1108 12.32 8.96 9.45
N LEU A 1109 11.76 10.16 9.55
CA LEU A 1109 10.31 10.26 9.67
C LEU A 1109 9.62 9.85 8.37
N LEU A 1110 10.24 10.11 7.23
CA LEU A 1110 9.69 9.60 5.98
C LEU A 1110 9.72 8.07 5.98
N GLN A 1111 10.81 7.48 6.46
CA GLN A 1111 10.85 6.02 6.57
C GLN A 1111 9.76 5.50 7.50
N VAL A 1112 9.47 6.23 8.59
CA VAL A 1112 8.45 5.79 9.53
C VAL A 1112 7.06 5.88 8.90
N ALA A 1113 6.75 7.02 8.29
CA ALA A 1113 5.40 7.26 7.78
C ALA A 1113 5.02 6.27 6.69
N THR A 1114 5.97 5.91 5.82
CA THR A 1114 5.68 4.93 4.78
C THR A 1114 5.78 3.50 5.30
N PHE A 1115 6.18 3.30 6.55
CA PHE A 1115 6.36 1.97 7.13
C PHE A 1115 7.37 1.14 6.34
N LYS A 1116 8.44 1.80 5.90
CA LYS A 1116 9.53 1.14 5.15
C LYS A 1116 10.84 1.46 5.86
N GLY A 1117 11.37 0.50 6.60
CA GLY A 1117 12.56 0.70 7.41
C GLY A 1117 12.29 1.16 8.83
N TRP A 1118 11.02 1.33 9.21
CA TRP A 1118 10.67 1.87 10.52
C TRP A 1118 11.05 0.94 11.68
N LEU A 1119 11.11 -0.37 11.46
CA LEU A 1119 11.38 -1.27 12.59
C LEU A 1119 12.75 -1.03 13.18
N GLN A 1120 13.77 -0.86 12.33
CA GLN A 1120 15.11 -0.62 12.85
C GLN A 1120 15.19 0.69 13.62
N ILE A 1121 14.54 1.73 13.09
CA ILE A 1121 14.55 3.03 13.75
C ILE A 1121 13.92 2.93 15.14
N MET A 1122 12.76 2.26 15.22
CA MET A 1122 12.09 2.12 16.51
C MET A 1122 12.88 1.23 17.47
N ASN A 1123 13.58 0.21 16.95
CA ASN A 1123 14.44 -0.58 17.82
C ASN A 1123 15.54 0.27 18.44
N ASP A 1124 16.16 1.13 17.63
CA ASP A 1124 17.19 2.01 18.17
C ASP A 1124 16.59 2.96 19.21
N ALA A 1125 15.40 3.50 18.90
CA ALA A 1125 14.80 4.49 19.79
C ALA A 1125 14.47 3.89 21.16
N ILE A 1126 13.89 2.68 21.18
CA ILE A 1126 13.49 2.09 22.46
C ILE A 1126 14.67 1.48 23.21
N ASP A 1127 15.82 1.30 22.58
CA ASP A 1127 17.02 0.88 23.28
C ASP A 1127 17.84 2.05 23.81
N SER A 1128 17.46 3.28 23.48
CA SER A 1128 18.31 4.44 23.71
C SER A 1128 18.48 4.74 25.20
N ARG A 1129 19.71 5.10 25.56
CA ARG A 1129 20.07 5.63 26.88
C ARG A 1129 20.78 6.97 26.66
N GLU A 1130 21.38 7.50 27.73
CA GLU A 1130 22.09 8.75 27.61
C GLU A 1130 23.30 8.60 26.68
N VAL A 1131 23.84 9.75 26.25
CA VAL A 1131 24.89 9.77 25.25
C VAL A 1131 26.16 9.14 25.80
N HIS A 1132 26.89 8.44 24.92
CA HIS A 1132 28.12 7.71 25.22
C HIS A 1132 27.88 6.40 25.96
N LYS A 1133 26.63 5.96 26.13
CA LYS A 1133 26.34 4.72 26.81
C LYS A 1133 25.91 3.63 25.81
N GLN A 1134 26.12 2.39 26.22
CA GLN A 1134 25.73 1.24 25.39
C GLN A 1134 24.22 1.03 25.48
N PRO A 1135 23.49 1.03 24.35
CA PRO A 1135 22.05 0.78 24.42
C PRO A 1135 21.73 -0.60 24.96
N ILE A 1136 20.57 -0.70 25.60
CA ILE A 1136 20.09 -1.95 26.20
C ILE A 1136 18.71 -2.26 25.64
N ARG A 1137 18.49 -3.52 25.29
CA ARG A 1137 17.23 -3.96 24.70
C ARG A 1137 16.03 -3.48 25.51
N GLU A 1138 15.21 -2.64 24.87
CA GLU A 1138 13.90 -2.23 25.41
C GLU A 1138 13.99 -1.52 26.76
N THR A 1139 15.12 -0.86 27.05
CA THR A 1139 15.21 -0.12 28.30
C THR A 1139 14.36 1.14 28.30
N ASN A 1140 13.92 1.62 27.13
CA ASN A 1140 13.14 2.86 27.01
C ASN A 1140 11.85 2.60 26.22
N ILE A 1141 11.11 1.56 26.62
CA ILE A 1141 10.01 1.04 25.82
C ILE A 1141 8.93 2.09 25.53
N TYR A 1142 8.72 3.02 26.46
CA TYR A 1142 7.57 3.92 26.27
C TYR A 1142 7.84 4.96 25.20
N MET A 1143 9.01 4.93 24.59
CA MET A 1143 9.25 5.79 23.44
C MET A 1143 8.37 5.38 22.28
N TYR A 1144 7.76 4.20 22.35
CA TYR A 1144 6.83 3.83 21.28
C TYR A 1144 5.73 4.87 21.13
N LEU A 1145 5.36 5.54 22.23
CA LEU A 1145 4.25 6.48 22.14
C LEU A 1145 4.56 7.57 21.12
N TYR A 1146 5.82 8.02 21.09
CA TYR A 1146 6.19 9.07 20.14
C TYR A 1146 5.79 8.65 18.72
N PHE A 1147 6.20 7.44 18.32
CA PHE A 1147 5.91 7.03 16.95
C PHE A 1147 4.42 6.87 16.73
N ILE A 1148 3.69 6.39 17.74
CA ILE A 1148 2.25 6.22 17.54
C ILE A 1148 1.64 7.55 17.20
N PHE A 1149 1.98 8.60 17.96
CA PHE A 1149 1.38 9.89 17.67
C PHE A 1149 1.74 10.33 16.27
N PHE A 1150 3.01 10.19 15.89
CA PHE A 1150 3.39 10.64 14.56
C PHE A 1150 2.63 9.88 13.51
N ILE A 1151 2.48 8.57 13.71
CA ILE A 1151 1.80 7.76 12.71
C ILE A 1151 0.36 8.20 12.60
N VAL A 1152 -0.30 8.47 13.72
CA VAL A 1152 -1.69 8.89 13.64
C VAL A 1152 -1.80 10.19 12.87
N PHE A 1153 -0.94 11.16 13.19
CA PHE A 1153 -1.10 12.49 12.62
C PHE A 1153 -0.32 12.73 11.33
N GLY A 1154 0.62 11.85 10.98
CA GLY A 1154 1.41 12.04 9.78
C GLY A 1154 1.01 11.14 8.64
N SER A 1155 0.76 9.86 8.95
CA SER A 1155 0.43 8.88 7.92
C SER A 1155 -1.07 8.71 7.73
N PHE A 1156 -1.85 8.65 8.81
CA PHE A 1156 -3.27 8.44 8.68
C PHE A 1156 -4.00 9.70 8.24
N PHE A 1157 -3.51 10.89 8.61
CA PHE A 1157 -4.20 12.13 8.30
C PHE A 1157 -3.59 12.87 7.12
N ILE A 1158 -2.31 13.25 7.22
CA ILE A 1158 -1.73 14.15 6.24
C ILE A 1158 -1.58 13.45 4.89
N LEU A 1159 -1.06 12.21 4.89
CA LEU A 1159 -0.77 11.55 3.64
C LEU A 1159 -2.03 11.10 2.90
N LYS A 1160 -3.16 11.01 3.58
CA LYS A 1160 -4.41 10.60 2.95
C LYS A 1160 -5.17 11.76 2.32
N LEU A 1161 -4.68 13.00 2.47
CA LEU A 1161 -5.34 14.12 1.81
C LEU A 1161 -5.16 14.07 0.31
N PHE A 1162 -4.03 13.53 -0.15
CA PHE A 1162 -3.74 13.46 -1.58
C PHE A 1162 -4.88 12.77 -2.32
N VAL A 1163 -5.35 11.64 -1.77
CA VAL A 1163 -6.41 10.87 -2.41
C VAL A 1163 -7.69 11.69 -2.44
N CYS A 1164 -8.03 12.36 -1.34
CA CYS A 1164 -9.27 13.12 -1.30
C CYS A 1164 -9.26 14.23 -2.35
N ILE A 1165 -8.11 14.88 -2.51
CA ILE A 1165 -8.00 15.92 -3.54
C ILE A 1165 -8.23 15.32 -4.92
N LEU A 1166 -7.57 14.19 -5.20
CA LEU A 1166 -7.71 13.61 -6.53
C LEU A 1166 -9.13 13.13 -6.80
N ILE A 1167 -9.78 12.53 -5.81
CA ILE A 1167 -11.16 12.09 -5.98
C ILE A 1167 -12.05 13.27 -6.34
N ASP A 1168 -11.94 14.34 -5.54
CA ASP A 1168 -12.81 15.49 -5.74
C ASP A 1168 -12.59 16.13 -7.10
N ILE A 1169 -11.32 16.26 -7.52
CA ILE A 1169 -11.05 16.93 -8.78
C ILE A 1169 -11.44 16.06 -9.98
N PHE A 1170 -11.17 14.74 -9.90
CA PHE A 1170 -11.52 13.89 -11.03
C PHE A 1170 -13.02 13.88 -11.29
N ARG A 1171 -13.83 13.92 -10.23
CA ARG A 1171 -15.27 13.96 -10.46
C ARG A 1171 -15.65 15.16 -11.33
N GLN A 1172 -15.13 16.35 -10.99
CA GLN A 1172 -15.44 17.56 -11.74
C GLN A 1172 -14.92 17.47 -13.17
N GLN A 1173 -13.70 16.97 -13.34
CA GLN A 1173 -13.15 16.92 -14.69
C GLN A 1173 -13.92 15.95 -15.57
N ARG A 1174 -14.37 14.83 -15.01
CA ARG A 1174 -15.19 13.92 -15.81
C ARG A 1174 -16.51 14.56 -16.16
N ARG A 1175 -17.10 15.33 -15.23
CA ARG A 1175 -18.30 16.07 -15.58
C ARG A 1175 -18.04 16.99 -16.75
N LYS A 1176 -16.88 17.65 -16.77
CA LYS A 1176 -16.52 18.49 -17.92
C LYS A 1176 -16.39 17.67 -19.19
N ALA A 1177 -15.77 16.49 -19.10
CA ALA A 1177 -15.51 15.70 -20.30
C ALA A 1177 -16.81 15.24 -20.95
N GLU A 1178 -17.78 14.84 -20.15
CA GLU A 1178 -19.06 14.35 -20.65
C GLU A 1178 -20.00 15.46 -21.08
N GLY A 1179 -19.59 16.73 -20.97
CA GLY A 1179 -20.41 17.83 -21.42
C GLY A 1179 -21.57 18.16 -20.51
N LEU A 1180 -21.52 17.74 -19.26
CA LEU A 1180 -22.58 18.01 -18.31
C LEU A 1180 -22.38 19.34 -17.60
N SER A 1181 -23.47 19.95 -17.17
CA SER A 1181 -23.40 21.22 -16.45
C SER A 1181 -22.90 21.01 -15.03
N ALA A 1182 -22.23 22.05 -14.51
CA ALA A 1182 -21.70 21.95 -13.15
C ALA A 1182 -22.75 22.28 -12.10
N THR A 1183 -23.75 23.09 -12.45
CA THR A 1183 -24.76 23.52 -11.50
C THR A 1183 -25.88 22.50 -11.30
N ASP A 1184 -25.92 21.44 -12.08
CA ASP A 1184 -27.00 20.46 -11.98
C ASP A 1184 -26.79 19.55 -10.77
N SER A 1185 -27.90 19.17 -10.14
CA SER A 1185 -27.85 18.28 -8.99
C SER A 1185 -27.71 16.83 -9.44
N ARG A 1186 -27.33 15.97 -8.50
CA ARG A 1186 -27.15 14.56 -8.82
C ARG A 1186 -28.46 13.93 -9.29
N THR A 1187 -29.58 14.30 -8.68
CA THR A 1187 -30.86 13.72 -9.09
C THR A 1187 -31.16 14.03 -10.56
N GLN A 1188 -30.92 15.26 -10.99
CA GLN A 1188 -31.15 15.61 -12.39
C GLN A 1188 -30.27 14.79 -13.32
N LEU A 1189 -29.01 14.58 -12.95
CA LEU A 1189 -28.14 13.75 -13.77
C LEU A 1189 -28.60 12.31 -13.80
N ILE A 1190 -29.13 11.80 -12.69
CA ILE A 1190 -29.64 10.44 -12.66
C ILE A 1190 -30.82 10.32 -13.63
N TYR A 1191 -31.73 11.29 -13.59
CA TYR A 1191 -32.87 11.28 -14.49
C TYR A 1191 -32.41 11.39 -15.95
N ARG A 1192 -31.44 12.25 -16.23
CA ARG A 1192 -30.92 12.35 -17.59
C ARG A 1192 -30.30 11.03 -18.04
N ARG A 1193 -29.62 10.34 -17.13
CA ARG A 1193 -29.04 9.05 -17.45
C ARG A 1193 -30.13 8.04 -17.83
N ALA A 1194 -31.21 8.01 -17.06
CA ALA A 1194 -32.32 7.10 -17.37
C ALA A 1194 -32.96 7.46 -18.71
N VAL A 1195 -33.12 8.75 -18.97
CA VAL A 1195 -33.73 9.20 -20.22
C VAL A 1195 -32.83 8.87 -21.41
N MET A 1196 -31.51 8.95 -21.21
CA MET A 1196 -30.58 8.51 -22.25
C MET A 1196 -30.68 7.01 -22.49
N ARG A 1197 -30.86 6.23 -21.42
CA ARG A 1197 -30.97 4.78 -21.58
C ARG A 1197 -32.20 4.41 -22.39
N THR A 1198 -33.35 5.00 -22.07
CA THR A 1198 -34.57 4.62 -22.77
C THR A 1198 -34.48 4.89 -24.27
N MET A 1199 -33.56 5.75 -24.69
CA MET A 1199 -33.45 6.13 -26.10
C MET A 1199 -32.97 4.97 -26.98
N SER A 1200 -32.29 3.98 -26.43
CA SER A 1200 -31.54 3.01 -27.24
C SER A 1200 -31.77 1.58 -26.78
N ALA A 1201 -33.02 1.18 -26.49
CA ALA A 1201 -33.33 -0.19 -26.11
C ALA A 1201 -34.34 -0.81 -27.07
N LYS A 1202 -34.23 -2.11 -27.30
CA LYS A 1202 -35.06 -2.80 -28.27
C LYS A 1202 -35.28 -4.25 -27.84
N PRO A 1203 -36.39 -4.89 -28.30
CA PRO A 1203 -36.69 -6.30 -27.94
C PRO A 1203 -36.31 -7.36 -28.97
N VAL A 1204 -35.99 -8.58 -28.51
CA VAL A 1204 -35.62 -9.69 -29.38
C VAL A 1204 -36.41 -10.95 -28.99
N LYS A 1205 -36.75 -11.77 -29.99
CA LYS A 1205 -37.47 -13.02 -29.78
C LYS A 1205 -36.83 -14.15 -30.59
N ARG A 1206 -37.08 -15.40 -30.17
CA ARG A 1206 -36.54 -16.58 -30.84
C ARG A 1206 -37.60 -17.65 -30.99
N ILE A 1207 -37.50 -18.43 -32.07
CA ILE A 1207 -38.52 -19.42 -32.41
C ILE A 1207 -38.12 -20.79 -31.88
N PRO A 1208 -39.07 -21.62 -31.39
CA PRO A 1208 -38.73 -22.95 -30.86
C PRO A 1208 -38.67 -24.03 -31.94
N LYS A 1209 -38.01 -23.73 -33.04
CA LYS A 1209 -37.79 -24.69 -34.12
C LYS A 1209 -39.11 -25.34 -34.55
N ASN A 1212 -40.18 -29.35 -36.26
CA ASN A 1212 -39.06 -30.25 -36.07
C ASN A 1212 -39.08 -30.80 -34.65
N LYS A 1213 -39.66 -32.01 -34.51
CA LYS A 1213 -39.91 -32.56 -33.18
C LYS A 1213 -38.61 -32.72 -32.39
N ILE A 1214 -37.56 -33.26 -33.02
CA ILE A 1214 -36.32 -33.54 -32.30
C ILE A 1214 -35.68 -32.23 -31.84
N GLN A 1215 -35.54 -31.28 -32.76
CA GLN A 1215 -34.93 -30.00 -32.40
C GLN A 1215 -35.79 -29.25 -31.39
N GLY A 1216 -37.11 -29.31 -31.56
CA GLY A 1216 -38.00 -28.65 -30.59
C GLY A 1216 -37.86 -29.23 -29.20
N CYS A 1217 -37.74 -30.56 -29.10
CA CYS A 1217 -37.55 -31.19 -27.80
C CYS A 1217 -36.24 -30.77 -27.17
N ILE A 1218 -35.16 -30.80 -27.96
CA ILE A 1218 -33.87 -30.37 -27.42
C ILE A 1218 -33.94 -28.91 -26.99
N PHE A 1219 -34.70 -28.10 -27.74
CA PHE A 1219 -34.90 -26.69 -27.42
C PHE A 1219 -35.60 -26.53 -26.08
N ASP A 1220 -36.66 -27.31 -25.87
CA ASP A 1220 -37.35 -27.26 -24.59
C ASP A 1220 -36.43 -27.66 -23.46
N LEU A 1221 -35.56 -28.65 -23.70
CA LEU A 1221 -34.68 -29.13 -22.64
C LEU A 1221 -33.53 -28.16 -22.37
N VAL A 1222 -33.10 -27.39 -23.37
CA VAL A 1222 -31.92 -26.54 -23.21
C VAL A 1222 -32.27 -25.15 -22.67
N THR A 1223 -33.46 -24.66 -22.95
CA THR A 1223 -33.85 -23.31 -22.54
C THR A 1223 -34.29 -23.25 -21.08
N ASN A 1224 -34.36 -24.38 -20.39
CA ASN A 1224 -34.83 -24.42 -19.01
C ASN A 1224 -33.74 -24.00 -18.02
N GLN A 1225 -34.17 -23.49 -16.87
CA GLN A 1225 -33.25 -23.04 -15.84
C GLN A 1225 -32.42 -24.19 -15.26
N ALA A 1226 -33.01 -25.39 -15.17
CA ALA A 1226 -32.28 -26.53 -14.60
C ALA A 1226 -31.01 -26.79 -15.39
N PHE A 1227 -31.07 -26.65 -16.71
CA PHE A 1227 -29.88 -26.89 -17.55
C PHE A 1227 -28.75 -25.94 -17.17
N ASP A 1228 -29.06 -24.65 -17.05
CA ASP A 1228 -28.04 -23.66 -16.73
C ASP A 1228 -27.48 -23.88 -15.33
N ILE A 1229 -28.34 -24.19 -14.36
CA ILE A 1229 -27.87 -24.43 -13.00
C ILE A 1229 -26.95 -25.65 -12.99
N SER A 1230 -27.29 -26.68 -13.77
CA SER A 1230 -26.43 -27.86 -13.84
C SER A 1230 -25.08 -27.52 -14.44
N ILE A 1231 -25.06 -26.66 -15.46
CA ILE A 1231 -23.78 -26.23 -16.03
C ILE A 1231 -22.95 -25.52 -14.96
N MET A 1232 -23.59 -24.67 -14.16
CA MET A 1232 -22.87 -24.00 -13.07
C MET A 1232 -22.29 -25.01 -12.09
N VAL A 1233 -23.07 -26.04 -11.74
CA VAL A 1233 -22.59 -27.06 -10.81
C VAL A 1233 -21.38 -27.78 -11.38
N LEU A 1234 -21.44 -28.11 -12.67
CA LEU A 1234 -20.30 -28.77 -13.31
C LEU A 1234 -19.06 -27.90 -13.27
N ILE A 1235 -19.22 -26.60 -13.49
CA ILE A 1235 -18.07 -25.69 -13.41
C ILE A 1235 -17.47 -25.72 -12.01
N CYS A 1236 -18.32 -25.68 -10.97
CA CYS A 1236 -17.80 -25.74 -9.61
C CYS A 1236 -17.04 -27.03 -9.35
N LEU A 1237 -17.56 -28.15 -9.84
CA LEU A 1237 -16.89 -29.43 -9.66
C LEU A 1237 -15.53 -29.45 -10.34
N ASN A 1238 -15.45 -28.91 -11.56
CA ASN A 1238 -14.17 -28.84 -12.26
C ASN A 1238 -13.18 -27.97 -11.50
N MET A 1239 -13.67 -26.87 -10.91
CA MET A 1239 -12.80 -26.00 -10.12
C MET A 1239 -12.23 -26.74 -8.90
N VAL A 1240 -13.08 -27.51 -8.22
CA VAL A 1240 -12.57 -28.30 -7.08
C VAL A 1240 -11.50 -29.28 -7.56
N THR A 1241 -11.75 -29.94 -8.69
CA THR A 1241 -10.77 -30.88 -9.24
C THR A 1241 -9.45 -30.17 -9.46
N MET A 1242 -9.51 -28.92 -9.97
CA MET A 1242 -8.29 -28.16 -10.14
C MET A 1242 -7.63 -27.85 -8.81
N MET A 1243 -8.43 -27.66 -7.75
CA MET A 1243 -7.84 -27.37 -6.45
C MET A 1243 -7.10 -28.58 -5.87
N VAL A 1244 -7.37 -29.79 -6.37
CA VAL A 1244 -6.73 -30.97 -5.78
C VAL A 1244 -5.23 -31.07 -6.13
N GLU A 1245 -4.79 -30.45 -7.23
CA GLU A 1245 -3.41 -30.60 -7.69
C GLU A 1245 -2.41 -30.02 -6.67
N LYS A 1246 -1.32 -30.76 -6.43
CA LYS A 1246 -0.33 -30.35 -5.44
C LYS A 1246 1.07 -30.81 -5.85
N GLU A 1247 2.07 -30.15 -5.26
CA GLU A 1247 3.46 -30.50 -5.53
C GLU A 1247 3.82 -31.85 -4.91
N GLY A 1248 4.60 -32.64 -5.65
CA GLY A 1248 5.03 -33.93 -5.19
C GLY A 1248 4.06 -35.07 -5.43
N GLN A 1249 2.90 -34.81 -6.03
CA GLN A 1249 1.95 -35.88 -6.28
C GLN A 1249 2.54 -36.87 -7.28
N SER A 1250 2.11 -38.13 -7.17
CA SER A 1250 2.58 -39.16 -8.08
C SER A 1250 2.07 -38.88 -9.49
N GLN A 1251 2.82 -39.37 -10.48
CA GLN A 1251 2.43 -39.18 -11.87
C GLN A 1251 1.07 -39.83 -12.16
N HIS A 1252 0.73 -40.89 -11.44
CA HIS A 1252 -0.57 -41.51 -11.64
C HIS A 1252 -1.68 -40.53 -11.31
N MET A 1253 -1.55 -39.81 -10.20
CA MET A 1253 -2.53 -38.81 -9.83
C MET A 1253 -2.62 -37.72 -10.90
N THR A 1254 -1.47 -37.32 -11.44
CA THR A 1254 -1.46 -36.33 -12.52
C THR A 1254 -2.30 -36.81 -13.69
N GLU A 1255 -2.12 -38.08 -14.08
CA GLU A 1255 -2.87 -38.61 -15.22
C GLU A 1255 -4.37 -38.69 -14.93
N VAL A 1256 -4.75 -39.13 -13.71
CA VAL A 1256 -6.17 -39.19 -13.39
C VAL A 1256 -6.79 -37.80 -13.45
N LEU A 1257 -6.10 -36.80 -12.90
CA LEU A 1257 -6.65 -35.45 -12.93
C LEU A 1257 -6.80 -34.95 -14.35
N TYR A 1258 -5.81 -35.20 -15.20
CA TYR A 1258 -5.90 -34.76 -16.59
C TYR A 1258 -7.07 -35.43 -17.30
N TRP A 1259 -7.28 -36.74 -17.05
CA TRP A 1259 -8.39 -37.44 -17.68
C TRP A 1259 -9.74 -36.88 -17.20
N ILE A 1260 -9.85 -36.54 -15.92
CA ILE A 1260 -11.09 -35.94 -15.43
C ILE A 1260 -11.34 -34.60 -16.12
N ASN A 1261 -10.29 -33.79 -16.27
CA ASN A 1261 -10.44 -32.53 -16.99
C ASN A 1261 -10.89 -32.76 -18.43
N VAL A 1262 -10.38 -33.83 -19.05
CA VAL A 1262 -10.83 -34.19 -20.40
C VAL A 1262 -12.33 -34.48 -20.41
N VAL A 1263 -12.80 -35.22 -19.40
CA VAL A 1263 -14.24 -35.50 -19.32
C VAL A 1263 -15.02 -34.20 -19.26
N PHE A 1264 -14.57 -33.26 -18.42
CA PHE A 1264 -15.28 -31.98 -18.31
C PHE A 1264 -15.28 -31.25 -19.65
N ILE A 1265 -14.16 -31.25 -20.37
CA ILE A 1265 -14.11 -30.57 -21.65
C ILE A 1265 -15.12 -31.17 -22.62
N ILE A 1266 -15.23 -32.50 -22.63
CA ILE A 1266 -16.21 -33.14 -23.50
C ILE A 1266 -17.62 -32.69 -23.12
N LEU A 1267 -17.90 -32.60 -21.82
CA LEU A 1267 -19.24 -32.21 -21.39
C LEU A 1267 -19.58 -30.79 -21.84
N PHE A 1268 -18.64 -29.85 -21.69
CA PHE A 1268 -18.91 -28.49 -22.13
C PHE A 1268 -19.05 -28.40 -23.65
N THR A 1269 -18.26 -29.20 -24.39
CA THR A 1269 -18.44 -29.25 -25.83
C THR A 1269 -19.83 -29.74 -26.19
N GLY A 1270 -20.32 -30.74 -25.47
CA GLY A 1270 -21.69 -31.22 -25.72
C GLY A 1270 -22.74 -30.17 -25.42
N GLU A 1271 -22.56 -29.42 -24.33
CA GLU A 1271 -23.48 -28.32 -24.04
C GLU A 1271 -23.54 -27.36 -25.21
N CYS A 1272 -22.37 -26.97 -25.72
CA CYS A 1272 -22.33 -26.04 -26.85
C CYS A 1272 -23.01 -26.64 -28.07
N VAL A 1273 -22.77 -27.92 -28.34
CA VAL A 1273 -23.38 -28.55 -29.52
C VAL A 1273 -24.90 -28.56 -29.39
N LEU A 1274 -25.41 -28.90 -28.21
CA LEU A 1274 -26.86 -28.90 -28.02
C LEU A 1274 -27.44 -27.51 -28.20
N LYS A 1275 -26.79 -26.49 -27.63
CA LYS A 1275 -27.30 -25.13 -27.76
C LYS A 1275 -27.29 -24.68 -29.22
N LEU A 1276 -26.24 -25.06 -29.97
CA LEU A 1276 -26.22 -24.75 -31.40
C LEU A 1276 -27.37 -25.44 -32.12
N ILE A 1277 -27.55 -26.74 -31.87
CA ILE A 1277 -28.63 -27.47 -32.53
C ILE A 1277 -29.96 -26.79 -32.27
N SER A 1278 -30.18 -26.34 -31.03
CA SER A 1278 -31.45 -25.73 -30.67
C SER A 1278 -31.63 -24.37 -31.32
N LEU A 1279 -30.74 -23.43 -31.03
CA LEU A 1279 -30.96 -22.04 -31.39
C LEU A 1279 -30.46 -21.65 -32.77
N ARG A 1280 -29.77 -22.54 -33.49
CA ARG A 1280 -29.30 -22.28 -34.86
C ARG A 1280 -28.52 -20.97 -34.85
N HIS A 1281 -28.86 -20.00 -35.70
CA HIS A 1281 -28.06 -18.79 -35.80
C HIS A 1281 -28.38 -17.78 -34.72
N TYR A 1282 -29.51 -17.93 -34.03
CA TYR A 1282 -29.82 -17.03 -32.93
C TYR A 1282 -28.79 -17.15 -31.83
N TYR A 1283 -28.11 -18.29 -31.77
CA TYR A 1283 -27.14 -18.59 -30.72
C TYR A 1283 -26.13 -17.46 -30.54
N PHE A 1284 -25.67 -16.88 -31.65
CA PHE A 1284 -24.60 -15.89 -31.62
C PHE A 1284 -25.10 -14.48 -31.35
N THR A 1285 -26.39 -14.30 -31.06
CA THR A 1285 -26.89 -12.99 -30.67
C THR A 1285 -26.58 -12.67 -29.21
N VAL A 1286 -26.21 -13.65 -28.41
CA VAL A 1286 -25.90 -13.45 -26.99
C VAL A 1286 -24.39 -13.44 -26.82
N GLY A 1287 -23.86 -12.43 -26.13
CA GLY A 1287 -22.42 -12.30 -26.00
C GLY A 1287 -21.78 -13.43 -25.22
N TRP A 1288 -22.41 -13.84 -24.11
CA TRP A 1288 -21.88 -14.93 -23.32
C TRP A 1288 -21.81 -16.21 -24.13
N ASN A 1289 -22.78 -16.43 -25.02
CA ASN A 1289 -22.73 -17.60 -25.89
C ASN A 1289 -21.47 -17.57 -26.76
N ILE A 1290 -21.12 -16.39 -27.29
CA ILE A 1290 -19.92 -16.27 -28.09
C ILE A 1290 -18.68 -16.56 -27.26
N PHE A 1291 -18.63 -16.06 -26.01
CA PHE A 1291 -17.48 -16.35 -25.16
C PHE A 1291 -17.35 -17.84 -24.90
N ASP A 1292 -18.46 -18.51 -24.60
CA ASP A 1292 -18.44 -19.95 -24.35
C ASP A 1292 -18.01 -20.71 -25.61
N PHE A 1293 -18.49 -20.28 -26.78
CA PHE A 1293 -18.12 -20.91 -28.04
C PHE A 1293 -16.62 -20.81 -28.30
N VAL A 1294 -16.06 -19.62 -28.06
CA VAL A 1294 -14.62 -19.43 -28.24
C VAL A 1294 -13.85 -20.33 -27.28
N VAL A 1295 -14.31 -20.42 -26.03
CA VAL A 1295 -13.62 -21.26 -25.05
C VAL A 1295 -13.64 -22.72 -25.50
N VAL A 1296 -14.76 -23.19 -26.03
CA VAL A 1296 -14.87 -24.58 -26.47
C VAL A 1296 -13.89 -24.86 -27.61
N ILE A 1297 -13.84 -23.95 -28.59
CA ILE A 1297 -12.90 -24.15 -29.70
C ILE A 1297 -11.47 -24.18 -29.19
N ILE A 1298 -11.12 -23.24 -28.31
CA ILE A 1298 -9.76 -23.19 -27.78
C ILE A 1298 -9.44 -24.48 -27.03
N SER A 1299 -10.43 -25.02 -26.31
CA SER A 1299 -10.19 -26.24 -25.55
C SER A 1299 -9.90 -27.42 -26.47
N ILE A 1300 -10.65 -27.55 -27.56
CA ILE A 1300 -10.39 -28.66 -28.48
C ILE A 1300 -8.99 -28.54 -29.08
N VAL A 1301 -8.66 -27.35 -29.57
CA VAL A 1301 -7.32 -27.15 -30.15
C VAL A 1301 -6.25 -27.42 -29.10
N GLY A 1302 -6.51 -27.01 -27.86
CA GLY A 1302 -5.55 -27.21 -26.80
C GLY A 1302 -5.36 -28.67 -26.44
N MET A 1303 -6.43 -29.46 -26.49
CA MET A 1303 -6.27 -30.88 -26.24
C MET A 1303 -5.37 -31.50 -27.29
N PHE A 1304 -5.59 -31.17 -28.56
CA PHE A 1304 -4.71 -31.69 -29.61
C PHE A 1304 -3.27 -31.25 -29.36
N LEU A 1305 -3.07 -29.96 -29.08
CA LEU A 1305 -1.73 -29.44 -28.90
C LEU A 1305 -1.05 -30.07 -27.69
N ALA A 1306 -1.78 -30.23 -26.58
CA ALA A 1306 -1.21 -30.81 -25.38
C ALA A 1306 -0.80 -32.25 -25.62
N ASP A 1307 -1.63 -33.03 -26.31
CA ASP A 1307 -1.22 -34.39 -26.61
C ASP A 1307 0.08 -34.41 -27.42
N LEU A 1308 0.17 -33.54 -28.43
CA LEU A 1308 1.38 -33.50 -29.24
C LEU A 1308 2.59 -33.10 -28.41
N ILE A 1309 2.44 -32.05 -27.60
CA ILE A 1309 3.59 -31.53 -26.86
C ILE A 1309 4.05 -32.57 -25.85
N GLU A 1310 3.10 -33.12 -25.08
CA GLU A 1310 3.47 -34.07 -24.04
C GLU A 1310 4.17 -35.28 -24.65
N THR A 1311 3.74 -35.70 -25.85
CA THR A 1311 4.42 -36.83 -26.48
C THR A 1311 5.82 -36.43 -26.95
N TYR A 1312 5.98 -35.19 -27.42
CA TYR A 1312 7.26 -34.74 -27.97
C TYR A 1312 8.08 -33.91 -27.00
N PHE A 1313 7.54 -33.55 -25.82
CA PHE A 1313 8.32 -32.98 -24.72
C PHE A 1313 9.13 -31.76 -25.18
N VAL A 1314 8.41 -30.72 -25.56
CA VAL A 1314 9.07 -29.46 -25.94
C VAL A 1314 9.75 -28.82 -24.73
N SER A 1315 8.96 -28.49 -23.69
CA SER A 1315 9.54 -27.88 -22.49
C SER A 1315 8.53 -27.87 -21.34
N PRO A 1316 8.94 -28.24 -20.12
CA PRO A 1316 8.00 -28.15 -18.98
C PRO A 1316 7.44 -26.77 -18.75
N THR A 1317 8.25 -25.71 -18.87
CA THR A 1317 7.74 -24.36 -18.67
C THR A 1317 6.74 -24.00 -19.77
N LEU A 1318 7.04 -24.39 -21.02
CA LEU A 1318 6.10 -24.13 -22.11
C LEU A 1318 4.77 -24.82 -21.86
N PHE A 1319 4.81 -26.06 -21.38
CA PHE A 1319 3.57 -26.76 -21.05
C PHE A 1319 2.82 -26.05 -19.93
N ARG A 1320 3.55 -25.59 -18.90
CA ARG A 1320 2.90 -24.86 -17.82
C ARG A 1320 2.23 -23.60 -18.34
N VAL A 1321 2.90 -22.90 -19.26
CA VAL A 1321 2.36 -21.64 -19.77
C VAL A 1321 1.13 -21.86 -20.63
N ILE A 1322 1.21 -22.83 -21.56
CA ILE A 1322 0.06 -23.05 -22.43
C ILE A 1322 -1.10 -23.69 -21.67
N ARG A 1323 -0.85 -24.31 -20.52
CA ARG A 1323 -1.94 -24.78 -19.68
C ARG A 1323 -2.77 -23.64 -19.10
N LEU A 1324 -2.29 -22.40 -19.18
CA LEU A 1324 -3.06 -21.27 -18.64
C LEU A 1324 -4.41 -21.12 -19.33
N ALA A 1325 -4.57 -21.67 -20.54
CA ALA A 1325 -5.86 -21.58 -21.21
C ALA A 1325 -6.95 -22.39 -20.49
N ARG A 1326 -6.57 -23.32 -19.61
CA ARG A 1326 -7.57 -24.09 -18.87
C ARG A 1326 -8.47 -23.19 -18.03
N ILE A 1327 -7.99 -22.01 -17.66
CA ILE A 1327 -8.79 -21.11 -16.85
C ILE A 1327 -10.02 -20.62 -17.60
N GLY A 1328 -10.02 -20.71 -18.92
CA GLY A 1328 -11.13 -20.18 -19.69
C GLY A 1328 -12.47 -20.76 -19.28
N ARG A 1329 -12.52 -22.08 -19.06
CA ARG A 1329 -13.79 -22.72 -18.76
C ARG A 1329 -14.24 -22.51 -17.32
N ILE A 1330 -13.39 -21.95 -16.46
CA ILE A 1330 -13.79 -21.64 -15.09
C ILE A 1330 -14.35 -20.23 -14.96
N LEU A 1331 -13.99 -19.32 -15.87
CA LEU A 1331 -14.45 -17.94 -15.78
C LEU A 1331 -15.95 -17.79 -16.03
N ARG A 1332 -16.60 -18.80 -16.60
CA ARG A 1332 -18.04 -18.72 -16.86
C ARG A 1332 -18.87 -18.70 -15.60
N LEU A 1333 -18.27 -19.01 -14.45
CA LEU A 1333 -19.04 -19.11 -13.21
C LEU A 1333 -19.69 -17.79 -12.81
N VAL A 1334 -19.16 -16.66 -13.28
CA VAL A 1334 -19.74 -15.35 -12.95
C VAL A 1334 -21.00 -15.07 -13.75
N LYS A 1335 -21.34 -15.89 -14.73
CA LYS A 1335 -22.53 -15.66 -15.53
C LYS A 1335 -23.78 -15.68 -14.66
N GLY A 1336 -24.63 -14.68 -14.82
CA GLY A 1336 -25.91 -14.62 -14.16
C GLY A 1336 -25.93 -14.05 -12.76
N ALA A 1337 -24.77 -13.76 -12.17
CA ALA A 1337 -24.71 -13.21 -10.81
C ALA A 1337 -24.93 -11.70 -10.87
N LYS A 1338 -26.06 -11.24 -10.33
CA LYS A 1338 -26.43 -9.83 -10.46
C LYS A 1338 -25.51 -8.93 -9.63
N GLY A 1339 -25.27 -9.29 -8.37
CA GLY A 1339 -24.43 -8.46 -7.54
C GLY A 1339 -23.01 -8.35 -8.06
N ILE A 1340 -22.47 -9.46 -8.54
CA ILE A 1340 -21.15 -9.46 -9.16
C ILE A 1340 -21.19 -8.72 -10.49
N ARG A 1341 -22.28 -8.90 -11.24
CA ARG A 1341 -22.42 -8.26 -12.54
C ARG A 1341 -22.34 -6.75 -12.40
N LEU A 1342 -22.88 -6.20 -11.31
CA LEU A 1342 -22.87 -4.75 -11.12
C LEU A 1342 -21.45 -4.21 -11.02
N LEU A 1343 -20.61 -4.86 -10.20
CA LEU A 1343 -19.23 -4.40 -10.05
C LEU A 1343 -18.43 -4.62 -11.32
N LEU A 1344 -18.69 -5.72 -12.03
CA LEU A 1344 -17.99 -5.94 -13.29
C LEU A 1344 -18.40 -4.90 -14.33
N LEU A 1345 -19.66 -4.49 -14.33
CA LEU A 1345 -20.11 -3.41 -15.21
C LEU A 1345 -19.39 -2.10 -14.87
N ALA A 1346 -19.27 -1.79 -13.58
CA ALA A 1346 -18.54 -0.58 -13.21
C ALA A 1346 -17.09 -0.65 -13.69
N LEU A 1347 -16.43 -1.79 -13.50
CA LEU A 1347 -15.05 -1.91 -13.96
C LEU A 1347 -14.97 -1.75 -15.48
N ARG A 1348 -15.92 -2.33 -16.21
CA ARG A 1348 -15.93 -2.22 -17.67
C ARG A 1348 -16.06 -0.76 -18.11
N LYS A 1349 -16.92 0.01 -17.43
CA LYS A 1349 -17.08 1.41 -17.82
C LYS A 1349 -15.80 2.21 -17.59
N ALA A 1350 -14.97 1.81 -16.63
CA ALA A 1350 -13.79 2.58 -16.27
C ALA A 1350 -12.53 2.11 -16.99
N LEU A 1351 -12.63 1.08 -17.83
CA LEU A 1351 -11.42 0.43 -18.35
C LEU A 1351 -10.55 1.40 -19.14
N ARG A 1352 -11.15 2.25 -19.95
CA ARG A 1352 -10.37 3.19 -20.77
C ARG A 1352 -9.51 4.09 -19.89
N THR A 1353 -10.11 4.71 -18.87
CA THR A 1353 -9.36 5.64 -18.03
C THR A 1353 -8.29 4.91 -17.22
N LEU A 1354 -8.62 3.71 -16.72
CA LEU A 1354 -7.63 2.94 -15.98
C LEU A 1354 -6.42 2.63 -16.88
N PHE A 1355 -6.68 2.26 -18.13
CA PHE A 1355 -5.60 2.01 -19.07
C PHE A 1355 -4.76 3.26 -19.31
N ASN A 1356 -5.41 4.41 -19.46
CA ASN A 1356 -4.64 5.64 -19.69
C ASN A 1356 -3.76 5.98 -18.49
N VAL A 1357 -4.30 5.81 -17.28
CA VAL A 1357 -3.50 6.03 -16.08
C VAL A 1357 -2.31 5.08 -16.06
N SER A 1358 -2.54 3.82 -16.40
CA SER A 1358 -1.44 2.84 -16.43
C SER A 1358 -0.39 3.23 -17.45
N PHE A 1359 -0.82 3.72 -18.62
CA PHE A 1359 0.12 4.14 -19.66
C PHE A 1359 0.99 5.29 -19.16
N LEU A 1360 0.37 6.27 -18.50
CA LEU A 1360 1.15 7.38 -17.93
C LEU A 1360 2.15 6.86 -16.90
N LEU A 1361 1.71 5.94 -16.05
CA LEU A 1361 2.61 5.36 -15.05
C LEU A 1361 3.80 4.71 -15.72
N PHE A 1362 3.56 3.97 -16.80
CA PHE A 1362 4.66 3.27 -17.47
C PHE A 1362 5.62 4.26 -18.13
N VAL A 1363 5.11 5.34 -18.72
CA VAL A 1363 6.02 6.30 -19.34
C VAL A 1363 6.91 6.97 -18.29
N ILE A 1364 6.31 7.35 -17.16
CA ILE A 1364 7.12 7.89 -16.07
C ILE A 1364 8.17 6.87 -15.64
N MET A 1365 7.78 5.60 -15.57
CA MET A 1365 8.74 4.55 -15.19
C MET A 1365 9.87 4.45 -16.21
N PHE A 1366 9.56 4.63 -17.49
CA PHE A 1366 10.60 4.59 -18.51
C PHE A 1366 11.61 5.73 -18.32
N VAL A 1367 11.11 6.93 -18.09
CA VAL A 1367 12.01 8.06 -17.87
C VAL A 1367 12.93 7.76 -16.69
N TYR A 1368 12.33 7.33 -15.57
CA TYR A 1368 13.15 7.03 -14.40
C TYR A 1368 14.08 5.86 -14.65
N ALA A 1369 13.69 4.91 -15.50
CA ALA A 1369 14.57 3.78 -15.78
C ALA A 1369 15.83 4.24 -16.48
N VAL A 1370 15.71 5.15 -17.44
CA VAL A 1370 16.91 5.51 -18.19
C VAL A 1370 17.82 6.41 -17.34
N PHE A 1371 17.22 7.31 -16.56
CA PHE A 1371 18.07 8.12 -15.68
C PHE A 1371 18.70 7.27 -14.58
N GLY A 1372 18.01 6.23 -14.11
CA GLY A 1372 18.59 5.35 -13.11
C GLY A 1372 19.73 4.52 -13.66
N MET A 1373 19.59 4.05 -14.91
CA MET A 1373 20.71 3.36 -15.53
C MET A 1373 21.93 4.27 -15.60
N GLU A 1374 21.72 5.55 -15.94
CA GLU A 1374 22.87 6.45 -16.00
C GLU A 1374 23.49 6.64 -14.62
N PHE A 1375 22.68 6.86 -13.58
CA PHE A 1375 23.23 7.23 -12.27
C PHE A 1375 23.80 6.05 -11.48
N PHE A 1376 23.14 4.89 -11.47
CA PHE A 1376 23.48 3.85 -10.49
C PHE A 1376 23.93 2.51 -11.08
N MET A 1377 24.32 2.45 -12.35
CA MET A 1377 24.62 1.14 -12.92
C MET A 1377 25.89 0.51 -12.34
N HIS A 1378 26.84 1.30 -11.83
CA HIS A 1378 28.12 0.77 -11.41
C HIS A 1378 28.28 0.58 -9.90
N ILE A 1379 27.25 0.87 -9.10
CA ILE A 1379 27.42 0.83 -7.65
C ILE A 1379 27.65 -0.59 -7.16
N ARG A 1380 28.34 -0.72 -6.02
CA ARG A 1380 28.60 -2.01 -5.41
C ARG A 1380 27.31 -2.64 -4.90
N ASP A 1381 27.37 -3.96 -4.71
CA ASP A 1381 26.26 -4.68 -4.10
C ASP A 1381 26.15 -4.32 -2.62
N ALA A 1382 24.99 -3.83 -2.23
CA ALA A 1382 24.72 -3.46 -0.85
C ALA A 1382 23.22 -3.34 -0.68
N GLY A 1383 22.74 -3.64 0.52
CA GLY A 1383 21.31 -3.55 0.76
C GLY A 1383 20.54 -4.45 -0.20
N ALA A 1384 19.58 -3.85 -0.89
CA ALA A 1384 18.71 -4.59 -1.81
C ALA A 1384 19.31 -4.80 -3.19
N ILE A 1385 20.44 -4.17 -3.50
CA ILE A 1385 21.06 -4.27 -4.81
C ILE A 1385 22.04 -5.44 -4.80
N ASP A 1386 21.89 -6.35 -5.75
CA ASP A 1386 22.77 -7.52 -5.84
C ASP A 1386 22.90 -7.90 -7.32
N ASP A 1387 23.37 -9.13 -7.56
CA ASP A 1387 23.66 -9.59 -8.92
C ASP A 1387 22.42 -9.71 -9.79
N VAL A 1388 21.24 -9.87 -9.20
CA VAL A 1388 20.01 -10.06 -9.96
C VAL A 1388 19.21 -8.76 -10.06
N TYR A 1389 19.08 -8.04 -8.94
CA TYR A 1389 18.29 -6.81 -8.88
C TYR A 1389 19.24 -5.63 -8.81
N ASN A 1390 19.21 -4.80 -9.84
CA ASN A 1390 20.15 -3.68 -9.98
C ASN A 1390 19.65 -2.79 -11.12
N PHE A 1391 20.45 -1.79 -11.47
CA PHE A 1391 20.16 -0.85 -12.55
C PHE A 1391 21.04 -1.09 -13.77
N LYS A 1392 21.51 -2.31 -13.98
CA LYS A 1392 22.48 -2.58 -15.03
C LYS A 1392 21.87 -2.61 -16.43
N THR A 1393 20.61 -3.01 -16.55
CA THR A 1393 19.92 -3.05 -17.85
C THR A 1393 18.53 -2.45 -17.69
N PHE A 1394 17.91 -2.14 -18.82
CA PHE A 1394 16.59 -1.53 -18.78
C PHE A 1394 15.57 -2.46 -18.13
N GLY A 1395 15.63 -3.75 -18.47
CA GLY A 1395 14.70 -4.70 -17.87
C GLY A 1395 14.84 -4.80 -16.36
N GLN A 1396 16.08 -4.91 -15.87
CA GLN A 1396 16.27 -4.98 -14.42
C GLN A 1396 15.85 -3.69 -13.75
N SER A 1397 16.11 -2.54 -14.38
CA SER A 1397 15.66 -1.27 -13.81
C SER A 1397 14.14 -1.22 -13.70
N ILE A 1398 13.44 -1.70 -14.73
CA ILE A 1398 11.99 -1.72 -14.69
C ILE A 1398 11.50 -2.68 -13.62
N ILE A 1399 12.18 -3.81 -13.46
CA ILE A 1399 11.79 -4.75 -12.41
C ILE A 1399 11.87 -4.08 -11.05
N LEU A 1400 12.93 -3.32 -10.80
CA LEU A 1400 13.03 -2.63 -9.52
C LEU A 1400 12.00 -1.51 -9.39
N LEU A 1401 11.77 -0.74 -10.47
CA LEU A 1401 10.91 0.43 -10.37
C LEU A 1401 9.43 0.04 -10.25
N PHE A 1402 9.02 -1.07 -10.84
CA PHE A 1402 7.66 -1.55 -10.61
C PHE A 1402 7.44 -1.85 -9.14
N GLN A 1403 8.42 -2.50 -8.50
CA GLN A 1403 8.34 -2.75 -7.07
C GLN A 1403 8.30 -1.44 -6.29
N LEU A 1404 9.13 -0.47 -6.67
CA LEU A 1404 9.22 0.78 -5.93
C LEU A 1404 7.98 1.65 -6.10
N ALA A 1405 7.22 1.48 -7.17
CA ALA A 1405 6.02 2.31 -7.35
C ALA A 1405 5.04 2.16 -6.18
N THR A 1406 5.11 1.05 -5.44
CA THR A 1406 4.28 0.85 -4.26
C THR A 1406 5.00 1.26 -2.98
N SER A 1407 6.21 1.83 -3.09
CA SER A 1407 7.08 2.20 -1.98
C SER A 1407 7.73 0.98 -1.33
N ALA A 1408 7.46 -0.22 -1.83
CA ALA A 1408 7.99 -1.43 -1.20
C ALA A 1408 9.50 -1.50 -1.33
N GLY A 1409 10.18 -1.68 -0.20
CA GLY A 1409 11.60 -1.93 -0.20
C GLY A 1409 12.47 -0.75 -0.57
N TRP A 1410 11.95 0.48 -0.48
CA TRP A 1410 12.76 1.62 -0.90
C TRP A 1410 13.86 1.97 0.11
N ASP A 1411 13.73 1.55 1.37
CA ASP A 1411 14.80 1.80 2.34
C ASP A 1411 16.07 1.04 1.96
N GLY A 1412 15.95 -0.22 1.54
CA GLY A 1412 17.11 -0.98 1.14
C GLY A 1412 17.75 -0.43 -0.12
N VAL A 1413 16.92 -0.01 -1.09
CA VAL A 1413 17.44 0.60 -2.30
C VAL A 1413 18.18 1.88 -1.96
N TYR A 1414 17.62 2.69 -1.06
CA TYR A 1414 18.30 3.91 -0.64
C TYR A 1414 19.64 3.60 0.00
N PHE A 1415 19.68 2.60 0.87
CA PHE A 1415 20.94 2.23 1.49
C PHE A 1415 21.96 1.84 0.44
N ALA A 1416 21.52 1.21 -0.65
CA ALA A 1416 22.45 0.83 -1.70
C ALA A 1416 22.95 2.03 -2.49
N ILE A 1417 22.03 2.89 -2.96
CA ILE A 1417 22.43 3.93 -3.91
C ILE A 1417 22.99 5.17 -3.25
N ALA A 1418 22.80 5.35 -1.94
CA ALA A 1418 23.31 6.52 -1.25
C ALA A 1418 24.69 6.29 -0.63
N ASN A 1419 25.22 5.07 -0.70
CA ASN A 1419 26.47 4.76 -0.02
C ASN A 1419 27.62 5.51 -0.68
N GLU A 1420 28.36 6.28 0.11
CA GLU A 1420 29.57 6.97 -0.32
C GLU A 1420 30.78 6.52 0.48
N GLU A 1421 30.64 5.48 1.29
CA GLU A 1421 31.68 5.03 2.21
C GLU A 1421 32.36 3.79 1.67
N ASP A 1422 33.69 3.75 1.80
CA ASP A 1422 34.50 2.60 1.41
C ASP A 1422 34.28 2.26 -0.06
N CYS A 1423 34.69 3.18 -0.92
CA CYS A 1423 34.46 2.99 -2.35
C CYS A 1423 35.62 3.55 -3.16
N ARG A 1424 35.73 3.02 -4.38
CA ARG A 1424 36.74 3.44 -5.34
C ARG A 1424 36.21 4.56 -6.21
N ALA A 1425 37.01 5.61 -6.37
CA ALA A 1425 36.64 6.70 -7.25
C ALA A 1425 36.94 6.35 -8.69
N PRO A 1426 36.26 6.98 -9.65
CA PRO A 1426 36.52 6.69 -11.05
C PRO A 1426 37.95 7.03 -11.44
N ASP A 1427 38.47 6.27 -12.41
CA ASP A 1427 39.79 6.50 -12.99
C ASP A 1427 39.58 6.76 -14.48
N HIS A 1428 39.42 8.04 -14.84
CA HIS A 1428 39.09 8.37 -16.22
C HIS A 1428 40.21 7.95 -17.17
N GLU A 1429 41.46 8.02 -16.72
CA GLU A 1429 42.56 7.61 -17.59
C GLU A 1429 42.62 6.10 -17.78
N LEU A 1430 42.24 5.34 -16.77
CA LEU A 1430 42.25 3.89 -16.84
C LEU A 1430 40.94 3.30 -17.36
N GLY A 1431 39.87 4.09 -17.39
CA GLY A 1431 38.57 3.59 -17.81
C GLY A 1431 37.74 2.94 -16.71
N TYR A 1432 38.26 2.84 -15.51
CA TYR A 1432 37.49 2.26 -14.41
C TYR A 1432 36.42 3.25 -13.97
N PRO A 1433 35.13 2.87 -13.95
CA PRO A 1433 34.09 3.87 -13.67
C PRO A 1433 33.89 4.24 -12.21
N GLY A 1434 34.40 3.44 -11.27
CA GLY A 1434 34.03 3.59 -9.87
C GLY A 1434 32.77 2.82 -9.54
N ASN A 1435 32.51 2.67 -8.22
CA ASN A 1435 31.45 1.76 -7.82
C ASN A 1435 30.58 2.26 -6.68
N CYS A 1436 30.47 3.56 -6.43
CA CYS A 1436 29.67 4.03 -5.32
C CYS A 1436 28.82 5.24 -5.72
N GLY A 1437 27.76 5.44 -4.95
CA GLY A 1437 26.67 6.30 -5.31
C GLY A 1437 26.84 7.71 -4.81
N SER A 1438 25.72 8.36 -4.51
CA SER A 1438 25.70 9.76 -4.13
C SER A 1438 24.51 9.99 -3.23
N ARG A 1439 24.76 10.50 -2.02
CA ARG A 1439 23.67 10.67 -1.07
C ARG A 1439 22.65 11.69 -1.58
N ALA A 1440 23.13 12.83 -2.08
CA ALA A 1440 22.20 13.86 -2.57
C ALA A 1440 21.41 13.36 -3.79
N LEU A 1441 22.11 12.72 -4.74
CA LEU A 1441 21.45 12.24 -5.95
C LEU A 1441 20.43 11.16 -5.61
N GLY A 1442 20.79 10.23 -4.73
CA GLY A 1442 19.86 9.17 -4.35
C GLY A 1442 18.65 9.71 -3.61
N ILE A 1443 18.87 10.66 -2.70
CA ILE A 1443 17.74 11.28 -2.01
C ILE A 1443 16.80 11.92 -3.02
N ALA A 1444 17.34 12.73 -3.93
CA ALA A 1444 16.49 13.41 -4.91
C ALA A 1444 15.72 12.38 -5.74
N TYR A 1445 16.43 11.40 -6.30
CA TYR A 1445 15.82 10.41 -7.17
C TYR A 1445 14.68 9.68 -6.46
N LEU A 1446 14.95 9.13 -5.27
CA LEU A 1446 13.95 8.28 -4.62
C LEU A 1446 12.80 9.09 -4.07
N VAL A 1447 13.07 10.24 -3.45
CA VAL A 1447 11.98 11.03 -2.89
C VAL A 1447 11.06 11.52 -4.00
N SER A 1448 11.63 12.02 -5.10
CA SER A 1448 10.78 12.48 -6.19
C SER A 1448 9.96 11.33 -6.77
N TYR A 1449 10.56 10.15 -6.93
CA TYR A 1449 9.81 9.03 -7.46
C TYR A 1449 8.67 8.64 -6.53
N LEU A 1450 8.94 8.57 -5.22
CA LEU A 1450 7.89 8.18 -4.29
C LEU A 1450 6.73 9.17 -4.34
N ILE A 1451 7.04 10.46 -4.38
CA ILE A 1451 5.97 11.45 -4.41
C ILE A 1451 5.16 11.32 -5.70
N ILE A 1452 5.85 11.25 -6.84
CA ILE A 1452 5.14 11.28 -8.12
C ILE A 1452 4.29 10.03 -8.30
N THR A 1453 4.80 8.87 -7.91
CA THR A 1453 4.07 7.62 -8.19
C THR A 1453 3.19 7.20 -7.02
N CYS A 1454 3.77 6.98 -5.85
CA CYS A 1454 2.99 6.41 -4.74
C CYS A 1454 1.87 7.33 -4.31
N LEU A 1455 2.15 8.63 -4.21
CA LEU A 1455 1.22 9.57 -3.60
C LEU A 1455 0.30 10.27 -4.60
N VAL A 1456 0.62 10.23 -5.90
CA VAL A 1456 -0.17 10.99 -6.88
C VAL A 1456 -0.75 10.07 -7.95
N VAL A 1457 0.10 9.44 -8.75
CA VAL A 1457 -0.40 8.69 -9.90
C VAL A 1457 -1.13 7.44 -9.45
N ILE A 1458 -0.63 6.75 -8.43
CA ILE A 1458 -1.31 5.54 -7.98
C ILE A 1458 -2.68 5.87 -7.43
N ASN A 1459 -2.81 7.01 -6.74
CA ASN A 1459 -4.09 7.35 -6.15
C ASN A 1459 -5.12 7.70 -7.22
N MET A 1460 -4.68 8.00 -8.44
CA MET A 1460 -5.64 8.24 -9.50
C MET A 1460 -6.52 7.03 -9.71
N TYR A 1461 -5.99 5.82 -9.52
CA TYR A 1461 -6.84 4.65 -9.66
C TYR A 1461 -8.03 4.76 -8.72
N ALA A 1462 -7.75 5.08 -7.46
CA ALA A 1462 -8.86 5.16 -6.51
C ALA A 1462 -9.88 6.18 -6.99
N ALA A 1463 -9.41 7.33 -7.44
CA ALA A 1463 -10.35 8.35 -7.87
C ALA A 1463 -11.25 7.79 -8.95
N VAL A 1464 -10.65 7.19 -9.98
CA VAL A 1464 -11.45 6.73 -11.10
C VAL A 1464 -12.42 5.68 -10.62
N ILE A 1465 -11.91 4.72 -9.85
CA ILE A 1465 -12.77 3.63 -9.43
C ILE A 1465 -13.95 4.19 -8.65
N LEU A 1466 -13.67 5.12 -7.73
CA LEU A 1466 -14.77 5.58 -6.88
C LEU A 1466 -15.86 6.19 -7.74
N ASP A 1467 -15.48 7.05 -8.68
CA ASP A 1467 -16.51 7.74 -9.44
C ASP A 1467 -17.39 6.72 -10.13
N TYR A 1468 -16.75 5.74 -10.78
CA TYR A 1468 -17.56 4.83 -11.57
C TYR A 1468 -18.42 3.95 -10.67
N VAL A 1469 -17.86 3.49 -9.55
CA VAL A 1469 -18.67 2.65 -8.69
C VAL A 1469 -19.86 3.45 -8.19
N LEU A 1470 -19.62 4.70 -7.79
CA LEU A 1470 -20.74 5.45 -7.25
C LEU A 1470 -21.82 5.60 -8.29
N GLU A 1471 -21.42 5.88 -9.53
CA GLU A 1471 -22.44 6.07 -10.56
C GLU A 1471 -23.32 4.84 -10.65
N VAL A 1472 -22.71 3.66 -10.75
CA VAL A 1472 -23.52 2.48 -10.99
C VAL A 1472 -24.45 2.24 -9.82
N TYR A 1473 -23.92 2.42 -8.60
CA TYR A 1473 -24.75 2.13 -7.44
C TYR A 1473 -25.92 3.08 -7.37
N GLU A 1474 -25.70 4.36 -7.69
CA GLU A 1474 -26.84 5.26 -7.62
C GLU A 1474 -27.86 4.90 -8.70
N ASP A 1475 -27.38 4.46 -9.86
CA ASP A 1475 -28.32 3.97 -10.88
C ASP A 1475 -29.12 2.80 -10.33
N SER A 1476 -28.46 1.92 -9.59
CA SER A 1476 -29.17 0.76 -9.04
C SER A 1476 -30.20 1.21 -8.00
N LYS A 1477 -29.88 2.21 -7.20
CA LYS A 1477 -30.71 2.52 -6.02
C LYS A 1477 -31.70 3.66 -6.22
N GLU A 1478 -31.33 4.71 -6.95
CA GLU A 1478 -32.20 5.87 -7.13
C GLU A 1478 -32.60 6.09 -8.58
N GLY A 1479 -32.29 5.15 -9.48
CA GLY A 1479 -32.64 5.33 -10.88
C GLY A 1479 -33.02 4.03 -11.55
N LEU A 1480 -32.65 3.88 -12.80
CA LEU A 1480 -32.90 2.67 -13.56
C LEU A 1480 -31.60 2.16 -14.14
N THR A 1481 -31.47 0.84 -14.21
CA THR A 1481 -30.30 0.17 -14.74
C THR A 1481 -30.66 -0.58 -16.01
N ASP A 1482 -29.63 -0.97 -16.76
CA ASP A 1482 -29.89 -1.68 -18.00
C ASP A 1482 -30.74 -2.93 -17.75
N ASP A 1483 -30.57 -3.56 -16.60
CA ASP A 1483 -31.37 -4.75 -16.30
C ASP A 1483 -32.85 -4.41 -16.16
N ASP A 1484 -33.18 -3.21 -15.69
CA ASP A 1484 -34.58 -2.80 -15.63
C ASP A 1484 -35.19 -2.78 -17.01
N TYR A 1485 -34.47 -2.19 -17.98
CA TYR A 1485 -34.94 -2.17 -19.35
C TYR A 1485 -34.99 -3.58 -19.94
N ASP A 1486 -34.02 -4.41 -19.59
CA ASP A 1486 -34.02 -5.79 -20.05
C ASP A 1486 -35.25 -6.55 -19.55
N MET A 1487 -35.59 -6.36 -18.28
CA MET A 1487 -36.80 -6.98 -17.75
C MET A 1487 -38.05 -6.44 -18.43
N PHE A 1488 -38.10 -5.12 -18.68
CA PHE A 1488 -39.26 -4.57 -19.38
C PHE A 1488 -39.43 -5.20 -20.76
N PHE A 1489 -38.33 -5.35 -21.50
CA PHE A 1489 -38.39 -5.95 -22.83
C PHE A 1489 -38.47 -7.46 -22.80
N GLU A 1490 -38.29 -8.09 -21.64
CA GLU A 1490 -38.59 -9.52 -21.53
C GLU A 1490 -40.08 -9.78 -21.73
N VAL A 1491 -40.93 -8.94 -21.14
CA VAL A 1491 -42.37 -9.09 -21.32
C VAL A 1491 -42.78 -8.72 -22.74
N TRP A 1492 -42.24 -7.62 -23.25
CA TRP A 1492 -42.60 -7.10 -24.56
C TRP A 1492 -42.30 -8.13 -25.65
C1 NAG B . 18.76 -27.34 -14.66
C2 NAG B . 19.82 -28.19 -13.92
C3 NAG B . 19.25 -29.55 -13.51
C4 NAG B . 17.96 -29.36 -12.73
C5 NAG B . 16.97 -28.47 -13.50
C6 NAG B . 15.76 -28.10 -12.68
C7 NAG B . 21.11 -29.11 -15.82
C8 NAG B . 22.44 -29.15 -16.48
N2 NAG B . 21.03 -28.36 -14.72
O3 NAG B . 20.19 -30.17 -12.63
O4 NAG B . 17.36 -30.63 -12.49
O5 NAG B . 17.58 -27.24 -13.88
O6 NAG B . 16.03 -26.98 -11.85
O7 NAG B . 20.14 -29.72 -16.25
C1 NAG B . 20.83 -31.47 -12.95
C2 NAG B . 19.83 -32.65 -12.92
C3 NAG B . 20.56 -33.95 -13.23
C4 NAG B . 21.31 -33.85 -14.55
C5 NAG B . 22.26 -32.66 -14.53
C6 NAG B . 22.99 -32.45 -15.83
C7 NAG B . 18.13 -33.54 -11.40
C8 NAG B . 17.58 -33.51 -10.00
N2 NAG B . 19.16 -32.74 -11.63
O3 NAG B . 19.64 -35.06 -13.24
O4 NAG B . 22.05 -35.04 -14.79
O5 NAG B . 21.54 -31.45 -14.24
O6 NAG B . 24.28 -31.90 -15.60
O7 NAG B . 17.64 -34.25 -12.27
C1 BMA B . 20.16 -36.38 -12.92
C2 BMA B . 21.52 -36.40 -12.14
C3 BMA B . 21.92 -37.84 -11.90
C4 BMA B . 20.84 -38.54 -11.06
C5 BMA B . 19.53 -38.51 -11.89
C6 BMA B . 18.36 -39.18 -11.20
O2 BMA B . 21.40 -35.79 -10.90
O3 BMA B . 23.20 -37.97 -11.30
O4 BMA B . 21.22 -39.89 -10.76
O5 BMA B . 19.20 -37.10 -12.12
O6 BMA B . 18.72 -40.48 -10.78
C1 BMA B . 24.10 -38.29 -12.38
C2 BMA B . 25.55 -38.01 -11.93
C3 BMA B . 26.49 -38.44 -13.05
C4 BMA B . 26.25 -39.91 -13.41
C5 BMA B . 24.77 -40.09 -13.82
C6 BMA B . 24.39 -41.52 -14.10
O2 BMA B . 25.89 -38.76 -10.78
O3 BMA B . 27.85 -38.28 -12.67
O4 BMA B . 27.10 -40.31 -14.47
O5 BMA B . 23.94 -39.65 -12.73
O6 BMA B . 25.59 -42.27 -14.28
C1 BMA B . 17.51 -41.22 -10.49
C2 BMA B . 17.14 -42.08 -11.71
C3 BMA B . 15.86 -42.84 -11.40
C4 BMA B . 16.04 -43.66 -10.11
C5 BMA B . 16.42 -42.71 -8.96
C6 BMA B . 16.61 -43.45 -7.64
O2 BMA B . 18.15 -43.04 -11.99
O3 BMA B . 15.48 -43.70 -12.46
O4 BMA B . 14.83 -44.33 -9.79
O5 BMA B . 17.64 -42.02 -9.30
O6 BMA B . 15.33 -43.62 -7.04
C1 NAG C . 32.81 -13.28 13.11
C2 NAG C . 33.64 -13.71 14.32
C3 NAG C . 34.47 -14.94 13.98
C4 NAG C . 33.58 -16.06 13.46
C5 NAG C . 32.74 -15.56 12.28
C6 NAG C . 31.73 -16.57 11.80
C7 NAG C . 34.42 -12.09 16.00
C8 NAG C . 35.38 -10.98 16.28
N2 NAG C . 34.50 -12.62 14.77
O3 NAG C . 35.17 -15.38 15.13
O4 NAG C . 34.36 -17.16 13.04
O5 NAG C . 32.00 -14.38 12.66
O6 NAG C . 30.77 -16.87 12.81
O7 NAG C . 33.60 -12.49 16.83
C1 NAG D . 26.56 -34.49 6.26
C2 NAG D . 26.17 -35.48 7.36
C3 NAG D . 27.07 -35.31 8.59
C4 NAG D . 28.54 -35.41 8.19
C5 NAG D . 28.83 -34.40 7.08
C6 NAG D . 30.24 -34.52 6.55
C7 NAG D . 23.84 -36.24 7.46
C8 NAG D . 22.45 -35.93 7.91
N2 NAG D . 24.77 -35.33 7.74
O3 NAG D . 26.75 -36.31 9.55
O4 NAG D . 29.36 -35.14 9.31
O5 NAG D . 27.96 -34.63 5.96
O6 NAG D . 30.51 -35.84 6.08
O7 NAG D . 24.11 -37.27 6.86
C1 NAG E . 23.32 -40.52 4.23
C2 NAG E . 22.13 -39.87 4.95
C3 NAG E . 22.36 -39.87 6.46
C4 NAG E . 22.66 -41.27 6.96
C5 NAG E . 23.83 -41.86 6.18
C6 NAG E . 24.13 -43.30 6.55
C7 NAG E . 20.97 -38.14 3.60
C8 NAG E . 20.05 -39.21 3.11
N2 NAG E . 21.92 -38.51 4.48
O3 NAG E . 21.21 -39.35 7.11
O4 NAG E . 22.98 -41.23 8.34
O5 NAG E . 23.55 -41.84 4.78
O6 NAG E . 24.96 -43.91 5.58
O7 NAG E . 20.85 -36.97 3.25
C24 PEE F . 4.02 15.29 2.79
C23 PEE F . 5.30 16.01 2.88
C22 PEE F . 6.28 15.50 3.90
C21 PEE F . 7.56 14.92 3.34
C20 PEE F . 8.64 15.91 3.10
C19 PEE F . 9.84 15.39 2.40
C18 PEE F . 10.94 14.87 3.28
C17 PEE F . 12.28 15.17 2.68
C16 PEE F . 13.36 14.26 3.15
C15 PEE F . 14.76 14.67 2.69
C14 PEE F . 15.48 15.64 3.58
C13 PEE F . 16.94 15.89 3.26
C12 PEE F . 17.96 15.16 4.08
C11 PEE F . 19.24 15.91 4.17
C10 PEE F . 20.36 15.25 4.96
O4 PEE F . 20.29 14.16 5.47
O2 PEE F . 21.39 16.12 4.93
C2 PEE F . 22.82 15.78 4.94
C1 PEE F . 23.27 14.75 5.97
O3P PEE F . 24.72 14.87 6.34
P PEE F . 25.50 13.78 7.28
O2P PEE F . 24.84 12.45 7.34
O1P PEE F . 26.99 13.86 7.06
O4P PEE F . 25.42 14.36 8.77
C4 PEE F . 25.97 13.56 9.84
C5 PEE F . 24.86 12.70 10.40
N PEE F . 25.25 12.02 11.63
C3 PEE F . 23.30 15.51 3.51
O3 PEE F . 22.82 16.53 2.59
C30 PEE F . 22.87 16.26 1.30
O5 PEE F . 23.62 15.43 0.84
C31 PEE F . 21.88 17.11 0.48
C32 PEE F . 20.65 16.40 -0.01
C33 PEE F . 19.68 17.30 -0.78
C34 PEE F . 19.21 16.77 -2.12
C35 PEE F . 17.94 17.37 -2.69
C36 PEE F . 16.64 16.74 -2.26
C37 PEE F . 15.45 17.16 -3.07
C38 PEE F . 14.24 16.30 -2.88
C39 PEE F . 13.32 16.31 -4.04
C40 PEE F . 11.89 16.31 -3.64
C41 PEE F . 10.97 16.42 -4.81
C23 PEE G . 3.58 19.03 -6.80
C22 PEE G . 3.07 18.11 -7.86
C21 PEE G . 3.87 16.85 -8.08
C20 PEE G . 3.11 15.73 -8.72
C19 PEE G . 2.71 15.96 -10.12
C18 PEE G . 3.08 14.87 -11.10
C17 PEE G . 1.99 14.61 -12.09
C16 PEE G . 1.74 15.73 -13.05
C15 PEE G . 2.44 15.61 -14.39
C14 PEE G . 1.73 14.79 -15.43
C13 PEE G . 1.97 15.20 -16.88
C12 PEE G . 0.81 15.86 -17.60
C11 PEE G . 1.23 17.09 -18.33
C10 PEE G . 0.21 17.72 -19.25
O4 PEE G . -0.42 17.15 -20.10
O2 PEE G . 0.19 19.03 -18.92
C2 PEE G . -0.04 20.15 -19.86
C1 PEE G . -1.47 20.41 -20.32
O3P PEE G . -1.64 19.97 -21.74
P PEE G . -2.64 20.68 -22.80
O2P PEE G . -2.17 20.55 -24.21
O1P PEE G . -3.06 22.05 -22.30
O4P PEE G . -4.02 19.90 -22.73
C4 PEE G . -4.18 18.68 -23.49
C5 PEE G . -4.23 17.53 -22.51
N PEE G . -4.43 16.25 -23.21
C3 PEE G . 0.65 21.40 -19.34
O3 PEE G . 2.08 21.17 -19.23
C30 PEE G . 2.86 21.42 -20.28
O5 PEE G . 2.47 21.94 -21.29
C31 PEE G . 4.29 20.94 -20.03
C32 PEE G . 4.41 19.90 -18.96
C33 PEE G . 5.77 19.21 -18.89
C34 PEE G . 5.73 17.75 -18.53
C35 PEE G . 7.03 17.14 -18.03
C36 PEE G . 6.95 15.77 -17.40
C37 PEE G . 6.31 15.70 -16.05
C38 PEE G . 6.00 14.33 -15.55
C39 PEE G . 7.18 13.41 -15.50
C40 PEE G . 8.19 13.72 -14.45
C41 PEE G . 9.38 12.84 -14.57
C42 PEE G . 10.55 13.27 -13.74
C43 PEE G . 11.82 12.57 -14.14
C44 PEE G . 12.97 12.72 -13.20
C45 PEE G . 13.96 11.58 -13.28
C46 PEE G . 15.25 11.82 -12.54
C47 PEE G . 15.07 12.32 -11.12
C27 PEE H . -8.76 -18.08 -21.42
C26 PEE H . -7.57 -17.65 -20.58
C25 PEE H . -7.93 -17.20 -19.21
C24 PEE H . -6.88 -16.50 -18.39
C23 PEE H . -5.48 -16.94 -18.57
C22 PEE H . -4.52 -16.48 -17.50
C21 PEE H . -3.12 -16.11 -17.93
C20 PEE H . -2.32 -15.38 -16.90
C19 PEE H . -0.85 -15.43 -17.05
C18 PEE H . -0.13 -14.26 -16.47
C17 PEE H . 1.33 -14.20 -16.78
C16 PEE H . 2.02 -15.50 -17.00
C15 PEE H . 3.53 -15.38 -17.05
C14 PEE H . 4.24 -16.56 -17.64
C13 PEE H . 5.60 -16.30 -18.24
C12 PEE H . 6.49 -17.51 -18.43
C11 PEE H . 7.50 -17.29 -19.49
C10 PEE H . 8.78 -18.09 -19.34
O4 PEE H . 9.06 -18.78 -18.40
O2 PEE H . 9.49 -17.85 -20.46
C2 PEE H . 10.91 -18.23 -20.67
C1 PEE H . 11.22 -19.69 -20.99
O3P PEE H . 12.03 -20.29 -19.91
P PEE H . 12.67 -21.79 -20.00
O2P PEE H . 13.76 -21.90 -21.04
O1P PEE H . 11.60 -22.84 -19.95
O4P PEE H . 13.43 -22.04 -18.61
C4 PEE H . 13.07 -23.21 -17.82
C5 PEE H . 14.24 -23.52 -16.91
N PEE H . 15.50 -23.53 -17.65
C3 PEE H . 11.57 -17.23 -21.62
O3 PEE H . 10.67 -16.89 -22.72
C30 PEE H . 10.99 -15.92 -23.56
O5 PEE H . 12.13 -15.66 -23.86
C31 PEE H . 9.74 -15.19 -24.05
C32 PEE H . 8.67 -15.06 -23.02
C33 PEE H . 7.41 -14.35 -23.48
C34 PEE H . 6.32 -14.28 -22.43
C35 PEE H . 4.90 -14.21 -22.90
C36 PEE H . 3.87 -14.86 -22.00
C37 PEE H . 2.45 -14.51 -22.31
C38 PEE H . 1.45 -15.56 -22.01
C20 PEE I . -10.55 -12.46 3.88
C19 PEE I . -9.88 -13.40 2.97
C18 PEE I . -9.04 -14.44 3.65
C17 PEE I . -7.66 -14.48 3.07
C16 PEE I . -6.67 -15.19 3.93
C15 PEE I . -6.87 -16.69 3.98
C14 PEE I . -5.63 -17.49 3.87
C13 PEE I . -5.76 -18.98 4.11
C12 PEE I . -4.56 -19.66 4.73
C11 PEE I . -4.54 -21.12 4.51
C10 PEE I . -3.17 -21.75 4.63
O4 PEE I . -2.14 -21.26 4.25
O2 PEE I . -3.35 -22.93 5.24
C2 PEE I . -3.32 -24.24 4.58
C1 PEE I . -2.21 -25.21 4.93
O3P PEE I . -2.44 -26.52 4.26
P PEE I . -1.47 -27.82 4.41
O2P PEE I . -2.23 -29.06 4.83
O1P PEE I . -0.50 -27.91 3.27
O4P PEE I . -0.49 -27.52 5.63
C4 PEE I . 0.39 -28.59 6.05
C5 PEE I . 1.67 -28.48 5.26
N PEE I . 2.80 -28.10 6.12
C3 PEE I . -4.71 -24.88 4.67
O3 PEE I . -5.20 -24.81 6.04
C30 PEE I . -4.79 -25.69 6.93
O5 PEE I . -4.20 -26.70 6.65
C31 PEE I . -5.17 -25.26 8.36
C32 PEE I . -5.50 -23.82 8.50
C33 PEE I . -6.94 -23.44 8.17
C34 PEE I . -7.14 -22.13 7.47
C35 PEE I . -8.23 -21.23 8.01
C36 PEE I . -8.38 -19.88 7.36
C37 PEE I . -9.33 -18.94 8.04
C38 PEE I . -9.20 -17.51 7.66
C39 PEE I . -10.48 -16.76 7.54
C40 PEE I . -10.86 -16.00 8.76
C41 PEE I . -10.56 -14.54 8.69
C42 PEE I . -11.78 -13.69 8.73
C43 PEE I . -11.52 -12.24 8.41
C44 PEE I . -12.64 -11.30 8.78
C27 PEE J . -9.91 -17.47 16.28
C26 PEE J . -9.70 -16.02 16.64
C25 PEE J . -10.62 -15.05 15.98
C24 PEE J . -10.55 -13.63 16.47
C23 PEE J . -11.77 -12.82 16.25
C22 PEE J . -12.07 -11.79 17.30
C21 PEE J . -13.08 -10.73 16.91
C20 PEE J . -13.17 -9.56 17.84
C19 PEE J . -14.22 -8.58 17.52
C18 PEE J . -14.16 -7.31 18.31
C17 PEE J . -15.36 -6.42 18.06
C16 PEE J . -16.49 -6.66 18.99
C15 PEE J . -17.76 -5.96 18.58
C14 PEE J . -18.96 -6.25 19.43
C13 PEE J . -20.28 -6.26 18.69
C12 PEE J . -21.52 -6.67 19.48
C11 PEE J . -22.47 -5.54 19.73
C10 PEE J . -23.77 -5.60 18.97
O4 PEE J . -24.44 -6.59 18.81
O2 PEE J . -24.00 -4.36 18.50
C2 PEE J . -24.99 -4.07 17.45
C1 PEE J . -25.79 -2.78 17.52
O3P PEE J . -26.86 -2.79 16.48
P PEE J . -27.83 -1.51 16.19
O2P PEE J . -27.98 -1.21 14.73
O1P PEE J . -29.04 -1.54 17.09
O4P PEE J . -27.05 -0.26 16.80
C4 PEE J . -27.78 0.99 16.95
C5 PEE J . -27.45 1.55 18.31
N PEE J . -28.61 1.46 19.21
C3 PEE J . -24.35 -4.30 16.09
O3 PEE J . -23.73 -3.08 15.59
C30 PEE J . -22.59 -2.68 16.11
O5 PEE J . -22.38 -2.61 17.29
C31 PEE J . -21.58 -2.31 15.01
C32 PEE J . -20.90 -3.47 14.36
C33 PEE J . -19.48 -3.73 14.87
C34 PEE J . -18.39 -3.00 14.12
C35 PEE J . -16.97 -3.33 14.51
CAA Y01 K . -0.38 -0.52 -19.65
CBA Y01 K . 1.03 -0.50 -20.17
CAB Y01 K . 1.07 0.02 -21.61
CAN Y01 K . 1.73 -1.88 -20.07
CAJ Y01 K . 3.20 -1.89 -20.38
CAO Y01 K . 3.80 -3.18 -20.87
CBB Y01 K . 4.75 -3.89 -19.90
CAC Y01 K . 4.06 -5.10 -19.27
CBE Y01 K . 6.08 -4.23 -20.59
CAP Y01 K . 6.83 -2.96 -21.05
CAQ Y01 K . 8.34 -3.24 -20.93
CBG Y01 K . 8.40 -4.73 -20.68
CBI Y01 K . 7.17 -5.02 -19.79
CAE Y01 K . 7.28 -4.41 -18.39
CAU Y01 K . 6.98 -6.53 -19.69
CAS Y01 K . 8.23 -7.21 -19.18
CBF Y01 K . 9.51 -6.80 -19.93
CBD Y01 K . 9.71 -5.29 -20.15
CAK Y01 K . 10.85 -5.10 -21.14
CAI Y01 K . 12.08 -5.83 -20.73
CAZ Y01 K . 12.05 -6.91 -19.99
CAV Y01 K . 13.28 -7.78 -19.77
CBH Y01 K . 10.78 -7.42 -19.31
CAD Y01 K . 10.93 -7.11 -17.82
CAT Y01 K . 10.60 -8.94 -19.50
CAR Y01 K . 11.82 -9.69 -19.03
CBC Y01 K . 12.94 -9.26 -19.89
OAW Y01 K . 13.96 -10.11 -19.36
CAY Y01 K . 15.14 -10.06 -19.90
OAG Y01 K . 15.82 -9.09 -19.93
CAM Y01 K . 15.50 -11.38 -20.45
CAL Y01 K . 16.97 -11.58 -20.54
CAX Y01 K . 17.56 -12.08 -19.25
OAH Y01 K . 16.90 -12.00 -18.21
OAF Y01 K . 18.71 -12.56 -19.30
C14 X7L L . -3.33 -32.15 -20.55
C11 X7L L . -5.92 -31.91 -19.61
C10 X7L L . -5.56 -33.00 -20.39
C12 X7L L . -4.97 -30.92 -19.30
C13 X7L L . -3.69 -31.05 -19.76
C01 X7L L . -4.67 -37.43 -20.43
C02 X7L L . -2.67 -38.32 -21.60
C03 X7L L . -4.00 -36.50 -22.73
C04 X7L L . -4.84 -37.47 -23.56
C05 X7L L . -5.85 -36.76 -24.48
C06 X7L L . -5.35 -35.39 -24.95
C07 X7L L . -5.05 -34.42 -23.80
C08 X7L L . -4.70 -35.12 -22.48
C09 X7L L . -4.26 -33.15 -20.89
C15 X7L L . -6.11 -27.87 -20.37
C16 X7L L . -6.61 -26.52 -22.03
C17 X7L L . -5.23 -26.62 -22.23
C18 X7L L . -4.58 -25.94 -23.26
C19 X7L L . -5.34 -25.15 -24.12
C20 X7L L . -5.20 -23.56 -25.89
C21 X7L L . -4.09 -22.83 -26.64
C22 X7L L . -3.01 -23.75 -27.21
C23 X7L L . -2.30 -22.88 -28.24
C24 X7L L . -3.31 -21.81 -28.65
C25 X7L L . -4.58 -22.08 -27.87
C26 X7L L . -6.71 -25.03 -23.95
C27 X7L L . -7.36 -25.71 -22.90
F01 X7L L . -2.75 -30.14 -19.50
N01 X7L L . -3.57 -37.14 -21.41
N02 X7L L . -3.84 -34.22 -21.66
N03 X7L L . -6.48 -28.67 -19.23
N04 X7L L . -7.10 -27.25 -20.96
O01 X7L L . -4.26 -28.72 -18.04
O02 X7L L . -6.17 -30.07 -17.17
O03 X7L L . -4.58 -24.54 -25.07
S01 X7L L . -5.43 -29.55 -18.31
S02 X7L L . -4.57 -27.66 -21.03
#